data_6BMH
#
_entry.id   6BMH
#
_cell.length_a   105.955
_cell.length_b   74.229
_cell.length_c   117.594
_cell.angle_alpha   90.00
_cell.angle_beta   102.94
_cell.angle_gamma   90.00
#
_symmetry.space_group_name_H-M   'P 1 21 1'
#
loop_
_entity.id
_entity.type
_entity.pdbx_description
1 polymer 'Antigen-presenting glycoprotein CD1d2'
2 polymer Beta-2-microglobulin
3 branched 2-acetamido-2-deoxy-beta-D-glucopyranose-(1-4)-2-acetamido-2-deoxy-beta-D-glucopyranose
4 non-polymer N-[(2S,3S,4R)-1-(alpha-D-galactopyranosyloxy)-3,4-dihydroxyoctadecan-2-yl]undecanamide
5 non-polymer 2-acetamido-2-deoxy-beta-D-glucopyranose
6 water water
#
loop_
_entity_poly.entity_id
_entity_poly.type
_entity_poly.pdbx_seq_one_letter_code
_entity_poly.pdbx_strand_id
1 'polypeptide(L)'
;QQKNYTFRCLQTSSFANISWSRTDSLILLGDLQTHRWSNDSAIISFTKPWSQGKLSNQQWEKLQHMFQVYRVSFTRDIQE
LVKMMSPKEDYPIEIQLSTGCEMYPGNASESFFHVAFQGKYAVRFRGTSWQRVLGAPSWLDLPIKVLNADQGTSATVQTL
LNDTWPQFARGLLEAGKSDLEKQEKPVAWLSSVPSSAHGHLQLVCHVSGFYPKPVWVMWMRGDQEQQGTHRGDFLPNADE
TWYLQATLDVEAGEEAGLACRVKHSSLGGQDIILYW
;
A,C,E,G
2 'polypeptide(L)'
;IQKTPQIQVYSRHPPENGKPNILNCYVTQFHPPHIEIQMLKNGKKIPKVEMSDMSFSKDWSFYILAHTEFTPTETDTYAC
RVKHASMAEPKTVYWDRDM
;
B,D,F,H
#
loop_
_chem_comp.id
_chem_comp.type
_chem_comp.name
_chem_comp.formula
F61 non-polymer N-[(2S,3S,4R)-1-(alpha-D-galactopyranosyloxy)-3,4-dihydroxyoctadecan-2-yl]undecanamide 'C35 H69 N O9'
NAG D-saccharide, beta linking 2-acetamido-2-deoxy-beta-D-glucopyranose 'C8 H15 N O6'
#
# COMPACT_ATOMS: atom_id res chain seq x y z
N ASN A 4 -25.98 -14.47 20.42
CA ASN A 4 -26.18 -15.47 21.45
C ASN A 4 -24.91 -16.30 21.67
N TYR A 5 -24.48 -16.44 22.93
CA TYR A 5 -23.32 -17.25 23.28
C TYR A 5 -23.71 -18.24 24.36
N THR A 6 -23.27 -19.50 24.20
CA THR A 6 -23.54 -20.55 25.16
C THR A 6 -22.34 -20.69 26.10
N PHE A 7 -22.54 -20.35 27.37
CA PHE A 7 -21.55 -20.59 28.42
C PHE A 7 -21.72 -22.02 28.92
N ARG A 8 -20.62 -22.76 29.01
CA ARG A 8 -20.71 -24.20 29.26
C ARG A 8 -19.50 -24.74 30.02
N CYS A 9 -19.78 -25.47 31.09
CA CYS A 9 -18.80 -26.31 31.77
CA CYS A 9 -18.79 -26.32 31.74
C CYS A 9 -19.01 -27.75 31.30
N LEU A 10 -18.03 -28.31 30.60
CA LEU A 10 -18.13 -29.65 30.02
C LEU A 10 -17.20 -30.57 30.78
N GLN A 11 -17.76 -31.56 31.46
CA GLN A 11 -17.00 -32.50 32.28
C GLN A 11 -17.10 -33.91 31.69
N THR A 12 -15.96 -34.58 31.59
CA THR A 12 -15.89 -35.97 31.15
C THR A 12 -15.29 -36.80 32.28
N SER A 13 -16.01 -37.84 32.70
CA SER A 13 -15.60 -38.64 33.85
C SER A 13 -15.60 -40.11 33.47
N SER A 14 -14.53 -40.80 33.82
CA SER A 14 -14.34 -42.21 33.45
C SER A 14 -13.96 -43.02 34.69
N PHE A 15 -14.78 -44.02 35.01
CA PHE A 15 -14.54 -44.93 36.13
C PHE A 15 -14.33 -46.32 35.55
N ALA A 16 -13.12 -46.86 35.71
CA ALA A 16 -12.73 -48.09 35.03
C ALA A 16 -12.75 -49.31 35.95
N ASN A 17 -11.95 -49.31 37.02
CA ASN A 17 -11.99 -50.35 38.04
C ASN A 17 -11.95 -49.66 39.40
N ILE A 18 -12.19 -50.45 40.46
CA ILE A 18 -12.49 -49.92 41.80
C ILE A 18 -11.49 -48.85 42.22
N SER A 19 -10.25 -48.94 41.76
CA SER A 19 -9.24 -47.95 42.11
C SER A 19 -9.25 -46.76 41.15
N TRP A 20 -9.58 -46.98 39.89
CA TRP A 20 -9.18 -46.10 38.79
C TRP A 20 -10.35 -45.24 38.33
N SER A 21 -10.21 -43.93 38.49
CA SER A 21 -11.13 -42.97 37.91
C SER A 21 -10.35 -41.73 37.48
N ARG A 22 -10.91 -40.98 36.55
CA ARG A 22 -10.39 -39.64 36.27
C ARG A 22 -11.53 -38.76 35.76
N THR A 23 -11.48 -37.49 36.14
CA THR A 23 -12.45 -36.49 35.71
C THR A 23 -11.69 -35.33 35.09
N ASP A 24 -12.03 -35.00 33.85
CA ASP A 24 -11.42 -33.88 33.14
C ASP A 24 -12.53 -32.95 32.67
N SER A 25 -12.26 -31.64 32.70
CA SER A 25 -13.29 -30.69 32.30
C SER A 25 -12.65 -29.44 31.71
N LEU A 26 -13.46 -28.69 30.98
CA LEU A 26 -13.10 -27.41 30.42
C LEU A 26 -14.34 -26.52 30.45
N ILE A 27 -14.13 -25.22 30.34
CA ILE A 27 -15.21 -24.26 30.24
C ILE A 27 -15.07 -23.52 28.92
N LEU A 28 -16.19 -23.31 28.23
CA LEU A 28 -16.20 -22.61 26.96
C LEU A 28 -17.26 -21.51 27.00
N LEU A 29 -16.95 -20.39 26.35
CA LEU A 29 -17.90 -19.33 26.09
C LEU A 29 -17.99 -19.17 24.58
N GLY A 30 -19.12 -19.56 24.01
CA GLY A 30 -19.19 -19.67 22.57
C GLY A 30 -18.27 -20.78 22.10
N ASP A 31 -17.38 -20.46 21.15
CA ASP A 31 -16.41 -21.43 20.65
C ASP A 31 -15.01 -21.19 21.21
N LEU A 32 -14.86 -20.36 22.24
CA LEU A 32 -13.58 -20.08 22.86
C LEU A 32 -13.50 -20.76 24.21
N GLN A 33 -12.38 -21.44 24.47
CA GLN A 33 -12.16 -22.08 25.76
C GLN A 33 -11.66 -21.06 26.77
N THR A 34 -12.26 -21.06 27.96
CA THR A 34 -11.90 -20.10 28.99
C THR A 34 -11.23 -20.73 30.20
N HIS A 35 -11.44 -22.02 30.48
CA HIS A 35 -10.87 -22.67 31.65
C HIS A 35 -10.51 -24.11 31.33
N ARG A 36 -9.59 -24.65 32.13
CA ARG A 36 -9.12 -26.03 31.99
C ARG A 36 -9.02 -26.65 33.38
N TRP A 37 -9.44 -27.92 33.50
CA TRP A 37 -9.24 -28.65 34.77
C TRP A 37 -8.95 -30.11 34.44
N SER A 38 -7.67 -30.43 34.30
CA SER A 38 -7.24 -31.81 34.18
C SER A 38 -7.39 -32.51 35.53
N ASN A 39 -7.59 -33.83 35.48
CA ASN A 39 -7.56 -34.63 36.70
C ASN A 39 -6.20 -34.51 37.40
N ASP A 40 -5.14 -34.15 36.65
CA ASP A 40 -3.80 -34.08 37.23
C ASP A 40 -3.61 -32.86 38.09
N SER A 41 -4.37 -31.79 37.84
CA SER A 41 -4.25 -30.56 38.59
C SER A 41 -5.25 -30.52 39.74
N ALA A 42 -4.89 -29.81 40.79
CA ALA A 42 -5.77 -29.62 41.94
C ALA A 42 -6.67 -28.39 41.79
N ILE A 43 -6.43 -27.55 40.79
CA ILE A 43 -7.03 -26.22 40.77
C ILE A 43 -7.31 -25.81 39.32
N ILE A 44 -8.35 -25.00 39.14
CA ILE A 44 -8.82 -24.60 37.81
C ILE A 44 -7.87 -23.59 37.19
N SER A 45 -7.50 -23.81 35.93
CA SER A 45 -6.63 -22.91 35.19
C SER A 45 -7.44 -21.97 34.31
N PHE A 46 -6.85 -20.80 34.04
CA PHE A 46 -7.33 -19.90 33.00
C PHE A 46 -6.67 -20.24 31.67
N THR A 47 -7.44 -20.18 30.59
CA THR A 47 -6.87 -20.29 29.25
C THR A 47 -7.01 -19.00 28.45
N LYS A 48 -7.63 -17.97 29.02
CA LYS A 48 -7.70 -16.65 28.42
C LYS A 48 -7.30 -15.62 29.46
N PRO A 49 -6.77 -14.46 29.03
CA PRO A 49 -6.48 -13.41 30.01
C PRO A 49 -7.69 -12.95 30.79
N TRP A 50 -8.87 -12.97 30.18
CA TRP A 50 -10.10 -12.47 30.77
C TRP A 50 -10.91 -13.55 31.47
N SER A 51 -10.34 -14.74 31.67
CA SER A 51 -11.11 -15.88 32.16
C SER A 51 -11.65 -15.68 33.58
N GLN A 52 -11.16 -14.69 34.32
CA GLN A 52 -11.80 -14.38 35.58
C GLN A 52 -13.07 -13.57 35.42
N GLY A 53 -13.36 -13.10 34.20
CA GLY A 53 -14.55 -12.28 34.01
C GLY A 53 -14.48 -11.03 34.85
N LYS A 54 -15.53 -10.79 35.63
CA LYS A 54 -15.60 -9.64 36.53
C LYS A 54 -15.51 -9.98 38.00
N LEU A 55 -15.41 -11.27 38.34
CA LEU A 55 -15.26 -11.61 39.75
C LEU A 55 -13.98 -11.01 40.30
N SER A 56 -14.07 -10.48 41.52
CA SER A 56 -12.86 -10.19 42.26
C SER A 56 -12.18 -11.50 42.65
N ASN A 57 -10.95 -11.38 43.16
CA ASN A 57 -10.21 -12.58 43.54
C ASN A 57 -10.96 -13.40 44.58
N GLN A 58 -11.54 -12.73 45.57
CA GLN A 58 -12.18 -13.44 46.68
C GLN A 58 -13.31 -14.34 46.19
N GLN A 59 -14.14 -13.84 45.27
CA GLN A 59 -15.29 -14.60 44.78
C GLN A 59 -14.88 -15.73 43.85
N TRP A 60 -13.89 -15.49 42.98
CA TRP A 60 -13.38 -16.56 42.13
C TRP A 60 -12.79 -17.68 42.97
N GLU A 61 -12.04 -17.34 44.03
CA GLU A 61 -11.50 -18.37 44.90
C GLU A 61 -12.61 -19.16 45.57
N LYS A 62 -13.73 -18.51 45.88
CA LYS A 62 -14.86 -19.24 46.45
C LYS A 62 -15.44 -20.23 45.45
N LEU A 63 -15.70 -19.77 44.22
CA LEU A 63 -16.15 -20.66 43.16
C LEU A 63 -15.12 -21.77 42.93
N GLN A 64 -13.85 -21.43 43.01
CA GLN A 64 -12.78 -22.37 42.70
C GLN A 64 -12.71 -23.48 43.75
N HIS A 65 -12.79 -23.13 45.03
CA HIS A 65 -12.82 -24.15 46.08
C HIS A 65 -14.08 -24.99 46.00
N MET A 66 -15.20 -24.38 45.62
CA MET A 66 -16.43 -25.13 45.39
C MET A 66 -16.21 -26.25 44.37
N PHE A 67 -15.49 -25.95 43.27
CA PHE A 67 -15.16 -26.99 42.31
C PHE A 67 -14.33 -28.09 42.95
N GLN A 68 -13.37 -27.71 43.79
CA GLN A 68 -12.45 -28.71 44.36
C GLN A 68 -13.17 -29.74 45.23
N VAL A 69 -14.02 -29.28 46.13
CA VAL A 69 -14.79 -30.21 46.96
C VAL A 69 -15.67 -31.10 46.10
N TYR A 70 -16.38 -30.49 45.14
CA TYR A 70 -17.29 -31.23 44.27
C TYR A 70 -16.60 -32.40 43.57
N ARG A 71 -15.39 -32.19 43.04
CA ARG A 71 -14.76 -33.23 42.23
C ARG A 71 -14.48 -34.49 43.06
N VAL A 72 -14.05 -34.31 44.31
CA VAL A 72 -13.85 -35.47 45.17
C VAL A 72 -15.19 -36.03 45.65
N SER A 73 -16.14 -35.15 45.98
CA SER A 73 -17.47 -35.60 46.36
C SER A 73 -18.15 -36.35 45.22
N PHE A 74 -18.09 -35.78 44.01
CA PHE A 74 -18.70 -36.42 42.85
C PHE A 74 -18.14 -37.81 42.62
N THR A 75 -16.82 -37.98 42.77
CA THR A 75 -16.21 -39.25 42.41
C THR A 75 -16.66 -40.39 43.33
N ARG A 76 -16.63 -40.13 44.63
CA ARG A 76 -17.06 -41.17 45.55
C ARG A 76 -18.56 -41.37 45.52
N ASP A 77 -19.33 -40.35 45.19
CA ASP A 77 -20.76 -40.52 45.12
C ASP A 77 -21.18 -41.48 44.04
N ILE A 78 -20.67 -41.29 42.85
CA ILE A 78 -21.04 -42.13 41.75
C ILE A 78 -20.72 -43.55 42.05
N GLN A 79 -19.57 -43.80 42.60
CA GLN A 79 -19.19 -45.19 42.87
C GLN A 79 -20.05 -45.80 43.97
N GLU A 80 -20.33 -45.04 45.02
CA GLU A 80 -21.27 -45.52 46.04
C GLU A 80 -22.66 -45.75 45.44
N LEU A 81 -23.18 -44.77 44.70
CA LEU A 81 -24.50 -44.93 44.08
C LEU A 81 -24.56 -46.15 43.18
N VAL A 82 -23.57 -46.29 42.29
CA VAL A 82 -23.59 -47.39 41.33
C VAL A 82 -23.35 -48.72 42.01
N LYS A 83 -22.43 -48.77 42.99
CA LYS A 83 -22.20 -50.02 43.71
C LYS A 83 -23.47 -50.51 44.40
N MET A 84 -24.25 -49.57 44.95
CA MET A 84 -25.41 -49.95 45.75
C MET A 84 -26.62 -50.30 44.89
N MET A 85 -26.84 -49.58 43.78
CA MET A 85 -28.12 -49.65 43.08
C MET A 85 -28.04 -50.09 41.62
N SER A 86 -26.88 -50.04 40.98
CA SER A 86 -26.80 -50.47 39.59
C SER A 86 -27.14 -51.95 39.51
N PRO A 87 -28.19 -52.34 38.78
CA PRO A 87 -28.49 -53.77 38.62
C PRO A 87 -27.41 -54.53 37.85
N LYS A 88 -26.47 -53.81 37.21
CA LYS A 88 -25.33 -54.41 36.51
C LYS A 88 -24.04 -54.11 37.28
N GLU A 89 -22.93 -54.67 36.77
CA GLU A 89 -21.63 -54.44 37.38
C GLU A 89 -21.33 -52.95 37.48
N ASP A 90 -20.61 -52.56 38.53
CA ASP A 90 -20.42 -51.15 38.84
C ASP A 90 -19.23 -50.51 38.12
N TYR A 91 -18.65 -51.22 37.15
CA TYR A 91 -17.59 -50.70 36.27
C TYR A 91 -17.75 -51.35 34.88
N PRO A 92 -17.41 -50.63 33.79
CA PRO A 92 -16.92 -49.25 33.64
C PRO A 92 -18.05 -48.23 33.58
N ILE A 93 -17.78 -47.02 34.05
CA ILE A 93 -18.77 -45.94 34.08
C ILE A 93 -18.22 -44.76 33.29
N GLU A 94 -18.97 -44.34 32.27
CA GLU A 94 -18.65 -43.14 31.52
C GLU A 94 -19.74 -42.12 31.78
N ILE A 95 -19.34 -40.95 32.26
CA ILE A 95 -20.27 -39.86 32.55
C ILE A 95 -19.79 -38.61 31.83
N GLN A 96 -20.70 -37.96 31.11
CA GLN A 96 -20.47 -36.64 30.54
C GLN A 96 -21.47 -35.68 31.17
N LEU A 97 -21.03 -34.45 31.40
CA LEU A 97 -21.81 -33.51 32.17
C LEU A 97 -21.67 -32.13 31.54
N SER A 98 -22.81 -31.46 31.35
CA SER A 98 -22.84 -30.15 30.71
C SER A 98 -23.77 -29.25 31.49
N THR A 99 -23.22 -28.20 32.09
CA THR A 99 -24.02 -27.22 32.82
C THR A 99 -23.52 -25.81 32.50
N GLY A 100 -24.47 -24.89 32.38
CA GLY A 100 -24.13 -23.52 32.02
C GLY A 100 -25.38 -22.72 31.77
N CYS A 101 -25.30 -21.79 30.82
CA CYS A 101 -26.47 -21.02 30.44
C CYS A 101 -26.25 -20.41 29.06
N GLU A 102 -27.33 -20.33 28.30
N GLU A 102 -27.33 -20.33 28.30
CA GLU A 102 -27.33 -19.67 27.00
CA GLU A 102 -27.32 -19.68 27.00
C GLU A 102 -27.59 -18.18 27.20
C GLU A 102 -27.59 -18.18 27.19
N MET A 103 -26.71 -17.35 26.65
CA MET A 103 -26.79 -15.90 26.80
C MET A 103 -27.62 -15.30 25.67
N TYR A 104 -28.73 -14.61 26.03
CA TYR A 104 -29.54 -13.88 25.06
C TYR A 104 -29.31 -12.39 25.18
N PRO A 105 -29.25 -11.65 24.06
CA PRO A 105 -28.99 -10.21 24.14
C PRO A 105 -30.03 -9.51 25.01
N GLY A 106 -29.56 -8.58 25.83
CA GLY A 106 -30.46 -7.89 26.73
C GLY A 106 -30.68 -8.60 28.05
N ASN A 107 -29.63 -9.18 28.62
CA ASN A 107 -29.65 -9.60 30.03
C ASN A 107 -30.66 -10.72 30.30
N ALA A 108 -30.92 -11.57 29.31
CA ALA A 108 -31.80 -12.71 29.46
C ALA A 108 -30.98 -13.99 29.28
N SER A 109 -31.14 -14.92 30.22
CA SER A 109 -30.37 -16.16 30.24
C SER A 109 -31.29 -17.36 30.42
N GLU A 110 -30.74 -18.55 30.16
CA GLU A 110 -31.47 -19.81 30.33
C GLU A 110 -30.45 -20.86 30.72
N SER A 111 -30.54 -21.35 31.95
CA SER A 111 -29.54 -22.25 32.53
C SER A 111 -29.90 -23.71 32.28
N PHE A 112 -28.90 -24.57 32.39
CA PHE A 112 -29.11 -26.01 32.19
C PHE A 112 -28.07 -26.79 32.98
N PHE A 113 -28.38 -28.06 33.21
CA PHE A 113 -27.49 -29.02 33.86
C PHE A 113 -27.89 -30.40 33.31
N HIS A 114 -27.13 -30.90 32.34
CA HIS A 114 -27.43 -32.16 31.67
C HIS A 114 -26.35 -33.19 31.96
N VAL A 115 -26.76 -34.44 32.08
CA VAL A 115 -25.87 -35.54 32.43
C VAL A 115 -26.10 -36.68 31.45
N ALA A 116 -25.00 -37.16 30.85
CA ALA A 116 -25.04 -38.35 30.01
C ALA A 116 -24.43 -39.52 30.75
N PHE A 117 -25.08 -40.68 30.65
CA PHE A 117 -24.64 -41.90 31.33
C PHE A 117 -24.38 -42.96 30.29
N GLN A 118 -23.15 -43.47 30.24
CA GLN A 118 -22.71 -44.39 29.19
C GLN A 118 -23.01 -43.84 27.81
N GLY A 119 -22.59 -42.59 27.60
CA GLY A 119 -22.71 -41.94 26.31
C GLY A 119 -24.10 -41.53 25.90
N LYS A 120 -25.05 -41.42 26.83
CA LYS A 120 -26.42 -41.13 26.43
C LYS A 120 -27.11 -40.25 27.46
N TYR A 121 -27.81 -39.23 26.97
CA TYR A 121 -28.55 -38.28 27.79
C TYR A 121 -29.42 -39.01 28.80
N ALA A 122 -29.21 -38.74 30.09
CA ALA A 122 -29.86 -39.54 31.12
C ALA A 122 -30.53 -38.72 32.23
N VAL A 123 -29.92 -37.62 32.67
CA VAL A 123 -30.45 -36.83 33.78
C VAL A 123 -30.41 -35.35 33.45
N ARG A 124 -31.35 -34.61 34.04
CA ARG A 124 -31.42 -33.16 33.98
C ARG A 124 -31.76 -32.63 35.36
N PHE A 125 -31.45 -31.35 35.60
CA PHE A 125 -31.82 -30.67 36.84
C PHE A 125 -32.72 -29.49 36.51
N ARG A 126 -33.94 -29.51 37.02
CA ARG A 126 -34.91 -28.43 36.83
C ARG A 126 -35.58 -28.12 38.16
N GLY A 127 -35.76 -26.82 38.43
CA GLY A 127 -36.41 -26.38 39.64
C GLY A 127 -35.58 -26.64 40.87
N THR A 128 -35.89 -27.73 41.58
CA THR A 128 -35.17 -28.11 42.78
C THR A 128 -34.63 -29.53 42.75
N SER A 129 -34.80 -30.27 41.67
CA SER A 129 -34.54 -31.70 41.71
C SER A 129 -33.90 -32.21 40.41
N TRP A 130 -33.18 -33.33 40.55
CA TRP A 130 -32.76 -34.11 39.40
C TRP A 130 -33.94 -34.89 38.85
N GLN A 131 -34.00 -35.03 37.53
CA GLN A 131 -35.05 -35.79 36.88
C GLN A 131 -34.45 -36.65 35.77
N ARG A 132 -34.87 -37.91 35.71
CA ARG A 132 -34.48 -38.78 34.62
C ARG A 132 -35.14 -38.32 33.33
N VAL A 133 -34.44 -38.49 32.21
CA VAL A 133 -34.97 -38.09 30.92
C VAL A 133 -35.44 -39.31 30.16
N LEU A 134 -36.28 -39.07 29.16
CA LEU A 134 -36.83 -40.11 28.32
C LEU A 134 -35.73 -40.98 27.72
N GLY A 135 -35.88 -42.30 27.88
CA GLY A 135 -34.94 -43.25 27.33
C GLY A 135 -33.86 -43.70 28.27
N ALA A 136 -33.67 -43.04 29.40
CA ALA A 136 -32.60 -43.44 30.30
C ALA A 136 -32.99 -44.68 31.10
N PRO A 137 -32.01 -45.51 31.46
CA PRO A 137 -32.31 -46.75 32.18
C PRO A 137 -33.14 -46.50 33.43
N SER A 138 -34.27 -47.23 33.54
CA SER A 138 -35.25 -46.96 34.59
C SER A 138 -34.64 -47.08 35.99
N TRP A 139 -33.63 -47.93 36.16
CA TRP A 139 -33.05 -48.11 37.49
C TRP A 139 -32.39 -46.84 38.01
N LEU A 140 -32.03 -45.90 37.13
CA LEU A 140 -31.51 -44.62 37.58
C LEU A 140 -32.50 -43.86 38.47
N ASP A 141 -33.78 -44.26 38.48
CA ASP A 141 -34.74 -43.62 39.36
C ASP A 141 -34.29 -43.65 40.82
N LEU A 142 -33.64 -44.75 41.23
CA LEU A 142 -33.27 -44.92 42.62
C LEU A 142 -32.09 -44.02 43.02
N PRO A 143 -30.97 -44.00 42.29
CA PRO A 143 -29.92 -43.03 42.63
C PRO A 143 -30.40 -41.59 42.51
N ILE A 144 -31.31 -41.31 41.59
CA ILE A 144 -31.86 -39.96 41.47
C ILE A 144 -32.61 -39.57 42.74
N LYS A 145 -33.43 -40.48 43.27
CA LYS A 145 -34.16 -40.19 44.51
C LYS A 145 -33.19 -39.96 45.67
N VAL A 146 -32.11 -40.74 45.73
CA VAL A 146 -31.13 -40.57 46.80
C VAL A 146 -30.43 -39.23 46.69
N LEU A 147 -30.09 -38.81 45.46
CA LEU A 147 -29.49 -37.49 45.29
C LEU A 147 -30.46 -36.37 45.63
N ASN A 148 -31.76 -36.57 45.36
CA ASN A 148 -32.73 -35.51 45.63
C ASN A 148 -33.00 -35.31 47.11
N ALA A 149 -32.65 -36.27 47.96
CA ALA A 149 -32.79 -36.10 49.40
C ALA A 149 -31.70 -35.23 50.00
N ASP A 150 -30.72 -34.81 49.21
CA ASP A 150 -29.63 -33.94 49.66
C ASP A 150 -29.97 -32.50 49.25
N GLN A 151 -30.72 -31.81 50.10
CA GLN A 151 -31.14 -30.45 49.78
C GLN A 151 -29.98 -29.46 49.89
N GLY A 152 -28.96 -29.77 50.68
CA GLY A 152 -27.75 -28.96 50.68
C GLY A 152 -27.08 -28.93 49.31
N THR A 153 -27.00 -30.08 48.65
CA THR A 153 -26.50 -30.11 47.28
C THR A 153 -27.51 -29.52 46.31
N SER A 154 -28.79 -29.86 46.49
CA SER A 154 -29.83 -29.29 45.63
C SER A 154 -29.80 -27.78 45.65
N ALA A 155 -29.63 -27.18 46.84
CA ALA A 155 -29.63 -25.73 46.96
C ALA A 155 -28.41 -25.11 46.28
N THR A 156 -27.25 -25.76 46.40
CA THR A 156 -26.06 -25.29 45.71
C THR A 156 -26.27 -25.28 44.19
N VAL A 157 -26.82 -26.35 43.65
CA VAL A 157 -27.08 -26.43 42.21
C VAL A 157 -28.09 -25.37 41.79
N GLN A 158 -29.11 -25.14 42.63
CA GLN A 158 -30.07 -24.07 42.36
C GLN A 158 -29.37 -22.73 42.27
N THR A 159 -28.46 -22.45 43.21
CA THR A 159 -27.72 -21.20 43.18
C THR A 159 -26.86 -21.11 41.92
N LEU A 160 -26.26 -22.23 41.52
CA LEU A 160 -25.47 -22.26 40.28
C LEU A 160 -26.31 -21.87 39.09
N LEU A 161 -27.48 -22.49 38.95
CA LEU A 161 -28.28 -22.31 37.75
C LEU A 161 -29.01 -20.98 37.76
N ASN A 162 -29.38 -20.49 38.95
CA ASN A 162 -30.13 -19.25 39.03
C ASN A 162 -29.21 -18.03 39.10
N ASP A 163 -28.02 -18.16 39.69
CA ASP A 163 -27.21 -16.99 39.96
C ASP A 163 -25.79 -17.08 39.41
N THR A 164 -25.05 -18.13 39.79
CA THR A 164 -23.63 -18.18 39.48
C THR A 164 -23.38 -18.18 37.97
N TRP A 165 -23.94 -19.15 37.24
CA TRP A 165 -23.71 -19.20 35.80
C TRP A 165 -24.17 -17.95 35.07
N PRO A 166 -25.39 -17.44 35.26
CA PRO A 166 -25.77 -16.22 34.53
C PRO A 166 -24.89 -15.03 34.85
N GLN A 167 -24.59 -14.80 36.13
CA GLN A 167 -23.86 -13.61 36.53
C GLN A 167 -22.38 -13.72 36.18
N PHE A 168 -21.78 -14.89 36.40
CA PHE A 168 -20.38 -15.08 36.02
C PHE A 168 -20.20 -15.00 34.51
N ALA A 169 -21.12 -15.59 33.74
CA ALA A 169 -20.97 -15.61 32.30
C ALA A 169 -21.22 -14.24 31.69
N ARG A 170 -22.09 -13.43 32.30
CA ARG A 170 -22.28 -12.06 31.80
C ARG A 170 -21.00 -11.25 31.96
N GLY A 171 -20.29 -11.44 33.08
CA GLY A 171 -19.00 -10.79 33.26
C GLY A 171 -17.92 -11.34 32.37
N LEU A 172 -17.93 -12.65 32.12
CA LEU A 172 -17.03 -13.23 31.13
C LEU A 172 -17.30 -12.64 29.74
N LEU A 173 -18.59 -12.58 29.36
CA LEU A 173 -18.94 -12.10 28.03
C LEU A 173 -18.48 -10.67 27.81
N GLU A 174 -18.53 -9.84 28.85
CA GLU A 174 -18.11 -8.46 28.65
C GLU A 174 -16.60 -8.30 28.80
N ALA A 175 -15.96 -9.13 29.62
CA ALA A 175 -14.49 -9.09 29.71
C ALA A 175 -13.83 -9.70 28.48
N GLY A 176 -14.55 -10.51 27.72
CA GLY A 176 -13.99 -11.13 26.52
C GLY A 176 -14.71 -10.70 25.26
N LYS A 177 -15.41 -9.56 25.33
CA LYS A 177 -16.11 -9.05 24.16
C LYS A 177 -15.17 -8.78 23.00
N SER A 178 -14.00 -8.19 23.31
CA SER A 178 -13.04 -7.89 22.26
C SER A 178 -12.51 -9.16 21.59
N ASP A 179 -12.23 -10.19 22.38
CA ASP A 179 -11.79 -11.46 21.81
C ASP A 179 -12.90 -12.10 20.99
N LEU A 180 -14.12 -12.14 21.53
CA LEU A 180 -15.25 -12.74 20.84
C LEU A 180 -15.61 -12.02 19.55
N GLU A 181 -15.17 -10.77 19.38
CA GLU A 181 -15.51 -9.96 18.23
C GLU A 181 -14.32 -9.61 17.36
N LYS A 182 -13.14 -10.16 17.66
CA LYS A 182 -12.01 -9.98 16.77
C LYS A 182 -12.33 -10.57 15.39
N GLN A 183 -11.71 -10.00 14.35
CA GLN A 183 -11.91 -10.45 12.99
C GLN A 183 -10.59 -10.95 12.44
N GLU A 184 -10.53 -12.24 12.14
CA GLU A 184 -9.43 -12.83 11.39
C GLU A 184 -9.93 -13.24 10.02
N LYS A 185 -9.13 -12.97 9.00
CA LYS A 185 -9.56 -13.13 7.61
C LYS A 185 -9.39 -14.58 7.15
N PRO A 186 -10.30 -15.06 6.33
CA PRO A 186 -10.08 -16.35 5.66
C PRO A 186 -8.96 -16.24 4.63
N VAL A 187 -8.40 -17.40 4.31
CA VAL A 187 -7.43 -17.55 3.22
C VAL A 187 -7.84 -18.77 2.43
N ALA A 188 -8.06 -18.61 1.13
CA ALA A 188 -8.63 -19.64 0.29
C ALA A 188 -7.58 -20.21 -0.66
N TRP A 189 -7.71 -21.51 -0.94
CA TRP A 189 -6.91 -22.14 -1.98
C TRP A 189 -7.73 -23.28 -2.57
N LEU A 190 -7.34 -23.68 -3.78
CA LEU A 190 -8.15 -24.59 -4.60
C LEU A 190 -7.37 -25.85 -4.93
N SER A 191 -8.12 -26.93 -5.11
CA SER A 191 -7.57 -28.22 -5.55
C SER A 191 -8.70 -28.99 -6.21
N SER A 192 -8.32 -30.07 -6.88
CA SER A 192 -9.31 -30.95 -7.50
C SER A 192 -8.85 -32.39 -7.32
N VAL A 193 -9.83 -33.29 -7.27
CA VAL A 193 -9.57 -34.72 -7.12
C VAL A 193 -10.34 -35.45 -8.22
N PRO A 194 -9.80 -36.53 -8.76
CA PRO A 194 -10.52 -37.25 -9.81
C PRO A 194 -11.73 -37.97 -9.22
N SER A 195 -12.65 -38.32 -10.10
CA SER A 195 -13.71 -39.25 -9.75
C SER A 195 -13.36 -40.62 -10.32
N SER A 196 -13.95 -41.66 -9.72
CA SER A 196 -13.80 -43.00 -10.28
C SER A 196 -14.25 -43.04 -11.73
N ALA A 197 -15.28 -42.26 -12.07
CA ALA A 197 -15.75 -42.14 -13.44
C ALA A 197 -14.87 -41.18 -14.24
N HIS A 198 -14.88 -41.36 -15.55
CA HIS A 198 -14.11 -40.50 -16.43
C HIS A 198 -14.87 -39.23 -16.76
N GLY A 199 -14.13 -38.16 -17.04
CA GLY A 199 -14.74 -36.87 -17.30
C GLY A 199 -15.31 -36.17 -16.09
N HIS A 200 -15.30 -36.80 -14.92
CA HIS A 200 -15.84 -36.22 -13.70
C HIS A 200 -14.71 -35.96 -12.71
N LEU A 201 -14.75 -34.80 -12.07
CA LEU A 201 -13.83 -34.50 -10.99
C LEU A 201 -14.53 -33.60 -9.98
N GLN A 202 -13.86 -33.38 -8.85
CA GLN A 202 -14.43 -32.66 -7.72
C GLN A 202 -13.52 -31.50 -7.37
N LEU A 203 -14.03 -30.28 -7.52
CA LEU A 203 -13.32 -29.09 -7.09
C LEU A 203 -13.46 -28.93 -5.59
N VAL A 204 -12.38 -28.50 -4.93
CA VAL A 204 -12.39 -28.23 -3.51
C VAL A 204 -11.89 -26.81 -3.28
N CYS A 205 -12.68 -26.03 -2.56
CA CYS A 205 -12.28 -24.69 -2.13
C CYS A 205 -12.00 -24.75 -0.63
N HIS A 206 -10.72 -24.72 -0.27
CA HIS A 206 -10.31 -24.73 1.13
C HIS A 206 -10.32 -23.30 1.66
N VAL A 207 -10.93 -23.10 2.83
CA VAL A 207 -11.02 -21.79 3.46
C VAL A 207 -10.61 -21.94 4.91
N SER A 208 -9.45 -21.37 5.28
CA SER A 208 -8.89 -21.57 6.61
C SER A 208 -8.48 -20.25 7.24
N GLY A 209 -8.62 -20.18 8.56
CA GLY A 209 -8.08 -19.10 9.35
C GLY A 209 -9.04 -17.98 9.70
N PHE A 210 -10.34 -18.16 9.47
CA PHE A 210 -11.29 -17.07 9.69
C PHE A 210 -11.88 -17.12 11.09
N TYR A 211 -12.19 -15.93 11.61
CA TYR A 211 -12.91 -15.76 12.87
C TYR A 211 -13.63 -14.42 12.82
N PRO A 212 -14.90 -14.35 13.29
CA PRO A 212 -15.64 -15.47 13.89
C PRO A 212 -16.13 -16.53 12.90
N LYS A 213 -16.85 -17.51 13.46
CA LYS A 213 -17.18 -18.72 12.71
C LYS A 213 -18.09 -18.51 11.51
N PRO A 214 -19.15 -17.68 11.57
CA PRO A 214 -20.07 -17.57 10.42
C PRO A 214 -19.33 -17.15 9.15
N VAL A 215 -19.57 -17.89 8.07
CA VAL A 215 -18.87 -17.68 6.81
C VAL A 215 -19.76 -18.22 5.70
N TRP A 216 -19.47 -17.80 4.47
CA TRP A 216 -20.29 -18.15 3.31
C TRP A 216 -19.34 -18.47 2.17
N VAL A 217 -19.35 -19.72 1.72
CA VAL A 217 -18.45 -20.21 0.67
C VAL A 217 -19.31 -20.88 -0.40
N MET A 218 -19.18 -20.41 -1.63
CA MET A 218 -19.98 -20.92 -2.74
C MET A 218 -19.13 -21.02 -3.99
N TRP A 219 -19.48 -21.99 -4.84
CA TRP A 219 -18.94 -22.08 -6.18
C TRP A 219 -19.83 -21.29 -7.13
N MET A 220 -19.22 -20.42 -7.94
CA MET A 220 -19.95 -19.51 -8.81
C MET A 220 -19.46 -19.64 -10.24
N ARG A 221 -20.37 -19.42 -11.17
CA ARG A 221 -20.06 -19.16 -12.58
C ARG A 221 -20.61 -17.77 -12.85
N GLY A 222 -19.77 -16.75 -12.65
CA GLY A 222 -20.23 -15.38 -12.76
C GLY A 222 -21.31 -15.08 -11.73
N ASP A 223 -22.45 -14.61 -12.23
CA ASP A 223 -23.55 -14.21 -11.34
C ASP A 223 -24.20 -15.42 -10.67
N GLN A 224 -24.15 -16.59 -11.31
CA GLN A 224 -24.91 -17.76 -10.88
C GLN A 224 -24.17 -18.52 -9.78
N GLU A 225 -24.90 -18.82 -8.70
CA GLU A 225 -24.41 -19.77 -7.70
C GLU A 225 -24.62 -21.20 -8.20
N GLN A 226 -23.58 -22.02 -8.10
CA GLN A 226 -23.72 -23.43 -8.44
C GLN A 226 -24.33 -24.16 -7.25
N GLN A 227 -25.62 -24.50 -7.36
CA GLN A 227 -26.35 -25.09 -6.24
C GLN A 227 -25.80 -26.45 -5.82
N GLY A 228 -24.95 -27.08 -6.63
CA GLY A 228 -24.34 -28.33 -6.24
C GLY A 228 -23.23 -28.19 -5.22
N THR A 229 -22.89 -26.96 -4.80
CA THR A 229 -21.87 -26.75 -3.80
C THR A 229 -22.23 -27.47 -2.52
N HIS A 230 -21.27 -28.22 -1.98
CA HIS A 230 -21.44 -28.97 -0.74
C HIS A 230 -20.46 -28.43 0.30
N ARG A 231 -21.01 -27.73 1.29
CA ARG A 231 -20.25 -27.21 2.41
C ARG A 231 -19.94 -28.33 3.39
N GLY A 232 -18.67 -28.49 3.74
CA GLY A 232 -18.27 -29.46 4.74
C GLY A 232 -18.55 -28.96 6.13
N ASP A 233 -18.06 -29.71 7.11
CA ASP A 233 -18.22 -29.32 8.51
C ASP A 233 -17.19 -28.25 8.87
N PHE A 234 -17.56 -27.41 9.83
CA PHE A 234 -16.59 -26.52 10.46
C PHE A 234 -15.59 -27.37 11.25
N LEU A 235 -14.31 -27.24 10.90
CA LEU A 235 -13.18 -27.89 11.53
C LEU A 235 -12.31 -26.87 12.27
N PRO A 236 -11.85 -27.16 13.47
CA PRO A 236 -11.10 -26.16 14.23
C PRO A 236 -9.61 -26.16 13.88
N ASN A 237 -9.04 -24.97 13.94
CA ASN A 237 -7.59 -24.81 13.92
C ASN A 237 -7.08 -24.67 15.34
N ALA A 238 -5.77 -24.87 15.50
CA ALA A 238 -5.18 -24.83 16.83
C ALA A 238 -5.28 -23.45 17.45
N ASP A 239 -5.30 -22.39 16.64
CA ASP A 239 -5.39 -21.02 17.14
C ASP A 239 -6.84 -20.56 17.30
N GLU A 240 -7.80 -21.49 17.33
CA GLU A 240 -9.22 -21.22 17.47
C GLU A 240 -9.78 -20.37 16.34
N THR A 241 -9.10 -20.31 15.21
CA THR A 241 -9.75 -19.95 13.96
C THR A 241 -10.43 -21.20 13.39
N TRP A 242 -11.13 -21.04 12.27
CA TRP A 242 -11.90 -22.12 11.70
C TRP A 242 -11.41 -22.49 10.31
N TYR A 243 -11.66 -23.74 9.94
CA TYR A 243 -11.38 -24.28 8.63
C TYR A 243 -12.67 -24.86 8.07
N LEU A 244 -12.84 -24.71 6.76
CA LEU A 244 -14.04 -25.16 6.07
C LEU A 244 -13.69 -25.34 4.60
N GLN A 245 -14.19 -26.41 4.00
CA GLN A 245 -14.06 -26.59 2.57
C GLN A 245 -15.44 -26.82 1.96
N ALA A 246 -15.57 -26.41 0.70
CA ALA A 246 -16.77 -26.58 -0.08
C ALA A 246 -16.39 -27.27 -1.39
N THR A 247 -17.21 -28.23 -1.82
CA THR A 247 -16.90 -29.06 -2.96
C THR A 247 -17.97 -28.93 -4.05
N LEU A 248 -17.55 -29.14 -5.29
CA LEU A 248 -18.44 -29.14 -6.43
C LEU A 248 -17.98 -30.21 -7.41
N ASP A 249 -18.83 -31.18 -7.69
CA ASP A 249 -18.56 -32.17 -8.72
C ASP A 249 -18.89 -31.56 -10.09
N VAL A 250 -17.93 -31.60 -11.00
CA VAL A 250 -18.10 -31.00 -12.32
C VAL A 250 -17.63 -31.96 -13.40
N GLU A 251 -18.26 -31.85 -14.57
CA GLU A 251 -17.78 -32.58 -15.73
C GLU A 251 -16.46 -31.99 -16.20
N ALA A 252 -15.68 -32.80 -16.92
CA ALA A 252 -14.39 -32.36 -17.40
C ALA A 252 -14.56 -31.19 -18.37
N GLY A 253 -13.79 -30.12 -18.13
CA GLY A 253 -13.87 -28.92 -18.92
C GLY A 253 -14.76 -27.84 -18.33
N GLU A 254 -15.71 -28.22 -17.48
CA GLU A 254 -16.60 -27.25 -16.86
C GLU A 254 -15.90 -26.41 -15.78
N GLU A 255 -14.70 -26.81 -15.35
CA GLU A 255 -14.01 -26.09 -14.29
C GLU A 255 -13.60 -24.69 -14.76
N ALA A 256 -13.19 -24.56 -16.02
CA ALA A 256 -12.74 -23.28 -16.55
C ALA A 256 -13.82 -22.21 -16.38
N GLY A 257 -13.48 -21.14 -15.67
CA GLY A 257 -14.41 -20.07 -15.41
C GLY A 257 -15.17 -20.18 -14.11
N LEU A 258 -15.06 -21.30 -13.41
CA LEU A 258 -15.66 -21.44 -12.09
C LEU A 258 -14.76 -20.79 -11.04
N ALA A 259 -15.37 -20.07 -10.12
CA ALA A 259 -14.65 -19.42 -9.02
C ALA A 259 -15.26 -19.83 -7.70
N CYS A 260 -14.48 -19.67 -6.64
CA CYS A 260 -14.95 -19.83 -5.28
C CYS A 260 -15.06 -18.44 -4.64
N ARG A 261 -16.25 -18.14 -4.10
CA ARG A 261 -16.53 -16.84 -3.52
C ARG A 261 -16.70 -16.97 -2.02
N VAL A 262 -15.93 -16.18 -1.27
CA VAL A 262 -15.92 -16.25 0.20
C VAL A 262 -16.43 -14.93 0.76
N LYS A 263 -17.57 -14.99 1.44
CA LYS A 263 -18.10 -13.85 2.18
C LYS A 263 -17.82 -14.06 3.66
N HIS A 264 -17.11 -13.11 4.27
CA HIS A 264 -16.84 -13.15 5.70
C HIS A 264 -16.85 -11.73 6.24
N SER A 265 -17.22 -11.61 7.53
CA SER A 265 -17.33 -10.30 8.16
C SER A 265 -15.99 -9.57 8.24
N SER A 266 -14.88 -10.29 8.16
CA SER A 266 -13.55 -9.68 8.26
C SER A 266 -13.10 -9.00 6.97
N LEU A 267 -13.79 -9.24 5.86
CA LEU A 267 -13.38 -8.72 4.56
C LEU A 267 -14.07 -7.42 4.19
N GLY A 268 -14.96 -6.90 5.05
CA GLY A 268 -15.80 -5.80 4.63
C GLY A 268 -16.80 -6.30 3.61
N GLY A 269 -16.88 -5.60 2.48
CA GLY A 269 -17.63 -6.08 1.34
C GLY A 269 -16.79 -6.72 0.26
N GLN A 270 -15.46 -6.72 0.42
CA GLN A 270 -14.55 -7.26 -0.59
C GLN A 270 -14.49 -8.77 -0.45
N ASP A 271 -15.38 -9.45 -1.19
CA ASP A 271 -15.37 -10.90 -1.23
C ASP A 271 -14.03 -11.40 -1.76
N ILE A 272 -13.65 -12.59 -1.32
CA ILE A 272 -12.61 -13.35 -2.00
C ILE A 272 -13.24 -14.01 -3.23
N ILE A 273 -12.66 -13.78 -4.39
CA ILE A 273 -13.06 -14.42 -5.62
C ILE A 273 -11.82 -15.10 -6.18
N LEU A 274 -11.82 -16.43 -6.21
CA LEU A 274 -10.66 -17.23 -6.60
C LEU A 274 -11.08 -18.18 -7.71
N TYR A 275 -10.70 -17.85 -8.94
CA TYR A 275 -11.06 -18.66 -10.09
C TYR A 275 -10.22 -19.92 -10.16
N TRP A 276 -10.81 -20.97 -10.71
CA TRP A 276 -10.08 -22.20 -10.96
C TRP A 276 -8.90 -21.96 -11.90
N GLN B 2 -20.49 -48.12 22.00
CA GLN B 2 -19.26 -47.96 21.22
C GLN B 2 -19.55 -47.29 19.88
N LYS B 3 -18.84 -46.19 19.61
CA LYS B 3 -18.94 -45.48 18.33
C LYS B 3 -17.56 -45.30 17.74
N THR B 4 -17.47 -45.47 16.41
CA THR B 4 -16.22 -45.43 15.67
C THR B 4 -15.78 -43.98 15.42
N PRO B 5 -14.51 -43.66 15.63
CA PRO B 5 -14.06 -42.29 15.38
C PRO B 5 -13.97 -41.96 13.89
N GLN B 6 -14.22 -40.70 13.58
CA GLN B 6 -14.00 -40.16 12.24
C GLN B 6 -12.76 -39.27 12.27
N ILE B 7 -11.95 -39.35 11.23
CA ILE B 7 -10.64 -38.70 11.19
C ILE B 7 -10.58 -37.77 10.00
N GLN B 8 -10.22 -36.51 10.25
CA GLN B 8 -10.05 -35.52 9.20
C GLN B 8 -8.69 -34.88 9.34
N VAL B 9 -7.91 -34.90 8.27
CA VAL B 9 -6.55 -34.37 8.27
C VAL B 9 -6.51 -33.21 7.28
N TYR B 10 -5.90 -32.10 7.71
CA TYR B 10 -5.91 -30.88 6.92
C TYR B 10 -4.84 -29.95 7.47
N SER B 11 -4.35 -29.07 6.61
CA SER B 11 -3.28 -28.16 6.99
C SER B 11 -3.85 -26.79 7.35
N ARG B 12 -3.10 -26.07 8.20
CA ARG B 12 -3.54 -24.76 8.66
C ARG B 12 -3.46 -23.72 7.55
N HIS B 13 -2.41 -23.75 6.75
CA HIS B 13 -2.17 -22.80 5.68
C HIS B 13 -2.15 -23.52 4.34
N PRO B 14 -2.27 -22.78 3.24
CA PRO B 14 -2.07 -23.39 1.91
C PRO B 14 -0.75 -24.14 1.87
N PRO B 15 -0.78 -25.43 1.57
CA PRO B 15 0.46 -26.19 1.52
C PRO B 15 1.36 -25.74 0.37
N GLU B 16 2.63 -25.58 0.67
CA GLU B 16 3.64 -25.23 -0.33
C GLU B 16 4.93 -25.95 0.06
N ASN B 17 5.44 -26.77 -0.86
CA ASN B 17 6.61 -27.58 -0.57
C ASN B 17 7.77 -26.71 -0.06
N GLY B 18 8.41 -27.17 1.00
CA GLY B 18 9.54 -26.47 1.56
C GLY B 18 9.21 -25.34 2.52
N LYS B 19 7.94 -24.99 2.70
CA LYS B 19 7.55 -23.92 3.60
C LYS B 19 6.89 -24.48 4.84
N PRO B 20 7.33 -24.09 6.03
CA PRO B 20 6.76 -24.64 7.26
C PRO B 20 5.27 -24.36 7.37
N ASN B 21 4.55 -25.34 7.96
CA ASN B 21 3.11 -25.32 8.00
C ASN B 21 2.68 -26.02 9.29
N ILE B 22 1.37 -26.17 9.46
CA ILE B 22 0.81 -26.91 10.59
C ILE B 22 -0.19 -27.91 10.06
N LEU B 23 -0.04 -29.17 10.46
CA LEU B 23 -0.95 -30.23 10.06
C LEU B 23 -1.90 -30.54 11.22
N ASN B 24 -3.20 -30.55 10.93
CA ASN B 24 -4.22 -30.84 11.93
C ASN B 24 -4.80 -32.23 11.69
N CYS B 25 -5.21 -32.86 12.79
CA CYS B 25 -5.95 -34.13 12.77
C CYS B 25 -7.10 -34.01 13.74
N TYR B 26 -8.32 -33.97 13.22
CA TYR B 26 -9.52 -33.70 14.01
C TYR B 26 -10.33 -34.99 14.08
N VAL B 27 -10.52 -35.49 15.31
CA VAL B 27 -11.08 -36.82 15.53
C VAL B 27 -12.38 -36.67 16.32
N THR B 28 -13.46 -37.24 15.80
CA THR B 28 -14.80 -36.99 16.32
C THR B 28 -15.60 -38.28 16.39
N GLN B 29 -16.73 -38.20 17.07
CA GLN B 29 -17.83 -39.17 17.07
C GLN B 29 -17.51 -40.46 17.82
N PHE B 30 -16.36 -40.54 18.50
CA PHE B 30 -15.96 -41.78 19.16
C PHE B 30 -16.55 -41.87 20.56
N HIS B 31 -16.81 -43.10 20.99
CA HIS B 31 -17.18 -43.37 22.38
C HIS B 31 -16.77 -44.79 22.75
N PRO B 32 -16.18 -44.98 23.94
CA PRO B 32 -15.88 -44.06 25.05
C PRO B 32 -14.75 -43.07 24.72
N PRO B 33 -14.48 -42.09 25.60
CA PRO B 33 -13.50 -41.06 25.26
C PRO B 33 -12.04 -41.50 25.28
N HIS B 34 -11.72 -42.69 25.78
CA HIS B 34 -10.34 -43.17 25.77
CA HIS B 34 -10.35 -43.16 25.77
C HIS B 34 -9.91 -43.42 24.34
N ILE B 35 -8.84 -42.74 23.91
CA ILE B 35 -8.39 -42.82 22.52
C ILE B 35 -6.90 -42.56 22.46
N GLU B 36 -6.25 -43.14 21.46
CA GLU B 36 -4.84 -42.90 21.18
C GLU B 36 -4.70 -42.35 19.77
N ILE B 37 -4.07 -41.19 19.65
CA ILE B 37 -3.92 -40.49 18.37
C ILE B 37 -2.45 -40.20 18.18
N GLN B 38 -1.89 -40.67 17.06
CA GLN B 38 -0.53 -40.34 16.69
C GLN B 38 -0.54 -39.71 15.30
N MET B 39 0.43 -38.85 15.05
CA MET B 39 0.63 -38.26 13.73
C MET B 39 1.98 -38.73 13.19
N LEU B 40 1.97 -39.21 11.95
CA LEU B 40 3.10 -39.95 11.40
C LEU B 40 3.73 -39.21 10.23
N LYS B 41 5.06 -39.26 10.16
CA LYS B 41 5.84 -38.78 9.02
C LYS B 41 6.60 -39.97 8.46
N ASN B 42 6.27 -40.39 7.23
CA ASN B 42 6.85 -41.56 6.58
C ASN B 42 6.66 -42.82 7.44
N GLY B 43 5.43 -43.02 7.92
CA GLY B 43 5.15 -44.12 8.82
C GLY B 43 5.82 -44.04 10.18
N LYS B 44 6.65 -43.03 10.41
CA LYS B 44 7.33 -42.81 11.68
C LYS B 44 6.55 -41.78 12.51
N LYS B 45 6.45 -42.02 13.81
CA LYS B 45 5.62 -41.18 14.66
C LYS B 45 6.32 -39.87 15.03
N ILE B 46 5.65 -38.77 14.77
CA ILE B 46 6.24 -37.44 15.01
C ILE B 46 6.36 -37.20 16.51
N PRO B 47 7.47 -36.61 17.00
CA PRO B 47 7.69 -36.52 18.46
C PRO B 47 6.84 -35.46 19.16
N LYS B 48 6.77 -34.25 18.62
CA LYS B 48 6.08 -33.14 19.27
C LYS B 48 4.70 -32.99 18.64
N VAL B 49 3.69 -33.62 19.25
CA VAL B 49 2.31 -33.55 18.79
C VAL B 49 1.46 -33.07 19.96
N GLU B 50 0.82 -31.92 19.79
CA GLU B 50 -0.02 -31.35 20.84
C GLU B 50 -1.48 -31.77 20.66
N MET B 51 -2.16 -31.95 21.78
CA MET B 51 -3.56 -32.33 21.82
C MET B 51 -4.37 -31.25 22.51
N SER B 52 -5.60 -31.05 22.05
CA SER B 52 -6.52 -30.19 22.77
C SER B 52 -7.14 -30.97 23.94
N ASP B 53 -7.82 -30.24 24.80
CA ASP B 53 -8.54 -30.89 25.89
C ASP B 53 -9.76 -31.62 25.36
N MET B 54 -9.98 -32.84 25.85
CA MET B 54 -11.12 -33.64 25.42
C MET B 54 -12.42 -32.88 25.70
N SER B 55 -13.20 -32.66 24.65
CA SER B 55 -14.48 -31.97 24.75
C SER B 55 -15.53 -32.79 24.02
N PHE B 56 -16.75 -32.27 23.96
CA PHE B 56 -17.81 -32.93 23.22
C PHE B 56 -18.86 -31.91 22.84
N SER B 57 -19.59 -32.23 21.76
CA SER B 57 -20.60 -31.34 21.23
C SER B 57 -21.91 -31.48 22.00
N LYS B 58 -22.91 -30.69 21.61
CA LYS B 58 -24.19 -30.69 22.32
C LYS B 58 -24.86 -32.06 22.24
N ASP B 59 -24.63 -32.80 21.16
CA ASP B 59 -25.20 -34.14 21.02
C ASP B 59 -24.39 -35.22 21.73
N TRP B 60 -23.42 -34.82 22.55
CA TRP B 60 -22.54 -35.66 23.36
C TRP B 60 -21.46 -36.37 22.55
N SER B 61 -21.29 -36.02 21.26
CA SER B 61 -20.20 -36.60 20.47
C SER B 61 -18.87 -36.01 20.89
N PHE B 62 -17.93 -36.87 21.27
CA PHE B 62 -16.60 -36.40 21.63
C PHE B 62 -15.87 -35.84 20.41
N TYR B 63 -14.91 -34.96 20.69
CA TYR B 63 -14.05 -34.44 19.64
C TYR B 63 -12.75 -33.97 20.27
N ILE B 64 -11.67 -34.06 19.50
CA ILE B 64 -10.35 -33.69 20.00
C ILE B 64 -9.49 -33.33 18.81
N LEU B 65 -8.64 -32.31 18.98
CA LEU B 65 -7.79 -31.81 17.91
C LEU B 65 -6.34 -32.16 18.23
N ALA B 66 -5.71 -32.89 17.32
CA ALA B 66 -4.26 -33.06 17.31
C ALA B 66 -3.67 -32.16 16.23
N HIS B 67 -2.50 -31.60 16.51
CA HIS B 67 -1.82 -30.81 15.49
C HIS B 67 -0.32 -30.86 15.76
N THR B 68 0.44 -30.66 14.69
CA THR B 68 1.89 -30.57 14.80
C THR B 68 2.42 -29.77 13.63
N GLU B 69 3.60 -29.20 13.82
CA GLU B 69 4.26 -28.50 12.74
C GLU B 69 4.82 -29.50 11.74
N PHE B 70 4.77 -29.14 10.47
CA PHE B 70 5.35 -29.97 9.44
C PHE B 70 5.68 -29.09 8.24
N THR B 71 6.62 -29.55 7.44
CA THR B 71 6.99 -28.88 6.20
C THR B 71 6.64 -29.81 5.04
N PRO B 72 5.54 -29.56 4.33
CA PRO B 72 5.18 -30.43 3.21
C PRO B 72 6.28 -30.47 2.16
N THR B 73 6.28 -31.55 1.39
CA THR B 73 7.40 -31.87 0.52
C THR B 73 6.87 -32.73 -0.62
N GLU B 74 7.67 -32.87 -1.68
CA GLU B 74 7.33 -33.75 -2.79
C GLU B 74 7.37 -35.23 -2.42
N THR B 75 8.26 -35.62 -1.50
CA THR B 75 8.42 -37.06 -1.21
C THR B 75 7.60 -37.52 0.00
N ASP B 76 7.52 -36.70 1.06
CA ASP B 76 7.07 -37.19 2.35
C ASP B 76 5.56 -37.42 2.38
N THR B 77 5.16 -38.50 3.04
CA THR B 77 3.76 -38.72 3.37
C THR B 77 3.51 -38.34 4.82
N TYR B 78 2.29 -37.91 5.09
CA TYR B 78 1.86 -37.59 6.45
C TYR B 78 0.53 -38.27 6.71
N ALA B 79 0.37 -38.76 7.94
CA ALA B 79 -0.82 -39.52 8.28
C ALA B 79 -1.14 -39.34 9.75
N CYS B 80 -2.41 -39.55 10.07
CA CYS B 80 -2.90 -39.56 11.44
C CYS B 80 -3.43 -40.95 11.75
N ARG B 81 -2.90 -41.57 12.80
CA ARG B 81 -3.25 -42.94 13.15
C ARG B 81 -3.98 -42.94 14.49
N VAL B 82 -5.14 -43.57 14.53
CA VAL B 82 -6.02 -43.57 15.69
C VAL B 82 -6.33 -45.00 16.11
N LYS B 83 -6.19 -45.29 17.40
CA LYS B 83 -6.58 -46.57 17.97
C LYS B 83 -7.69 -46.38 18.98
N HIS B 84 -8.74 -47.20 18.87
CA HIS B 84 -9.92 -47.05 19.69
C HIS B 84 -10.65 -48.38 19.77
N ALA B 85 -11.23 -48.65 20.94
CA ALA B 85 -11.82 -49.96 21.22
C ALA B 85 -12.98 -50.32 20.29
N SER B 86 -13.53 -49.36 19.56
CA SER B 86 -14.58 -49.66 18.60
C SER B 86 -14.06 -50.28 17.31
N MET B 87 -12.75 -50.33 17.12
CA MET B 87 -12.15 -50.80 15.88
C MET B 87 -11.16 -51.91 16.18
N ALA B 88 -11.26 -53.00 15.41
CA ALA B 88 -10.31 -54.10 15.54
C ALA B 88 -8.89 -53.64 15.23
N GLU B 89 -8.74 -52.72 14.29
CA GLU B 89 -7.43 -52.30 13.82
C GLU B 89 -7.31 -50.78 13.89
N PRO B 90 -6.09 -50.26 14.04
CA PRO B 90 -5.89 -48.81 13.95
C PRO B 90 -6.35 -48.29 12.59
N LYS B 91 -7.01 -47.14 12.60
CA LYS B 91 -7.40 -46.46 11.38
C LYS B 91 -6.40 -45.35 11.08
N THR B 92 -5.79 -45.41 9.90
CA THR B 92 -4.87 -44.39 9.45
C THR B 92 -5.48 -43.71 8.23
N VAL B 93 -5.57 -42.37 8.26
CA VAL B 93 -5.95 -41.60 7.08
C VAL B 93 -4.78 -40.70 6.71
N TYR B 94 -4.39 -40.74 5.44
CA TYR B 94 -3.24 -40.01 4.97
C TYR B 94 -3.62 -38.58 4.60
N TRP B 95 -2.71 -37.65 4.84
CA TRP B 95 -2.89 -36.30 4.36
C TRP B 95 -2.74 -36.27 2.85
N ASP B 96 -3.73 -35.70 2.17
CA ASP B 96 -3.66 -35.47 0.73
C ASP B 96 -4.10 -34.04 0.47
N ARG B 97 -3.15 -33.20 0.06
CA ARG B 97 -3.41 -31.77 -0.11
C ARG B 97 -4.51 -31.48 -1.11
N ASP B 98 -4.83 -32.42 -1.99
CA ASP B 98 -5.89 -32.19 -2.98
C ASP B 98 -7.29 -32.51 -2.46
N MET B 99 -7.41 -33.33 -1.42
CA MET B 99 -8.73 -33.71 -0.91
C MET B 99 -9.46 -32.54 -0.26
N ASN C 4 24.58 -12.77 4.85
CA ASN C 4 25.06 -11.93 3.76
C ASN C 4 25.67 -10.64 4.33
N TYR C 5 26.83 -10.27 3.80
CA TYR C 5 27.55 -9.08 4.20
C TYR C 5 27.82 -8.20 2.99
N THR C 6 27.83 -6.91 3.24
CA THR C 6 28.24 -5.90 2.27
C THR C 6 29.50 -5.22 2.79
N PHE C 7 30.58 -5.33 2.04
CA PHE C 7 31.78 -4.55 2.25
C PHE C 7 31.66 -3.25 1.45
N ARG C 8 31.89 -2.11 2.11
CA ARG C 8 31.67 -0.84 1.43
C ARG C 8 32.65 0.23 1.90
N CYS C 9 33.19 0.96 0.93
CA CYS C 9 33.97 2.17 1.18
CA CYS C 9 33.96 2.17 1.18
C CYS C 9 33.05 3.36 0.93
N LEU C 10 32.88 4.21 1.94
CA LEU C 10 31.94 5.32 1.88
C LEU C 10 32.69 6.62 1.99
N GLN C 11 32.62 7.44 0.93
CA GLN C 11 33.34 8.70 0.85
C GLN C 11 32.37 9.86 0.78
N THR C 12 32.58 10.86 1.63
CA THR C 12 31.84 12.11 1.59
C THR C 12 32.80 13.23 1.26
N SER C 13 32.51 13.98 0.19
CA SER C 13 33.38 15.04 -0.28
C SER C 13 32.56 16.32 -0.43
N SER C 14 33.15 17.44 0.01
CA SER C 14 32.49 18.74 -0.03
C SER C 14 33.44 19.76 -0.64
N PHE C 15 33.02 20.39 -1.73
CA PHE C 15 33.79 21.43 -2.41
C PHE C 15 33.04 22.75 -2.20
N ALA C 16 33.56 23.61 -1.33
CA ALA C 16 32.92 24.86 -0.98
C ALA C 16 33.45 26.06 -1.77
N ASN C 17 34.76 26.15 -1.96
CA ASN C 17 35.37 27.16 -2.80
C ASN C 17 36.73 26.63 -3.23
N ILE C 18 37.41 27.38 -4.09
CA ILE C 18 38.70 26.93 -4.63
C ILE C 18 39.71 26.68 -3.52
N SER C 19 39.54 27.31 -2.36
CA SER C 19 40.47 27.17 -1.25
C SER C 19 39.99 26.21 -0.17
N TRP C 20 38.87 25.51 -0.37
CA TRP C 20 38.34 24.68 0.71
C TRP C 20 37.53 23.52 0.11
N SER C 21 38.19 22.38 -0.04
CA SER C 21 37.52 21.11 -0.29
C SER C 21 37.94 20.12 0.78
N ARG C 22 37.04 19.18 1.09
CA ARG C 22 37.27 18.22 2.15
C ARG C 22 36.71 16.86 1.74
N THR C 23 37.47 15.81 2.03
CA THR C 23 37.06 14.44 1.70
C THR C 23 37.24 13.56 2.93
N ASP C 24 36.17 12.90 3.36
CA ASP C 24 36.21 12.04 4.54
C ASP C 24 35.61 10.68 4.19
N SER C 25 36.32 9.61 4.54
CA SER C 25 35.94 8.27 4.15
C SER C 25 36.01 7.34 5.35
N LEU C 26 35.25 6.25 5.25
CA LEU C 26 35.32 5.14 6.18
C LEU C 26 34.99 3.88 5.41
N ILE C 27 35.37 2.73 5.99
CA ILE C 27 35.10 1.44 5.38
C ILE C 27 34.34 0.59 6.39
N LEU C 28 33.34 -0.14 5.91
CA LEU C 28 32.53 -0.97 6.78
C LEU C 28 32.41 -2.38 6.20
N LEU C 29 32.30 -3.35 7.09
CA LEU C 29 31.98 -4.73 6.74
C LEU C 29 30.77 -5.10 7.57
N GLY C 30 29.61 -5.24 6.92
CA GLY C 30 28.39 -5.38 7.70
C GLY C 30 28.13 -4.09 8.47
N ASP C 31 27.62 -4.23 9.69
CA ASP C 31 27.40 -3.05 10.53
C ASP C 31 28.67 -2.53 11.17
N LEU C 32 29.81 -3.19 10.95
CA LEU C 32 31.05 -2.91 11.67
C LEU C 32 31.96 -2.01 10.85
N GLN C 33 32.44 -0.93 11.46
CA GLN C 33 33.43 -0.08 10.80
C GLN C 33 34.81 -0.71 10.94
N THR C 34 35.53 -0.79 9.81
CA THR C 34 36.87 -1.37 9.80
C THR C 34 37.98 -0.37 9.52
N HIS C 35 37.69 0.75 8.88
CA HIS C 35 38.72 1.71 8.53
C HIS C 35 38.17 3.13 8.66
N ARG C 36 39.08 4.07 8.89
CA ARG C 36 38.75 5.49 8.97
C ARG C 36 39.80 6.27 8.19
N TRP C 37 39.35 7.26 7.43
CA TRP C 37 40.27 8.09 6.64
C TRP C 37 39.68 9.49 6.56
N SER C 38 40.15 10.39 7.42
CA SER C 38 39.71 11.78 7.41
C SER C 38 40.55 12.60 6.44
N ASN C 39 40.06 13.80 6.12
CA ASN C 39 40.84 14.71 5.27
C ASN C 39 42.17 15.05 5.93
N ASP C 40 42.20 15.14 7.26
CA ASP C 40 43.40 15.52 7.98
C ASP C 40 44.51 14.50 7.80
N SER C 41 44.16 13.21 7.83
CA SER C 41 45.15 12.15 7.84
C SER C 41 45.61 11.84 6.44
N ALA C 42 46.93 11.84 6.23
CA ALA C 42 47.48 11.34 4.99
C ALA C 42 47.24 9.84 4.81
N ILE C 43 46.63 9.17 5.79
CA ILE C 43 46.83 7.73 5.87
C ILE C 43 45.58 7.08 6.46
N ILE C 44 45.21 5.93 5.90
CA ILE C 44 44.02 5.20 6.34
C ILE C 44 44.33 4.46 7.64
N SER C 45 43.53 4.72 8.68
CA SER C 45 43.71 4.08 9.96
C SER C 45 42.83 2.83 10.07
N PHE C 46 43.33 1.83 10.79
CA PHE C 46 42.51 0.70 11.16
C PHE C 46 41.66 1.06 12.37
N THR C 47 40.43 0.54 12.41
CA THR C 47 39.57 0.68 13.57
C THR C 47 39.24 -0.65 14.22
N LYS C 48 39.77 -1.75 13.68
CA LYS C 48 39.64 -3.07 14.27
C LYS C 48 41.01 -3.73 14.31
N PRO C 49 41.24 -4.65 15.24
CA PRO C 49 42.48 -5.42 15.21
C PRO C 49 42.66 -6.25 13.94
N TRP C 50 41.58 -6.55 13.23
CA TRP C 50 41.61 -7.41 12.06
C TRP C 50 41.39 -6.65 10.75
N SER C 51 41.59 -5.33 10.76
CA SER C 51 41.22 -4.50 9.62
C SER C 51 42.11 -4.74 8.41
N GLN C 52 43.33 -5.23 8.60
CA GLN C 52 44.20 -5.55 7.47
C GLN C 52 43.75 -6.81 6.74
N GLY C 53 42.78 -7.55 7.29
CA GLY C 53 42.29 -8.75 6.63
C GLY C 53 43.37 -9.80 6.55
N LYS C 54 43.43 -10.48 5.40
CA LYS C 54 44.48 -11.46 5.13
C LYS C 54 45.59 -10.89 4.27
N LEU C 55 45.69 -9.56 4.21
CA LEU C 55 46.73 -8.91 3.42
C LEU C 55 48.04 -8.89 4.19
N SER C 56 49.12 -9.26 3.52
CA SER C 56 50.44 -8.96 4.06
C SER C 56 50.61 -7.46 4.17
N ASN C 57 51.66 -7.05 4.89
CA ASN C 57 51.91 -5.62 5.08
C ASN C 57 52.10 -4.92 3.74
N GLN C 58 53.02 -5.43 2.92
CA GLN C 58 53.30 -4.77 1.64
C GLN C 58 52.09 -4.83 0.71
N GLN C 59 51.25 -5.85 0.82
CA GLN C 59 49.98 -5.85 0.10
C GLN C 59 49.09 -4.70 0.55
N TRP C 60 49.11 -4.38 1.86
CA TRP C 60 48.25 -3.32 2.36
C TRP C 60 48.77 -1.94 1.97
N GLU C 61 50.09 -1.74 2.03
CA GLU C 61 50.64 -0.43 1.67
C GLU C 61 50.48 -0.13 0.19
N LYS C 62 50.44 -1.18 -0.66
CA LYS C 62 50.17 -0.96 -2.07
C LYS C 62 48.72 -0.57 -2.30
N LEU C 63 47.78 -1.28 -1.66
CA LEU C 63 46.38 -0.88 -1.71
C LEU C 63 46.20 0.52 -1.15
N GLN C 64 46.94 0.82 -0.08
CA GLN C 64 46.86 2.12 0.54
C GLN C 64 47.40 3.21 -0.36
N HIS C 65 48.58 2.98 -0.95
CA HIS C 65 49.16 3.97 -1.85
C HIS C 65 48.25 4.26 -3.02
N MET C 66 47.56 3.23 -3.53
CA MET C 66 46.55 3.45 -4.56
C MET C 66 45.49 4.43 -4.08
N PHE C 67 45.05 4.29 -2.83
CA PHE C 67 44.09 5.24 -2.26
C PHE C 67 44.67 6.66 -2.19
N GLN C 68 45.94 6.78 -1.76
CA GLN C 68 46.50 8.11 -1.50
C GLN C 68 46.59 8.93 -2.78
N VAL C 69 47.02 8.31 -3.89
CA VAL C 69 47.08 9.02 -5.16
C VAL C 69 45.67 9.32 -5.66
N TYR C 70 44.73 8.40 -5.42
CA TYR C 70 43.36 8.62 -5.87
C TYR C 70 42.73 9.85 -5.22
N ARG C 71 42.93 10.02 -3.91
CA ARG C 71 42.29 11.13 -3.23
C ARG C 71 42.77 12.47 -3.78
N VAL C 72 44.08 12.59 -4.04
CA VAL C 72 44.60 13.82 -4.63
C VAL C 72 44.07 14.00 -6.05
N SER C 73 44.09 12.92 -6.85
CA SER C 73 43.62 13.01 -8.22
C SER C 73 42.11 13.25 -8.27
N PHE C 74 41.36 12.64 -7.35
CA PHE C 74 39.92 12.88 -7.29
C PHE C 74 39.63 14.35 -7.05
N THR C 75 40.33 14.96 -6.08
CA THR C 75 40.09 16.36 -5.75
C THR C 75 40.40 17.26 -6.93
N ARG C 76 41.44 16.94 -7.70
CA ARG C 76 41.79 17.73 -8.87
C ARG C 76 40.74 17.58 -9.97
N ASP C 77 40.41 16.34 -10.32
CA ASP C 77 39.53 16.09 -11.46
C ASP C 77 38.15 16.72 -11.26
N ILE C 78 37.56 16.52 -10.08
CA ILE C 78 36.22 17.04 -9.81
C ILE C 78 36.17 18.54 -10.05
N GLN C 79 37.22 19.27 -9.65
CA GLN C 79 37.21 20.71 -9.84
C GLN C 79 37.48 21.09 -11.29
N GLU C 80 38.40 20.40 -11.95
CA GLU C 80 38.57 20.59 -13.38
C GLU C 80 37.27 20.32 -14.13
N LEU C 81 36.55 19.27 -13.73
CA LEU C 81 35.35 18.86 -14.44
C LEU C 81 34.20 19.84 -14.23
N VAL C 82 33.91 20.18 -12.97
CA VAL C 82 32.80 21.09 -12.68
C VAL C 82 33.05 22.45 -13.32
N LYS C 83 34.29 22.94 -13.25
CA LYS C 83 34.59 24.28 -13.74
C LYS C 83 34.34 24.39 -15.24
N MET C 84 34.74 23.37 -16.01
CA MET C 84 34.66 23.49 -17.47
C MET C 84 33.24 23.25 -17.98
N MET C 85 32.49 22.33 -17.36
CA MET C 85 31.31 21.77 -18.00
C MET C 85 29.99 21.99 -17.26
N SER C 86 30.02 22.43 -16.00
CA SER C 86 28.77 22.67 -15.30
C SER C 86 28.09 23.93 -15.82
N PRO C 87 26.83 23.85 -16.16
CA PRO C 87 26.04 24.99 -16.57
C PRO C 87 25.70 25.91 -15.41
N LYS C 88 25.75 25.39 -14.21
CA LYS C 88 25.44 26.16 -13.02
C LYS C 88 26.72 26.73 -12.43
N GLU C 89 26.69 27.02 -11.15
CA GLU C 89 27.84 27.54 -10.42
C GLU C 89 28.95 26.51 -10.16
N ASP C 90 30.10 26.99 -9.79
CA ASP C 90 31.24 26.13 -9.56
C ASP C 90 31.32 25.62 -8.13
N TYR C 91 30.63 26.25 -7.19
CA TYR C 91 30.62 25.84 -5.78
C TYR C 91 29.29 26.26 -5.13
N PRO C 92 28.70 25.39 -4.28
CA PRO C 92 29.24 24.16 -3.70
C PRO C 92 29.02 22.87 -4.49
N ILE C 93 29.90 21.91 -4.25
CA ILE C 93 29.80 20.56 -4.82
C ILE C 93 29.71 19.59 -3.66
N GLU C 94 28.64 18.79 -3.64
CA GLU C 94 28.50 17.69 -2.69
C GLU C 94 28.57 16.38 -3.46
N ILE C 95 29.48 15.50 -3.05
CA ILE C 95 29.66 14.21 -3.69
C ILE C 95 29.70 13.13 -2.63
N GLN C 96 28.95 12.06 -2.86
CA GLN C 96 29.01 10.85 -2.06
C GLN C 96 29.43 9.71 -2.96
N LEU C 97 30.37 8.89 -2.48
CA LEU C 97 30.91 7.76 -3.22
C LEU C 97 30.76 6.50 -2.39
N SER C 98 30.22 5.45 -3.01
CA SER C 98 30.07 4.15 -2.35
C SER C 98 30.54 3.06 -3.29
N THR C 99 31.66 2.42 -2.95
CA THR C 99 32.17 1.30 -3.72
C THR C 99 32.53 0.15 -2.79
N GLY C 100 32.29 -1.07 -3.26
CA GLY C 100 32.58 -2.28 -2.51
C GLY C 100 32.02 -3.51 -3.21
N CYS C 101 31.52 -4.46 -2.42
CA CYS C 101 30.89 -5.65 -2.97
C CYS C 101 30.04 -6.33 -1.92
N GLU C 102 29.08 -7.11 -2.38
CA GLU C 102 28.15 -7.84 -1.51
C GLU C 102 28.56 -9.30 -1.45
N MET C 103 28.82 -9.79 -0.23
CA MET C 103 29.29 -11.15 0.01
C MET C 103 28.17 -12.15 0.18
N TYR C 104 28.16 -13.10 -0.68
CA TYR C 104 27.28 -14.25 -0.61
C TYR C 104 28.04 -15.46 -0.09
N PRO C 105 27.37 -16.35 0.63
CA PRO C 105 27.99 -17.62 1.00
C PRO C 105 28.34 -18.44 -0.24
N GLY C 106 29.58 -18.93 -0.28
CA GLY C 106 30.04 -19.71 -1.41
C GLY C 106 31.10 -19.01 -2.24
N ASN C 107 31.88 -18.14 -1.58
CA ASN C 107 32.94 -17.37 -2.22
C ASN C 107 32.44 -16.51 -3.38
N ALA C 108 31.13 -16.22 -3.41
CA ALA C 108 30.53 -15.43 -4.47
C ALA C 108 30.36 -13.98 -4.01
N SER C 109 30.52 -13.06 -4.96
CA SER C 109 30.46 -11.63 -4.65
C SER C 109 29.96 -10.86 -5.86
N GLU C 110 29.50 -9.64 -5.60
CA GLU C 110 28.93 -8.78 -6.64
C GLU C 110 29.26 -7.34 -6.29
N SER C 111 30.12 -6.72 -7.08
CA SER C 111 30.70 -5.42 -6.74
C SER C 111 29.85 -4.27 -7.27
N PHE C 112 30.24 -3.05 -6.90
CA PHE C 112 29.52 -1.84 -7.27
C PHE C 112 30.39 -0.62 -7.05
N PHE C 113 30.01 0.47 -7.71
CA PHE C 113 30.73 1.74 -7.62
C PHE C 113 29.72 2.84 -7.97
N HIS C 114 29.08 3.43 -6.95
CA HIS C 114 28.00 4.38 -7.14
C HIS C 114 28.42 5.77 -6.69
N VAL C 115 27.92 6.79 -7.39
CA VAL C 115 28.24 8.18 -7.11
C VAL C 115 26.94 8.97 -6.99
N ALA C 116 26.82 9.78 -5.95
CA ALA C 116 25.73 10.72 -5.79
C ALA C 116 26.26 12.13 -5.97
N PHE C 117 25.51 12.94 -6.72
CA PHE C 117 25.88 14.33 -7.03
C PHE C 117 24.82 15.24 -6.45
N GLN C 118 25.25 16.18 -5.60
CA GLN C 118 24.33 17.04 -4.85
C GLN C 118 23.23 16.23 -4.17
N GLY C 119 23.61 15.12 -3.55
CA GLY C 119 22.69 14.32 -2.77
C GLY C 119 21.76 13.41 -3.56
N LYS C 120 22.01 13.21 -4.84
CA LYS C 120 21.16 12.35 -5.66
C LYS C 120 22.04 11.42 -6.48
N TYR C 121 21.72 10.13 -6.42
CA TYR C 121 22.35 9.10 -7.26
C TYR C 121 22.52 9.61 -8.69
N ALA C 122 23.75 9.58 -9.19
CA ALA C 122 24.04 10.30 -10.42
C ALA C 122 24.92 9.51 -11.39
N VAL C 123 26.03 8.94 -10.91
CA VAL C 123 26.94 8.20 -11.76
C VAL C 123 27.18 6.82 -11.15
N ARG C 124 27.58 5.89 -12.01
CA ARG C 124 27.81 4.50 -11.66
C ARG C 124 28.86 3.95 -12.61
N PHE C 125 29.63 2.97 -12.14
CA PHE C 125 30.58 2.25 -12.99
C PHE C 125 30.09 0.82 -13.14
N ARG C 126 29.85 0.40 -14.39
CA ARG C 126 29.47 -0.97 -14.74
C ARG C 126 30.19 -1.40 -16.00
N GLY C 127 30.60 -2.66 -16.04
CA GLY C 127 31.35 -3.19 -17.17
C GLY C 127 32.73 -2.58 -17.30
N THR C 128 32.86 -1.59 -18.19
CA THR C 128 34.15 -0.95 -18.43
C THR C 128 34.05 0.57 -18.47
N SER C 129 32.94 1.17 -18.04
CA SER C 129 32.78 2.61 -18.22
C SER C 129 31.90 3.21 -17.14
N TRP C 130 31.98 4.52 -17.03
CA TRP C 130 31.05 5.29 -16.21
C TRP C 130 29.75 5.53 -16.97
N GLN C 131 28.64 5.50 -16.25
CA GLN C 131 27.32 5.69 -16.83
C GLN C 131 26.50 6.64 -15.98
N ARG C 132 25.80 7.56 -16.62
CA ARG C 132 24.86 8.43 -15.95
C ARG C 132 23.59 7.65 -15.65
N VAL C 133 23.10 7.75 -14.40
CA VAL C 133 21.93 6.98 -14.00
C VAL C 133 20.68 7.79 -14.32
N LEU C 134 19.53 7.11 -14.31
CA LEU C 134 18.24 7.75 -14.57
C LEU C 134 18.02 8.92 -13.64
N GLY C 135 17.64 10.07 -14.22
CA GLY C 135 17.30 11.24 -13.46
C GLY C 135 18.47 12.15 -13.13
N ALA C 136 19.71 11.71 -13.36
CA ALA C 136 20.84 12.58 -13.09
C ALA C 136 20.87 13.72 -14.11
N PRO C 137 21.29 14.92 -13.70
CA PRO C 137 21.29 16.06 -14.63
C PRO C 137 22.03 15.73 -15.91
N SER C 138 21.36 15.96 -17.05
CA SER C 138 21.88 15.52 -18.34
C SER C 138 23.23 16.14 -18.67
N TRP C 139 23.57 17.29 -18.09
CA TRP C 139 24.87 17.89 -18.39
C TRP C 139 26.02 17.01 -17.94
N LEU C 140 25.78 16.09 -17.01
CA LEU C 140 26.81 15.16 -16.56
C LEU C 140 27.29 14.25 -17.68
N ASP C 141 26.53 14.13 -18.77
CA ASP C 141 26.98 13.37 -19.94
C ASP C 141 28.38 13.80 -20.36
N LEU C 142 28.69 15.08 -20.24
CA LEU C 142 29.94 15.57 -20.80
C LEU C 142 31.13 15.22 -19.90
N PRO C 143 31.09 15.48 -18.59
CA PRO C 143 32.20 14.98 -17.74
C PRO C 143 32.32 13.46 -17.73
N ILE C 144 31.20 12.74 -17.87
CA ILE C 144 31.28 11.29 -17.95
C ILE C 144 32.00 10.86 -19.22
N LYS C 145 31.83 11.59 -20.31
CA LYS C 145 32.56 11.25 -21.53
C LYS C 145 34.04 11.56 -21.38
N VAL C 146 34.38 12.67 -20.73
CA VAL C 146 35.78 12.94 -20.41
C VAL C 146 36.36 11.81 -19.58
N LEU C 147 35.68 11.43 -18.50
CA LEU C 147 36.16 10.34 -17.65
C LEU C 147 36.32 9.05 -18.44
N ASN C 148 35.35 8.73 -19.30
CA ASN C 148 35.39 7.49 -20.06
C ASN C 148 36.49 7.49 -21.11
N ALA C 149 37.13 8.63 -21.38
CA ALA C 149 38.28 8.64 -22.28
C ALA C 149 39.56 8.14 -21.63
N ASP C 150 39.56 7.97 -20.30
CA ASP C 150 40.77 7.56 -19.57
C ASP C 150 40.76 6.04 -19.46
N GLN C 151 41.50 5.38 -20.37
CA GLN C 151 41.53 3.92 -20.35
C GLN C 151 42.21 3.39 -19.10
N GLY C 152 43.21 4.11 -18.59
CA GLY C 152 43.96 3.61 -17.45
C GLY C 152 43.16 3.57 -16.17
N THR C 153 42.49 4.69 -15.83
CA THR C 153 41.60 4.70 -14.68
C THR C 153 40.53 3.62 -14.83
N SER C 154 40.00 3.46 -16.04
CA SER C 154 38.98 2.44 -16.28
C SER C 154 39.50 1.05 -15.95
N ALA C 155 40.73 0.73 -16.39
CA ALA C 155 41.28 -0.58 -16.09
C ALA C 155 41.45 -0.80 -14.59
N THR C 156 41.85 0.24 -13.87
CA THR C 156 42.01 0.14 -12.43
C THR C 156 40.68 -0.12 -11.73
N VAL C 157 39.66 0.67 -12.07
CA VAL C 157 38.35 0.52 -11.43
C VAL C 157 37.79 -0.89 -11.68
N GLN C 158 37.99 -1.43 -12.89
CA GLN C 158 37.55 -2.79 -13.16
C GLN C 158 38.31 -3.80 -12.32
N THR C 159 39.62 -3.60 -12.16
CA THR C 159 40.40 -4.49 -11.30
C THR C 159 39.91 -4.43 -9.86
N LEU C 160 39.67 -3.21 -9.36
CA LEU C 160 39.14 -3.06 -8.00
C LEU C 160 37.79 -3.74 -7.86
N LEU C 161 36.92 -3.58 -8.85
CA LEU C 161 35.57 -4.12 -8.74
C LEU C 161 35.58 -5.65 -8.90
N ASN C 162 36.35 -6.16 -9.86
CA ASN C 162 36.33 -7.59 -10.14
C ASN C 162 37.19 -8.38 -9.16
N ASP C 163 38.33 -7.82 -8.75
CA ASP C 163 39.34 -8.60 -8.03
C ASP C 163 39.62 -8.06 -6.63
N THR C 164 40.02 -6.80 -6.51
CA THR C 164 40.39 -6.31 -5.22
C THR C 164 39.34 -6.40 -4.13
N TRP C 165 38.21 -5.80 -4.33
CA TRP C 165 37.18 -5.80 -3.34
C TRP C 165 36.71 -7.19 -2.90
N PRO C 166 36.46 -8.11 -3.83
CA PRO C 166 35.99 -9.42 -3.37
C PRO C 166 37.04 -10.19 -2.57
N GLN C 167 38.31 -10.11 -2.96
CA GLN C 167 39.36 -10.86 -2.28
C GLN C 167 39.73 -10.21 -0.95
N PHE C 168 39.95 -8.90 -0.95
CA PHE C 168 40.25 -8.19 0.28
C PHE C 168 39.21 -8.43 1.36
N ALA C 169 37.92 -8.41 1.00
CA ALA C 169 36.92 -8.49 2.07
C ALA C 169 36.47 -9.92 2.32
N ARG C 170 36.84 -10.85 1.44
CA ARG C 170 36.81 -12.25 1.85
C ARG C 170 37.82 -12.51 2.95
N GLY C 171 38.99 -11.88 2.86
CA GLY C 171 39.95 -11.98 3.96
C GLY C 171 39.48 -11.21 5.19
N LEU C 172 38.96 -10.00 4.98
CA LEU C 172 38.40 -9.23 6.08
C LEU C 172 37.32 -10.04 6.81
N LEU C 173 36.46 -10.70 6.04
CA LEU C 173 35.38 -11.48 6.63
C LEU C 173 35.92 -12.67 7.42
N GLU C 174 37.00 -13.29 6.94
CA GLU C 174 37.60 -14.39 7.67
C GLU C 174 38.31 -13.91 8.93
N ALA C 175 39.03 -12.78 8.83
CA ALA C 175 39.75 -12.28 9.99
C ALA C 175 38.82 -11.69 11.05
N GLY C 176 37.64 -11.23 10.65
CA GLY C 176 36.68 -10.68 11.58
C GLY C 176 35.52 -11.58 11.93
N LYS C 177 35.58 -12.86 11.54
CA LYS C 177 34.41 -13.74 11.64
C LYS C 177 33.89 -13.84 13.07
N SER C 178 34.79 -13.98 14.04
CA SER C 178 34.35 -14.07 15.43
C SER C 178 33.71 -12.77 15.90
N ASP C 179 34.25 -11.64 15.46
CA ASP C 179 33.64 -10.35 15.79
C ASP C 179 32.22 -10.25 15.22
N LEU C 180 32.08 -10.52 13.92
CA LEU C 180 30.78 -10.44 13.27
C LEU C 180 29.81 -11.50 13.78
N GLU C 181 30.26 -12.43 14.61
CA GLU C 181 29.41 -13.45 15.21
C GLU C 181 29.43 -13.43 16.73
N LYS C 182 30.26 -12.59 17.34
CA LYS C 182 30.21 -12.40 18.78
C LYS C 182 28.81 -11.96 19.21
N GLN C 183 28.44 -12.30 20.44
CA GLN C 183 27.05 -12.15 20.87
C GLN C 183 27.00 -11.42 22.20
N GLU C 184 26.31 -10.30 22.22
CA GLU C 184 26.04 -9.53 23.43
C GLU C 184 24.54 -9.54 23.69
N LYS C 185 24.17 -9.60 24.97
CA LYS C 185 22.78 -9.82 25.33
C LYS C 185 22.02 -8.51 25.35
N PRO C 186 20.77 -8.52 24.91
CA PRO C 186 19.92 -7.34 25.09
C PRO C 186 19.60 -7.14 26.57
N VAL C 187 19.32 -5.89 26.92
CA VAL C 187 18.71 -5.53 28.19
C VAL C 187 17.42 -4.81 27.88
N ALA C 188 16.36 -5.14 28.62
CA ALA C 188 15.04 -4.57 28.38
C ALA C 188 14.55 -3.81 29.61
N TRP C 189 13.90 -2.68 29.38
CA TRP C 189 13.19 -1.97 30.42
C TRP C 189 11.93 -1.34 29.82
N LEU C 190 10.97 -1.05 30.68
CA LEU C 190 9.64 -0.59 30.26
C LEU C 190 9.37 0.81 30.76
N SER C 191 8.50 1.52 30.04
CA SER C 191 8.00 2.82 30.43
C SER C 191 6.67 3.04 29.73
N SER C 192 6.04 4.17 30.03
CA SER C 192 4.78 4.52 29.39
C SER C 192 4.66 6.03 29.31
N VAL C 193 3.99 6.50 28.27
CA VAL C 193 3.71 7.92 28.07
C VAL C 193 2.21 8.08 27.85
N PRO C 194 1.60 9.15 28.34
CA PRO C 194 0.20 9.42 28.00
C PRO C 194 0.02 9.56 26.49
N SER C 195 -1.06 8.97 25.99
CA SER C 195 -1.41 9.10 24.58
C SER C 195 -2.38 10.26 24.38
N SER C 196 -2.41 10.77 23.15
CA SER C 196 -3.32 11.86 22.79
C SER C 196 -4.73 11.27 22.60
N ALA C 197 -5.31 10.89 23.73
CA ALA C 197 -6.66 10.35 23.88
C ALA C 197 -6.87 10.06 25.34
N HIS C 198 -8.05 10.38 25.87
CA HIS C 198 -8.32 10.16 27.29
C HIS C 198 -8.33 8.68 27.61
N GLY C 199 -7.70 8.31 28.73
CA GLY C 199 -7.62 6.92 29.11
C GLY C 199 -6.82 6.06 28.17
N HIS C 200 -6.01 6.66 27.30
CA HIS C 200 -5.17 5.94 26.35
C HIS C 200 -3.71 6.08 26.74
N LEU C 201 -2.98 4.97 26.73
CA LEU C 201 -1.61 4.91 27.20
C LEU C 201 -0.74 4.26 26.14
N GLN C 202 0.51 4.70 26.03
CA GLN C 202 1.50 4.09 25.15
C GLN C 202 2.57 3.43 26.00
N LEU C 203 2.60 2.10 26.02
CA LEU C 203 3.68 1.36 26.66
C LEU C 203 4.87 1.26 25.72
N VAL C 204 6.08 1.41 26.28
CA VAL C 204 7.31 1.40 25.50
C VAL C 204 8.22 0.32 26.07
N CYS C 205 8.76 -0.52 25.19
CA CYS C 205 9.70 -1.55 25.57
C CYS C 205 11.06 -1.24 24.98
N HIS C 206 11.98 -0.77 25.82
CA HIS C 206 13.33 -0.43 25.40
C HIS C 206 14.21 -1.67 25.41
N VAL C 207 14.93 -1.90 24.31
CA VAL C 207 15.83 -3.04 24.19
C VAL C 207 17.16 -2.52 23.67
N SER C 208 18.23 -2.71 24.45
CA SER C 208 19.51 -2.09 24.14
C SER C 208 20.67 -3.00 24.52
N GLY C 209 21.75 -2.89 23.74
CA GLY C 209 22.99 -3.57 24.03
C GLY C 209 23.22 -4.87 23.29
N PHE C 210 22.31 -5.27 22.41
CA PHE C 210 22.39 -6.57 21.78
C PHE C 210 23.24 -6.53 20.51
N TYR C 211 23.75 -7.70 20.14
CA TYR C 211 24.50 -7.92 18.90
C TYR C 211 24.52 -9.45 18.64
N PRO C 212 24.30 -9.87 17.38
CA PRO C 212 24.15 -9.01 16.21
C PRO C 212 22.75 -8.43 16.06
N LYS C 213 22.54 -7.69 14.98
CA LYS C 213 21.32 -6.90 14.83
C LYS C 213 20.02 -7.69 14.82
N PRO C 214 19.91 -8.87 14.21
CA PRO C 214 18.61 -9.55 14.16
C PRO C 214 18.07 -9.78 15.57
N VAL C 215 16.84 -9.35 15.79
CA VAL C 215 16.21 -9.40 17.10
C VAL C 215 14.70 -9.34 16.88
N TRP C 216 13.94 -9.74 17.89
CA TRP C 216 12.50 -9.81 17.80
C TRP C 216 11.92 -9.37 19.14
N VAL C 217 11.01 -8.40 19.10
CA VAL C 217 10.45 -7.77 20.29
C VAL C 217 8.95 -7.59 20.07
N MET C 218 8.14 -8.08 21.02
CA MET C 218 6.70 -8.01 20.88
C MET C 218 6.03 -7.79 22.23
N TRP C 219 4.97 -7.01 22.22
CA TRP C 219 4.09 -6.91 23.37
C TRP C 219 3.10 -8.08 23.33
N MET C 220 2.99 -8.79 24.45
CA MET C 220 2.18 -9.99 24.54
C MET C 220 1.10 -9.82 25.60
N ARG C 221 0.03 -10.60 25.44
CA ARG C 221 -0.92 -10.89 26.51
C ARG C 221 -0.96 -12.41 26.61
N GLY C 222 0.08 -12.98 27.24
CA GLY C 222 0.24 -14.41 27.32
C GLY C 222 0.84 -14.99 26.05
N ASP C 223 0.12 -15.89 25.40
CA ASP C 223 0.50 -16.40 24.10
C ASP C 223 -0.04 -15.54 22.96
N GLN C 224 -0.76 -14.46 23.28
CA GLN C 224 -1.40 -13.62 22.27
C GLN C 224 -0.48 -12.47 21.92
N GLU C 225 0.12 -12.53 20.73
CA GLU C 225 0.86 -11.39 20.20
C GLU C 225 -0.09 -10.23 19.97
N GLN C 226 0.24 -9.07 20.54
CA GLN C 226 -0.59 -7.88 20.38
C GLN C 226 -0.21 -7.21 19.07
N GLN C 227 -1.09 -7.31 18.07
CA GLN C 227 -0.78 -6.86 16.73
C GLN C 227 -0.60 -5.34 16.62
N GLY C 228 -1.15 -4.57 17.57
CA GLY C 228 -0.86 -3.14 17.63
C GLY C 228 0.56 -2.80 17.98
N THR C 229 1.42 -3.81 18.19
CA THR C 229 2.84 -3.56 18.40
C THR C 229 3.38 -2.70 17.26
N HIS C 230 4.14 -1.67 17.62
CA HIS C 230 4.79 -0.84 16.62
C HIS C 230 6.26 -0.75 16.95
N ARG C 231 7.10 -1.06 15.98
CA ARG C 231 8.51 -1.26 16.21
C ARG C 231 9.31 -0.15 15.55
N GLY C 232 10.20 0.48 16.33
CA GLY C 232 11.01 1.56 15.83
C GLY C 232 12.19 1.07 15.01
N ASP C 233 13.01 2.03 14.60
CA ASP C 233 14.19 1.72 13.81
C ASP C 233 15.33 1.25 14.72
N PHE C 234 16.30 0.57 14.10
CA PHE C 234 17.52 0.21 14.81
C PHE C 234 18.37 1.45 15.02
N LEU C 235 18.72 1.70 16.27
CA LEU C 235 19.55 2.83 16.62
C LEU C 235 20.90 2.34 17.13
N PRO C 236 22.01 2.88 16.65
CA PRO C 236 23.32 2.39 17.09
C PRO C 236 23.69 2.90 18.47
N ASN C 237 24.35 2.05 19.24
CA ASN C 237 25.06 2.49 20.42
C ASN C 237 26.50 2.79 20.04
N ALA C 238 27.18 3.53 20.92
CA ALA C 238 28.56 3.93 20.61
C ALA C 238 29.48 2.73 20.50
N ASP C 239 29.19 1.65 21.24
CA ASP C 239 30.02 0.45 21.23
C ASP C 239 29.61 -0.54 20.14
N GLU C 240 28.88 -0.08 19.13
CA GLU C 240 28.45 -0.88 17.99
C GLU C 240 27.56 -2.05 18.39
N THR C 241 26.92 -1.97 19.55
CA THR C 241 25.71 -2.73 19.83
C THR C 241 24.52 -1.92 19.30
N TRP C 242 23.31 -2.46 19.46
CA TRP C 242 22.14 -1.83 18.86
C TRP C 242 21.08 -1.50 19.90
N TYR C 243 20.22 -0.55 19.54
CA TYR C 243 19.10 -0.13 20.36
C TYR C 243 17.83 -0.23 19.54
N LEU C 244 16.76 -0.69 20.18
CA LEU C 244 15.46 -0.82 19.53
C LEU C 244 14.39 -0.65 20.60
N GLN C 245 13.24 -0.11 20.20
CA GLN C 245 12.12 -0.06 21.10
C GLN C 245 10.83 -0.34 20.35
N ALA C 246 9.87 -0.92 21.06
CA ALA C 246 8.58 -1.32 20.50
C ALA C 246 7.48 -0.75 21.38
N THR C 247 6.56 -0.02 20.76
CA THR C 247 5.48 0.63 21.48
C THR C 247 4.17 -0.12 21.31
N LEU C 248 3.23 0.15 22.21
CA LEU C 248 1.90 -0.43 22.14
C LEU C 248 0.91 0.57 22.70
N ASP C 249 -0.15 0.86 21.94
CA ASP C 249 -1.22 1.72 22.41
C ASP C 249 -2.26 0.86 23.12
N VAL C 250 -2.57 1.23 24.36
CA VAL C 250 -3.60 0.56 25.14
C VAL C 250 -4.52 1.62 25.74
N GLU C 251 -5.65 1.15 26.27
CA GLU C 251 -6.52 2.00 27.07
C GLU C 251 -6.18 1.82 28.55
N ALA C 252 -6.63 2.77 29.36
CA ALA C 252 -6.32 2.74 30.78
C ALA C 252 -6.92 1.49 31.43
N GLY C 253 -6.05 0.65 31.98
CA GLY C 253 -6.47 -0.60 32.58
C GLY C 253 -5.91 -1.81 31.89
N GLU C 254 -5.78 -1.74 30.56
CA GLU C 254 -5.34 -2.89 29.77
C GLU C 254 -3.88 -3.28 30.01
N GLU C 255 -3.10 -2.45 30.72
CA GLU C 255 -1.68 -2.73 30.86
C GLU C 255 -1.44 -3.97 31.73
N ALA C 256 -2.25 -4.15 32.77
CA ALA C 256 -2.15 -5.32 33.62
C ALA C 256 -2.29 -6.59 32.79
N GLY C 257 -1.28 -7.45 32.85
CA GLY C 257 -1.24 -8.64 32.04
C GLY C 257 -0.30 -8.57 30.86
N LEU C 258 -0.03 -7.38 30.35
CA LEU C 258 0.84 -7.24 29.18
C LEU C 258 2.30 -7.46 29.55
N ALA C 259 3.02 -8.12 28.65
CA ALA C 259 4.44 -8.35 28.81
C ALA C 259 5.16 -7.94 27.54
N CYS C 260 6.43 -7.59 27.69
CA CYS C 260 7.33 -7.41 26.56
C CYS C 260 8.19 -8.65 26.45
N ARG C 261 8.17 -9.30 25.30
CA ARG C 261 8.94 -10.50 25.05
C ARG C 261 10.06 -10.18 24.05
N VAL C 262 11.30 -10.46 24.45
CA VAL C 262 12.46 -10.24 23.61
C VAL C 262 13.09 -11.60 23.32
N LYS C 263 13.24 -11.93 22.04
CA LYS C 263 13.93 -13.11 21.58
C LYS C 263 15.15 -12.67 20.80
N HIS C 264 16.33 -13.12 21.22
CA HIS C 264 17.57 -12.80 20.53
C HIS C 264 18.46 -14.03 20.60
N SER C 265 19.30 -14.20 19.59
CA SER C 265 20.17 -15.36 19.55
C SER C 265 21.17 -15.39 20.70
N SER C 266 21.27 -14.32 21.49
CA SER C 266 22.22 -14.26 22.60
C SER C 266 21.72 -14.93 23.87
N LEU C 267 20.44 -15.24 23.95
CA LEU C 267 19.84 -15.79 25.17
C LEU C 267 19.58 -17.28 25.09
N GLY C 268 20.17 -17.97 24.11
CA GLY C 268 19.79 -19.33 23.82
C GLY C 268 18.34 -19.41 23.38
N GLY C 269 17.52 -20.08 24.17
CA GLY C 269 16.09 -20.11 23.91
C GLY C 269 15.32 -19.47 25.04
N GLN C 270 16.02 -18.78 25.93
CA GLN C 270 15.43 -18.16 27.10
C GLN C 270 15.07 -16.72 26.74
N ASP C 271 13.83 -16.53 26.30
CA ASP C 271 13.33 -15.20 26.03
C ASP C 271 13.40 -14.32 27.28
N ILE C 272 13.49 -13.02 27.07
CA ILE C 272 13.26 -12.05 28.13
C ILE C 272 11.76 -11.77 28.15
N ILE C 273 11.13 -12.01 29.29
CA ILE C 273 9.72 -11.71 29.47
C ILE C 273 9.64 -10.69 30.60
N LEU C 274 9.23 -9.47 30.27
CA LEU C 274 9.11 -8.38 31.22
C LEU C 274 7.64 -7.99 31.30
N TYR C 275 7.04 -8.20 32.47
CA TYR C 275 5.64 -7.85 32.69
C TYR C 275 5.54 -6.41 33.16
N TRP C 276 4.52 -5.71 32.68
CA TRP C 276 4.24 -4.38 33.18
C TRP C 276 3.66 -4.48 34.59
N GLN D 2 17.88 19.76 -0.33
CA GLN D 2 17.98 20.07 1.08
C GLN D 2 16.98 19.23 1.89
N LYS D 3 17.50 18.45 2.83
CA LYS D 3 16.69 17.55 3.64
C LYS D 3 16.83 17.88 5.11
N THR D 4 15.71 17.84 5.84
CA THR D 4 15.73 18.22 7.24
C THR D 4 16.13 17.03 8.12
N PRO D 5 16.92 17.26 9.17
CA PRO D 5 17.38 16.15 10.00
C PRO D 5 16.32 15.66 10.98
N GLN D 6 16.34 14.35 11.21
CA GLN D 6 15.57 13.74 12.30
C GLN D 6 16.50 13.45 13.46
N ILE D 7 16.00 13.69 14.68
CA ILE D 7 16.81 13.61 15.90
C ILE D 7 16.14 12.64 16.85
N GLN D 8 16.90 11.65 17.32
CA GLN D 8 16.42 10.67 18.28
C GLN D 8 17.37 10.61 19.45
N VAL D 9 16.84 10.76 20.66
CA VAL D 9 17.63 10.79 21.88
C VAL D 9 17.22 9.61 22.75
N TYR D 10 18.21 8.94 23.34
CA TYR D 10 17.97 7.68 24.05
C TYR D 10 19.21 7.33 24.86
N SER D 11 19.02 6.47 25.86
CA SER D 11 20.09 6.10 26.76
C SER D 11 20.63 4.70 26.43
N ARG D 12 21.93 4.51 26.71
CA ARG D 12 22.59 3.24 26.42
C ARG D 12 22.10 2.12 27.34
N HIS D 13 21.84 2.45 28.60
CA HIS D 13 21.39 1.52 29.61
C HIS D 13 20.05 1.97 30.19
N PRO D 14 19.35 1.10 30.92
CA PRO D 14 18.13 1.55 31.61
C PRO D 14 18.43 2.70 32.56
N PRO D 15 17.63 3.75 32.55
CA PRO D 15 17.92 4.91 33.40
C PRO D 15 17.62 4.65 34.87
N GLU D 16 18.57 5.07 35.71
CA GLU D 16 18.41 5.03 37.17
C GLU D 16 19.02 6.30 37.72
N ASN D 17 18.24 7.05 38.50
CA ASN D 17 18.74 8.28 39.08
C ASN D 17 19.95 8.00 39.95
N GLY D 18 20.97 8.86 39.84
CA GLY D 18 22.22 8.68 40.55
C GLY D 18 23.22 7.76 39.90
N LYS D 19 22.83 6.99 38.89
CA LYS D 19 23.74 6.02 38.27
C LYS D 19 24.27 6.57 36.96
N PRO D 20 25.60 6.65 36.79
CA PRO D 20 26.16 7.09 35.50
C PRO D 20 25.63 6.25 34.34
N ASN D 21 25.49 6.91 33.19
CA ASN D 21 24.90 6.31 32.00
C ASN D 21 25.51 7.01 30.79
N ILE D 22 25.02 6.67 29.61
CA ILE D 22 25.47 7.28 28.36
C ILE D 22 24.25 7.72 27.57
N LEU D 23 24.22 9.00 27.18
CA LEU D 23 23.13 9.55 26.40
C LEU D 23 23.51 9.59 24.93
N ASN D 24 22.62 9.07 24.08
CA ASN D 24 22.84 9.01 22.64
C ASN D 24 21.97 10.04 21.94
N CYS D 25 22.49 10.62 20.86
CA CYS D 25 21.73 11.49 19.98
C CYS D 25 22.04 11.09 18.54
N TYR D 26 21.07 10.47 17.89
CA TYR D 26 21.24 9.90 16.55
C TYR D 26 20.53 10.80 15.55
N VAL D 27 21.28 11.38 14.62
CA VAL D 27 20.78 12.39 13.69
C VAL D 27 20.89 11.85 12.28
N THR D 28 19.77 11.80 11.57
CA THR D 28 19.70 11.16 10.26
C THR D 28 19.01 12.06 9.25
N GLN D 29 19.04 11.63 7.99
CA GLN D 29 18.19 12.09 6.90
C GLN D 29 18.52 13.50 6.41
N PHE D 30 19.60 14.11 6.87
CA PHE D 30 19.87 15.50 6.52
C PHE D 30 20.76 15.59 5.28
N HIS D 31 20.60 16.70 4.56
CA HIS D 31 21.47 17.04 3.44
C HIS D 31 21.45 18.55 3.28
N PRO D 32 22.63 19.17 3.06
CA PRO D 32 23.98 18.61 2.87
C PRO D 32 24.61 18.17 4.20
N PRO D 33 25.78 17.50 4.16
CA PRO D 33 26.30 16.86 5.39
C PRO D 33 26.77 17.84 6.46
N HIS D 34 27.01 19.11 6.11
CA HIS D 34 27.48 20.07 7.11
C HIS D 34 26.40 20.28 8.17
N ILE D 35 26.76 20.09 9.44
CA ILE D 35 25.77 20.07 10.51
C ILE D 35 26.47 20.41 11.81
N GLU D 36 25.72 20.95 12.77
CA GLU D 36 26.23 21.29 14.08
C GLU D 36 25.34 20.64 15.13
N ILE D 37 25.93 19.78 15.96
CA ILE D 37 25.18 18.99 16.91
C ILE D 37 25.77 19.22 18.29
N GLN D 38 24.93 19.64 19.23
CA GLN D 38 25.33 19.81 20.62
C GLN D 38 24.44 18.94 21.48
N MET D 39 24.95 18.59 22.66
CA MET D 39 24.16 17.95 23.69
C MET D 39 24.19 18.83 24.93
N LEU D 40 23.01 19.08 25.50
CA LEU D 40 22.84 20.08 26.54
C LEU D 40 22.42 19.44 27.85
N LYS D 41 22.90 20.00 28.95
CA LYS D 41 22.42 19.68 30.29
C LYS D 41 21.98 20.99 30.93
N ASN D 42 20.68 21.11 31.21
CA ASN D 42 20.08 22.32 31.75
C ASN D 42 20.37 23.52 30.86
N GLY D 43 20.28 23.32 29.54
CA GLY D 43 20.48 24.38 28.57
C GLY D 43 21.91 24.72 28.25
N LYS D 44 22.89 24.20 29.00
CA LYS D 44 24.29 24.50 28.78
C LYS D 44 24.96 23.36 28.00
N LYS D 45 25.79 23.73 27.03
CA LYS D 45 26.50 22.75 26.23
C LYS D 45 27.36 21.85 27.11
N ILE D 46 27.37 20.55 26.81
CA ILE D 46 28.19 19.58 27.50
C ILE D 46 29.54 19.51 26.78
N PRO D 47 30.66 19.74 27.46
CA PRO D 47 31.93 19.86 26.74
C PRO D 47 32.45 18.56 26.15
N LYS D 48 32.27 17.43 26.86
CA LYS D 48 32.82 16.15 26.43
C LYS D 48 31.74 15.38 25.67
N VAL D 49 31.63 15.67 24.38
CA VAL D 49 30.69 14.99 23.49
C VAL D 49 31.46 14.41 22.32
N GLU D 50 31.36 13.10 22.13
CA GLU D 50 32.04 12.42 21.06
C GLU D 50 31.09 12.14 19.90
N MET D 51 31.60 12.31 18.69
CA MET D 51 30.84 12.10 17.47
C MET D 51 31.40 10.92 16.70
N SER D 52 30.53 10.23 15.98
CA SER D 52 30.96 9.20 15.05
C SER D 52 31.35 9.84 13.73
N ASP D 53 32.10 9.09 12.93
CA ASP D 53 32.46 9.57 11.59
C ASP D 53 31.21 9.72 10.74
N MET D 54 31.17 10.78 9.93
CA MET D 54 30.04 10.99 9.04
C MET D 54 29.89 9.79 8.09
N SER D 55 28.69 9.25 8.02
CA SER D 55 28.40 8.12 7.15
C SER D 55 27.04 8.35 6.50
N PHE D 56 26.63 7.41 5.65
CA PHE D 56 25.32 7.49 5.05
C PHE D 56 24.84 6.08 4.72
N SER D 57 23.54 5.97 4.48
CA SER D 57 22.93 4.69 4.19
C SER D 57 22.99 4.38 2.69
N LYS D 58 22.41 3.25 2.30
CA LYS D 58 22.38 2.88 0.88
C LYS D 58 21.54 3.85 0.06
N ASP D 59 20.55 4.49 0.69
CA ASP D 59 19.73 5.50 0.02
C ASP D 59 20.33 6.90 0.12
N TRP D 60 21.62 7.00 0.43
CA TRP D 60 22.40 8.23 0.49
C TRP D 60 22.02 9.14 1.64
N SER D 61 21.17 8.68 2.56
CA SER D 61 20.80 9.47 3.73
C SER D 61 21.96 9.53 4.72
N PHE D 62 22.43 10.73 5.02
CA PHE D 62 23.48 10.88 6.02
C PHE D 62 22.98 10.48 7.41
N TYR D 63 23.91 10.03 8.24
CA TYR D 63 23.60 9.72 9.63
C TYR D 63 24.86 9.89 10.45
N ILE D 64 24.68 10.33 11.70
CA ILE D 64 25.80 10.57 12.61
C ILE D 64 25.31 10.34 14.03
N LEU D 65 26.17 9.72 14.84
CA LEU D 65 25.85 9.44 16.24
C LEU D 65 26.69 10.32 17.15
N ALA D 66 26.03 11.03 18.05
CA ALA D 66 26.67 11.78 19.12
C ALA D 66 26.31 11.14 20.45
N HIS D 67 27.27 11.11 21.37
CA HIS D 67 27.01 10.50 22.67
C HIS D 67 27.85 11.18 23.73
N THR D 68 27.40 11.08 24.98
CA THR D 68 28.10 11.69 26.10
C THR D 68 27.72 10.96 27.38
N GLU D 69 28.63 11.00 28.35
CA GLU D 69 28.34 10.45 29.67
C GLU D 69 27.33 11.36 30.38
N PHE D 70 26.39 10.75 31.09
CA PHE D 70 25.43 11.56 31.83
C PHE D 70 24.84 10.75 32.97
N THR D 71 24.34 11.48 33.95
CA THR D 71 23.70 10.90 35.10
C THR D 71 22.25 11.39 35.26
N PRO D 72 21.28 10.46 34.93
CA PRO D 72 19.91 10.91 35.13
C PRO D 72 19.64 11.29 36.58
N THR D 73 18.78 12.27 36.74
CA THR D 73 18.45 12.83 38.02
C THR D 73 17.00 13.28 38.03
N GLU D 74 16.59 13.79 39.15
CA GLU D 74 15.21 14.27 39.31
C GLU D 74 14.98 15.68 38.78
N THR D 75 16.03 16.48 38.63
CA THR D 75 15.88 17.89 38.26
C THR D 75 16.59 18.29 36.97
N ASP D 76 17.60 17.54 36.54
CA ASP D 76 18.37 17.92 35.37
C ASP D 76 17.62 17.58 34.09
N THR D 77 17.62 18.52 33.15
CA THR D 77 17.11 18.27 31.81
C THR D 77 18.27 18.04 30.86
N TYR D 78 18.06 17.15 29.89
CA TYR D 78 19.07 16.79 28.91
C TYR D 78 18.48 16.92 27.52
N ALA D 79 19.27 17.45 26.59
CA ALA D 79 18.75 17.77 25.28
C ALA D 79 19.82 17.62 24.21
N CYS D 80 19.37 17.39 22.99
CA CYS D 80 20.21 17.43 21.80
C CYS D 80 19.68 18.52 20.89
N ARG D 81 20.57 19.42 20.46
CA ARG D 81 20.20 20.58 19.67
C ARG D 81 21.00 20.59 18.37
N VAL D 82 20.30 20.78 17.25
CA VAL D 82 20.89 20.60 15.92
C VAL D 82 20.62 21.85 15.09
N LYS D 83 21.70 22.45 14.57
CA LYS D 83 21.60 23.56 13.63
C LYS D 83 21.95 23.05 12.23
N HIS D 84 21.00 23.15 11.31
CA HIS D 84 21.20 22.71 9.93
C HIS D 84 20.55 23.70 9.00
N ALA D 85 21.19 23.93 7.85
CA ALA D 85 20.75 24.95 6.90
C ALA D 85 19.38 24.64 6.29
N SER D 86 18.85 23.44 6.49
CA SER D 86 17.49 23.14 6.06
C SER D 86 16.44 23.71 6.99
N MET D 87 16.83 24.17 8.19
CA MET D 87 15.90 24.63 9.20
C MET D 87 16.18 26.09 9.56
N ALA D 88 15.10 26.87 9.71
CA ALA D 88 15.25 28.28 10.03
C ALA D 88 15.76 28.49 11.46
N GLU D 89 15.41 27.59 12.37
CA GLU D 89 15.79 27.66 13.77
C GLU D 89 16.53 26.39 14.17
N PRO D 90 17.36 26.46 15.22
CA PRO D 90 17.92 25.22 15.78
C PRO D 90 16.81 24.34 16.35
N LYS D 91 16.91 23.04 16.10
CA LYS D 91 15.93 22.08 16.60
C LYS D 91 16.50 21.41 17.85
N THR D 92 15.76 21.52 18.94
CA THR D 92 16.12 20.89 20.21
C THR D 92 15.07 19.84 20.54
N VAL D 93 15.52 18.62 20.81
CA VAL D 93 14.64 17.59 21.34
C VAL D 93 15.21 17.13 22.67
N TYR D 94 14.37 17.08 23.68
CA TYR D 94 14.79 16.80 25.04
C TYR D 94 14.73 15.30 25.31
N TRP D 95 15.63 14.84 26.17
CA TRP D 95 15.59 13.45 26.59
C TRP D 95 14.37 13.22 27.48
N ASP D 96 13.60 12.18 27.14
CA ASP D 96 12.40 11.81 27.87
C ASP D 96 12.50 10.31 28.12
N ARG D 97 12.87 9.94 29.36
CA ARG D 97 13.12 8.54 29.67
C ARG D 97 11.88 7.68 29.54
N ASP D 98 10.68 8.29 29.57
CA ASP D 98 9.46 7.52 29.42
C ASP D 98 9.17 7.22 27.95
N MET D 99 9.64 8.07 27.04
CA MET D 99 9.54 7.81 25.60
C MET D 99 10.15 6.46 25.27
N ASN E 4 -15.90 4.53 3.97
CA ASN E 4 -15.87 5.54 2.91
C ASN E 4 -15.66 6.96 3.45
N TYR E 5 -14.78 7.70 2.79
CA TYR E 5 -14.39 9.06 3.16
C TYR E 5 -14.35 9.91 1.89
N THR E 6 -14.99 11.08 1.94
CA THR E 6 -14.94 12.02 0.83
C THR E 6 -13.92 13.10 1.13
N PHE E 7 -13.00 13.30 0.19
CA PHE E 7 -12.03 14.39 0.21
C PHE E 7 -12.59 15.53 -0.63
N ARG E 8 -12.70 16.73 -0.04
CA ARG E 8 -13.48 17.82 -0.63
C ARG E 8 -12.72 19.13 -0.51
N CYS E 9 -12.50 19.80 -1.64
CA CYS E 9 -12.09 21.19 -1.66
CA CYS E 9 -12.09 21.20 -1.66
C CYS E 9 -13.33 22.03 -1.97
N LEU E 10 -13.74 22.86 -1.01
CA LEU E 10 -14.99 23.61 -1.11
C LEU E 10 -14.66 25.09 -1.21
N GLN E 11 -14.99 25.69 -2.35
CA GLN E 11 -14.65 27.08 -2.64
C GLN E 11 -15.91 27.91 -2.79
N THR E 12 -15.95 29.04 -2.09
CA THR E 12 -17.06 30.00 -2.18
C THR E 12 -16.52 31.31 -2.74
N SER E 13 -17.02 31.71 -3.90
CA SER E 13 -16.58 32.93 -4.56
C SER E 13 -17.77 33.86 -4.76
N SER E 14 -17.59 35.12 -4.38
CA SER E 14 -18.64 36.13 -4.50
C SER E 14 -18.10 37.28 -5.35
N PHE E 15 -18.85 37.64 -6.39
CA PHE E 15 -18.54 38.76 -7.26
C PHE E 15 -19.72 39.73 -7.15
N ALA E 16 -19.60 40.70 -6.25
CA ALA E 16 -20.70 41.62 -6.01
C ALA E 16 -20.84 42.63 -7.16
N ASN E 17 -19.73 43.22 -7.58
CA ASN E 17 -19.73 44.19 -8.66
C ASN E 17 -18.34 44.22 -9.31
N ILE E 18 -18.08 45.27 -10.10
CA ILE E 18 -16.90 45.27 -10.96
C ILE E 18 -15.61 45.21 -10.15
N SER E 19 -15.62 45.81 -8.96
CA SER E 19 -14.39 46.03 -8.22
C SER E 19 -14.27 45.18 -6.97
N TRP E 20 -15.30 44.40 -6.65
CA TRP E 20 -15.34 43.66 -5.38
C TRP E 20 -15.57 42.17 -5.67
N SER E 21 -14.56 41.36 -5.39
CA SER E 21 -14.68 39.91 -5.41
C SER E 21 -13.98 39.33 -4.19
N ARG E 22 -14.37 38.11 -3.84
CA ARG E 22 -13.80 37.44 -2.68
C ARG E 22 -13.98 35.94 -2.87
N THR E 23 -12.90 35.19 -2.66
CA THR E 23 -12.91 33.74 -2.80
C THR E 23 -12.32 33.12 -1.55
N ASP E 24 -13.14 32.35 -0.84
CA ASP E 24 -12.73 31.66 0.37
C ASP E 24 -12.93 30.17 0.20
N SER E 25 -11.95 29.38 0.67
CA SER E 25 -11.95 27.95 0.43
C SER E 25 -11.47 27.19 1.67
N LEU E 26 -11.88 25.93 1.73
CA LEU E 26 -11.43 25.01 2.78
C LEU E 26 -11.46 23.61 2.22
N ILE E 27 -10.67 22.73 2.84
CA ILE E 27 -10.58 21.33 2.43
C ILE E 27 -10.97 20.46 3.62
N LEU E 28 -11.84 19.49 3.37
CA LEU E 28 -12.29 18.56 4.38
C LEU E 28 -12.02 17.13 3.92
N LEU E 29 -11.80 16.25 4.89
CA LEU E 29 -11.69 14.82 4.65
C LEU E 29 -12.63 14.14 5.64
N GLY E 30 -13.70 13.52 5.13
CA GLY E 30 -14.77 13.12 6.02
C GLY E 30 -15.40 14.37 6.60
N ASP E 31 -15.47 14.44 7.94
CA ASP E 31 -16.01 15.60 8.63
C ASP E 31 -14.93 16.37 9.39
N LEU E 32 -13.66 16.21 9.02
CA LEU E 32 -12.56 16.92 9.65
C LEU E 32 -11.94 17.88 8.65
N GLN E 33 -11.86 19.16 9.03
CA GLN E 33 -11.21 20.14 8.18
C GLN E 33 -9.69 19.93 8.20
N THR E 34 -9.08 19.96 7.02
CA THR E 34 -7.64 19.76 6.88
C THR E 34 -6.90 20.99 6.38
N HIS E 35 -7.54 21.87 5.62
CA HIS E 35 -6.87 23.07 5.11
C HIS E 35 -7.83 24.24 5.10
N ARG E 36 -7.24 25.44 5.09
CA ARG E 36 -7.96 26.70 5.12
C ARG E 36 -7.30 27.64 4.11
N TRP E 37 -8.12 28.37 3.35
CA TRP E 37 -7.58 29.41 2.47
C TRP E 37 -8.59 30.55 2.41
N SER E 38 -8.45 31.50 3.32
CA SER E 38 -9.25 32.72 3.29
C SER E 38 -8.74 33.66 2.19
N ASN E 39 -9.62 34.58 1.78
CA ASN E 39 -9.26 35.55 0.76
C ASN E 39 -8.11 36.46 1.21
N ASP E 40 -7.98 36.69 2.52
CA ASP E 40 -6.84 37.49 3.01
C ASP E 40 -5.52 36.90 2.57
N SER E 41 -5.36 35.59 2.75
N SER E 41 -5.36 35.59 2.73
CA SER E 41 -4.05 34.95 2.71
CA SER E 41 -4.05 34.95 2.71
C SER E 41 -3.61 34.64 1.28
C SER E 41 -3.61 34.62 1.29
N ALA E 42 -2.30 34.65 1.09
CA ALA E 42 -1.68 34.23 -0.16
C ALA E 42 -1.31 32.75 -0.14
N ILE E 43 -1.34 32.11 1.02
CA ILE E 43 -0.91 30.73 1.20
C ILE E 43 -2.05 29.94 1.83
N ILE E 44 -2.12 28.66 1.48
CA ILE E 44 -3.09 27.76 2.10
C ILE E 44 -2.49 27.22 3.39
N SER E 45 -3.27 27.22 4.46
CA SER E 45 -2.81 26.82 5.78
C SER E 45 -3.27 25.39 6.09
N PHE E 46 -2.56 24.78 7.02
CA PHE E 46 -2.96 23.51 7.60
C PHE E 46 -3.85 23.77 8.81
N THR E 47 -4.89 22.94 8.97
CA THR E 47 -5.74 22.98 10.16
C THR E 47 -5.62 21.73 11.00
N LYS E 48 -4.69 20.85 10.65
CA LYS E 48 -4.39 19.63 11.40
C LYS E 48 -2.89 19.39 11.32
N PRO E 49 -2.32 18.68 12.28
CA PRO E 49 -0.88 18.36 12.19
C PRO E 49 -0.54 17.42 11.05
N TRP E 50 -1.51 16.69 10.51
CA TRP E 50 -1.27 15.74 9.42
C TRP E 50 -1.74 16.24 8.07
N SER E 51 -1.98 17.55 7.94
CA SER E 51 -2.60 18.09 6.74
C SER E 51 -1.68 18.07 5.52
N GLN E 52 -0.37 17.92 5.69
CA GLN E 52 0.48 17.73 4.53
C GLN E 52 0.34 16.34 3.91
N GLY E 53 -0.39 15.42 4.57
CA GLY E 53 -0.54 14.08 4.02
C GLY E 53 0.80 13.36 3.97
N LYS E 54 1.00 12.63 2.88
CA LYS E 54 2.27 11.98 2.60
C LYS E 54 3.11 12.81 1.63
N LEU E 55 2.68 14.04 1.31
CA LEU E 55 3.39 14.89 0.37
C LEU E 55 4.80 15.25 0.84
N SER E 56 5.72 15.32 -0.12
CA SER E 56 6.96 16.00 0.15
C SER E 56 6.69 17.49 0.39
N ASN E 57 7.54 18.07 1.26
CA ASN E 57 7.62 19.51 1.37
C ASN E 57 7.72 20.15 -0.02
N GLN E 58 8.51 19.56 -0.91
CA GLN E 58 8.75 20.16 -2.23
C GLN E 58 7.50 20.15 -3.11
N GLN E 59 6.73 19.06 -3.09
CA GLN E 59 5.55 19.00 -3.94
C GLN E 59 4.31 19.59 -3.28
N TRP E 60 4.24 19.59 -1.95
CA TRP E 60 3.21 20.39 -1.30
C TRP E 60 3.32 21.85 -1.73
N GLU E 61 4.56 22.34 -1.86
CA GLU E 61 4.78 23.72 -2.29
C GLU E 61 4.34 23.96 -3.73
N LYS E 62 4.50 22.98 -4.62
CA LYS E 62 4.04 23.19 -5.98
C LYS E 62 2.53 23.02 -6.08
N LEU E 63 1.96 22.05 -5.36
CA LEU E 63 0.51 21.99 -5.23
C LEU E 63 -0.04 23.31 -4.72
N GLN E 64 0.64 23.91 -3.74
CA GLN E 64 0.18 25.17 -3.18
C GLN E 64 0.39 26.32 -4.15
N HIS E 65 1.49 26.30 -4.89
CA HIS E 65 1.70 27.34 -5.91
C HIS E 65 0.66 27.24 -7.01
N MET E 66 0.26 26.02 -7.37
CA MET E 66 -0.82 25.85 -8.34
C MET E 66 -2.09 26.54 -7.88
N PHE E 67 -2.47 26.33 -6.61
CA PHE E 67 -3.61 27.03 -6.04
C PHE E 67 -3.45 28.54 -6.16
N GLN E 68 -2.24 29.06 -5.92
CA GLN E 68 -2.02 30.50 -5.97
C GLN E 68 -2.23 31.06 -7.37
N VAL E 69 -1.64 30.41 -8.38
CA VAL E 69 -1.90 30.79 -9.76
C VAL E 69 -3.39 30.72 -10.05
N TYR E 70 -4.05 29.65 -9.58
CA TYR E 70 -5.43 29.38 -9.97
C TYR E 70 -6.38 30.47 -9.46
N ARG E 71 -6.15 30.97 -8.24
CA ARG E 71 -7.13 31.87 -7.66
C ARG E 71 -7.19 33.19 -8.42
N VAL E 72 -6.04 33.78 -8.73
CA VAL E 72 -6.02 35.01 -9.53
C VAL E 72 -6.60 34.75 -10.90
N SER E 73 -6.20 33.65 -11.53
CA SER E 73 -6.69 33.33 -12.87
C SER E 73 -8.20 33.18 -12.87
N PHE E 74 -8.74 32.45 -11.89
CA PHE E 74 -10.18 32.29 -11.77
C PHE E 74 -10.89 33.63 -11.65
N THR E 75 -10.37 34.50 -10.79
CA THR E 75 -11.00 35.79 -10.57
C THR E 75 -11.06 36.61 -11.86
N ARG E 76 -9.94 36.67 -12.59
CA ARG E 76 -9.89 37.42 -13.85
C ARG E 76 -10.70 36.73 -14.93
N ASP E 77 -10.63 35.40 -14.97
CA ASP E 77 -11.48 34.65 -15.89
C ASP E 77 -12.95 35.05 -15.75
N ILE E 78 -13.51 34.88 -14.55
CA ILE E 78 -14.92 35.19 -14.32
C ILE E 78 -15.25 36.63 -14.74
N GLN E 79 -14.29 37.56 -14.61
CA GLN E 79 -14.58 38.96 -14.88
C GLN E 79 -14.72 39.26 -16.37
N GLU E 80 -13.90 38.63 -17.22
CA GLU E 80 -14.01 38.79 -18.66
C GLU E 80 -15.11 37.92 -19.25
N LEU E 81 -15.24 36.67 -18.78
CA LEU E 81 -16.41 35.86 -19.14
C LEU E 81 -17.70 36.63 -18.90
N VAL E 82 -17.74 37.42 -17.82
CA VAL E 82 -18.90 38.24 -17.53
C VAL E 82 -18.97 39.45 -18.46
N LYS E 83 -17.82 39.98 -18.87
CA LYS E 83 -17.85 41.08 -19.83
C LYS E 83 -18.36 40.62 -21.19
N MET E 84 -18.07 39.36 -21.57
CA MET E 84 -18.62 38.82 -22.80
C MET E 84 -20.13 38.62 -22.72
N MET E 85 -20.69 38.49 -21.52
CA MET E 85 -22.10 38.20 -21.34
C MET E 85 -22.93 39.44 -21.06
N SER E 86 -22.32 40.61 -20.95
CA SER E 86 -23.05 41.84 -20.72
C SER E 86 -24.05 42.08 -21.85
N PRO E 87 -25.32 42.33 -21.49
CA PRO E 87 -25.75 42.36 -20.08
C PRO E 87 -26.73 41.24 -19.69
N LYS E 88 -26.84 40.20 -20.54
CA LYS E 88 -27.78 39.11 -20.24
C LYS E 88 -27.42 38.40 -18.93
N GLU E 89 -26.14 38.35 -18.58
CA GLU E 89 -25.67 37.90 -17.28
C GLU E 89 -24.78 38.99 -16.70
N ASP E 90 -24.98 39.30 -15.42
CA ASP E 90 -24.27 40.42 -14.79
C ASP E 90 -24.13 40.17 -13.29
N TYR E 91 -23.33 41.03 -12.66
CA TYR E 91 -23.18 41.04 -11.20
C TYR E 91 -24.54 41.28 -10.52
N PRO E 92 -24.74 40.71 -9.31
CA PRO E 92 -23.75 39.92 -8.59
C PRO E 92 -23.65 38.47 -9.06
N ILE E 93 -22.52 37.82 -8.82
CA ILE E 93 -22.30 36.42 -9.19
C ILE E 93 -21.87 35.67 -7.95
N GLU E 94 -22.50 34.52 -7.70
CA GLU E 94 -22.15 33.64 -6.60
C GLU E 94 -21.82 32.27 -7.18
N ILE E 95 -20.57 31.86 -7.04
CA ILE E 95 -20.12 30.54 -7.50
C ILE E 95 -19.72 29.71 -6.29
N GLN E 96 -20.17 28.46 -6.28
CA GLN E 96 -19.64 27.43 -5.39
C GLN E 96 -18.95 26.37 -6.23
N LEU E 97 -17.77 25.96 -5.79
CA LEU E 97 -16.96 24.95 -6.46
C LEU E 97 -16.67 23.83 -5.49
N SER E 98 -16.83 22.58 -5.94
CA SER E 98 -16.53 21.41 -5.12
C SER E 98 -15.79 20.40 -5.98
N THR E 99 -14.52 20.15 -5.66
CA THR E 99 -13.72 19.16 -6.35
C THR E 99 -12.98 18.29 -5.35
N GLY E 100 -12.73 17.04 -5.73
CA GLY E 100 -12.07 16.09 -4.86
C GLY E 100 -12.32 14.66 -5.30
N CYS E 101 -12.47 13.75 -4.34
CA CYS E 101 -12.70 12.36 -4.70
C CYS E 101 -13.23 11.61 -3.49
N GLU E 102 -14.12 10.66 -3.75
CA GLU E 102 -14.65 9.79 -2.70
C GLU E 102 -13.78 8.54 -2.58
N MET E 103 -13.30 8.28 -1.38
CA MET E 103 -12.37 7.20 -1.11
C MET E 103 -13.13 5.96 -0.66
N TYR E 104 -12.98 4.87 -1.41
CA TYR E 104 -13.63 3.59 -1.20
C TYR E 104 -12.61 2.56 -0.69
N PRO E 105 -13.08 1.47 -0.07
CA PRO E 105 -12.13 0.46 0.41
C PRO E 105 -11.56 -0.36 -0.74
N GLY E 106 -10.28 -0.67 -0.62
CA GLY E 106 -9.55 -1.36 -1.65
C GLY E 106 -8.80 -0.48 -2.61
N ASN E 107 -8.30 0.69 -2.15
CA ASN E 107 -7.54 1.62 -2.98
C ASN E 107 -8.34 2.10 -4.20
N ALA E 108 -9.66 2.18 -4.06
CA ALA E 108 -10.53 2.66 -5.12
C ALA E 108 -11.06 4.04 -4.77
N SER E 109 -11.15 4.91 -5.77
CA SER E 109 -11.67 6.26 -5.56
C SER E 109 -12.36 6.72 -6.83
N GLU E 110 -13.21 7.75 -6.68
CA GLU E 110 -13.90 8.35 -7.81
C GLU E 110 -13.87 9.86 -7.64
N SER E 111 -13.28 10.55 -8.61
CA SER E 111 -13.05 12.00 -8.54
C SER E 111 -14.20 12.78 -9.16
N PHE E 112 -14.28 14.06 -8.80
CA PHE E 112 -15.35 14.93 -9.27
C PHE E 112 -14.86 16.37 -9.31
N PHE E 113 -15.58 17.21 -10.06
CA PHE E 113 -15.32 18.64 -10.14
C PHE E 113 -16.65 19.32 -10.48
N HIS E 114 -17.34 19.85 -9.47
CA HIS E 114 -18.69 20.38 -9.61
C HIS E 114 -18.69 21.88 -9.34
N VAL E 115 -19.45 22.63 -10.14
CA VAL E 115 -19.57 24.08 -10.01
C VAL E 115 -21.04 24.44 -9.91
N ALA E 116 -21.40 25.21 -8.89
CA ALA E 116 -22.74 25.75 -8.74
C ALA E 116 -22.75 27.23 -9.11
N PHE E 117 -23.77 27.65 -9.84
CA PHE E 117 -23.90 29.03 -10.29
C PHE E 117 -25.17 29.63 -9.71
N GLN E 118 -25.03 30.78 -9.04
CA GLN E 118 -26.10 31.41 -8.27
C GLN E 118 -26.85 30.37 -7.44
N GLY E 119 -26.07 29.65 -6.62
CA GLY E 119 -26.59 28.66 -5.71
C GLY E 119 -27.06 27.37 -6.33
N LYS E 120 -26.79 27.13 -7.61
CA LYS E 120 -27.46 26.06 -8.33
C LYS E 120 -26.47 25.32 -9.24
N TYR E 121 -26.48 23.99 -9.13
CA TYR E 121 -25.58 23.11 -9.88
C TYR E 121 -25.64 23.40 -11.38
N ALA E 122 -24.47 23.69 -11.97
CA ALA E 122 -24.44 24.23 -13.32
C ALA E 122 -23.40 23.59 -14.25
N VAL E 123 -22.17 23.41 -13.78
CA VAL E 123 -21.10 22.89 -14.63
C VAL E 123 -20.41 21.70 -13.94
N ARG E 124 -19.84 20.83 -14.75
CA ARG E 124 -19.03 19.71 -14.26
C ARG E 124 -17.87 19.48 -15.21
N PHE E 125 -16.89 18.69 -14.75
CA PHE E 125 -15.75 18.29 -15.55
C PHE E 125 -15.70 16.78 -15.58
N ARG E 126 -15.92 16.19 -16.75
CA ARG E 126 -15.80 14.76 -16.94
C ARG E 126 -14.99 14.50 -18.20
N GLY E 127 -14.19 13.43 -18.17
CA GLY E 127 -13.34 13.11 -19.30
C GLY E 127 -12.26 14.15 -19.53
N THR E 128 -12.49 15.06 -20.49
CA THR E 128 -11.51 16.07 -20.84
C THR E 128 -12.09 17.47 -20.93
N SER E 129 -13.37 17.68 -20.57
CA SER E 129 -14.00 18.94 -20.91
C SER E 129 -15.00 19.37 -19.85
N TRP E 130 -15.26 20.68 -19.83
CA TRP E 130 -16.38 21.23 -19.08
C TRP E 130 -17.69 20.93 -19.78
N GLN E 131 -18.73 20.62 -19.00
CA GLN E 131 -20.05 20.37 -19.54
C GLN E 131 -21.10 21.01 -18.66
N ARG E 132 -22.18 21.45 -19.30
CA ARG E 132 -23.34 22.01 -18.62
C ARG E 132 -24.26 20.87 -18.19
N VAL E 133 -24.71 20.90 -16.94
CA VAL E 133 -25.55 19.82 -16.43
C VAL E 133 -27.00 20.06 -16.85
N LEU E 134 -27.85 19.06 -16.66
CA LEU E 134 -29.26 19.19 -17.01
C LEU E 134 -29.93 20.22 -16.11
N GLY E 135 -30.81 21.03 -16.71
CA GLY E 135 -31.46 22.11 -15.99
C GLY E 135 -30.60 23.33 -15.76
N ALA E 136 -29.35 23.32 -16.19
CA ALA E 136 -28.55 24.52 -16.06
C ALA E 136 -28.85 25.46 -17.22
N PRO E 137 -28.98 26.76 -16.96
CA PRO E 137 -29.38 27.69 -18.02
C PRO E 137 -28.44 27.64 -19.21
N SER E 138 -29.03 27.71 -20.41
CA SER E 138 -28.30 27.40 -21.64
C SER E 138 -27.32 28.49 -22.04
N TRP E 139 -27.47 29.72 -21.52
CA TRP E 139 -26.50 30.76 -21.81
C TRP E 139 -25.10 30.36 -21.35
N LEU E 140 -24.99 29.39 -20.44
CA LEU E 140 -23.70 28.89 -19.99
C LEU E 140 -22.94 28.13 -21.07
N ASP E 141 -23.64 27.65 -22.12
CA ASP E 141 -22.96 26.93 -23.19
C ASP E 141 -21.80 27.73 -23.77
N LEU E 142 -21.91 29.05 -23.74
CA LEU E 142 -20.92 29.92 -24.36
C LEU E 142 -19.69 30.11 -23.47
N PRO E 143 -19.83 30.41 -22.17
CA PRO E 143 -18.62 30.43 -21.33
C PRO E 143 -17.97 29.07 -21.16
N ILE E 144 -18.74 27.98 -21.20
CA ILE E 144 -18.13 26.66 -21.17
C ILE E 144 -17.32 26.42 -22.43
N LYS E 145 -17.83 26.86 -23.57
CA LYS E 145 -17.11 26.67 -24.83
C LYS E 145 -15.78 27.42 -24.83
N VAL E 146 -15.76 28.63 -24.26
CA VAL E 146 -14.52 29.40 -24.18
C VAL E 146 -13.53 28.73 -23.23
N LEU E 147 -14.01 28.13 -22.14
CA LEU E 147 -13.12 27.44 -21.23
C LEU E 147 -12.59 26.14 -21.82
N ASN E 148 -13.39 25.48 -22.66
CA ASN E 148 -12.95 24.22 -23.27
C ASN E 148 -11.88 24.42 -24.33
N ALA E 149 -11.64 25.65 -24.78
CA ALA E 149 -10.59 25.90 -25.77
C ALA E 149 -9.21 26.02 -25.14
N ASP E 150 -9.12 26.06 -23.82
CA ASP E 150 -7.85 26.12 -23.10
C ASP E 150 -7.42 24.69 -22.78
N GLN E 151 -6.67 24.08 -23.70
CA GLN E 151 -6.25 22.69 -23.50
C GLN E 151 -5.27 22.58 -22.34
N GLY E 152 -4.52 23.64 -22.04
CA GLY E 152 -3.57 23.59 -20.94
C GLY E 152 -4.24 23.49 -19.59
N THR E 153 -5.26 24.32 -19.35
CA THR E 153 -6.04 24.19 -18.12
C THR E 153 -6.77 22.85 -18.09
N SER E 154 -7.29 22.41 -19.23
CA SER E 154 -7.99 21.13 -19.30
C SER E 154 -7.11 20.00 -18.78
N ALA E 155 -5.87 19.94 -19.26
CA ALA E 155 -4.97 18.88 -18.83
C ALA E 155 -4.57 19.03 -17.37
N THR E 156 -4.43 20.26 -16.88
CA THR E 156 -4.15 20.46 -15.47
C THR E 156 -5.30 19.95 -14.61
N VAL E 157 -6.53 20.20 -15.05
CA VAL E 157 -7.70 19.70 -14.31
C VAL E 157 -7.76 18.18 -14.39
N GLN E 158 -7.56 17.62 -15.60
CA GLN E 158 -7.48 16.17 -15.76
C GLN E 158 -6.50 15.56 -14.75
N THR E 159 -5.32 16.17 -14.61
CA THR E 159 -4.32 15.67 -13.68
C THR E 159 -4.81 15.72 -12.25
N LEU E 160 -5.52 16.80 -11.89
CA LEU E 160 -6.12 16.89 -10.56
C LEU E 160 -7.06 15.73 -10.31
N LEU E 161 -8.02 15.50 -11.21
CA LEU E 161 -8.98 14.44 -10.99
C LEU E 161 -8.32 13.07 -11.03
N ASN E 162 -7.44 12.84 -11.99
CA ASN E 162 -6.94 11.48 -12.20
C ASN E 162 -5.79 11.13 -11.28
N ASP E 163 -5.01 12.11 -10.86
CA ASP E 163 -3.81 11.84 -10.07
C ASP E 163 -3.74 12.59 -8.74
N THR E 164 -3.84 13.92 -8.77
CA THR E 164 -3.53 14.69 -7.57
C THR E 164 -4.48 14.37 -6.42
N TRP E 165 -5.79 14.45 -6.67
CA TRP E 165 -6.75 14.18 -5.60
C TRP E 165 -6.65 12.77 -5.03
N PRO E 166 -6.76 11.70 -5.83
CA PRO E 166 -6.72 10.35 -5.23
C PRO E 166 -5.41 10.04 -4.53
N GLN E 167 -4.28 10.56 -5.03
CA GLN E 167 -3.00 10.26 -4.38
C GLN E 167 -2.77 11.12 -3.15
N PHE E 168 -3.07 12.42 -3.22
CA PHE E 168 -3.00 13.27 -2.04
C PHE E 168 -4.00 12.84 -0.98
N ALA E 169 -5.21 12.46 -1.39
CA ALA E 169 -6.22 12.04 -0.42
C ALA E 169 -5.82 10.74 0.26
N ARG E 170 -5.19 9.82 -0.47
CA ARG E 170 -4.75 8.57 0.13
C ARG E 170 -3.71 8.82 1.20
N GLY E 171 -2.73 9.70 0.92
CA GLY E 171 -1.74 10.04 1.93
C GLY E 171 -2.34 10.75 3.12
N LEU E 172 -3.30 11.65 2.86
CA LEU E 172 -4.01 12.32 3.95
C LEU E 172 -4.79 11.32 4.78
N LEU E 173 -5.49 10.40 4.12
CA LEU E 173 -6.28 9.40 4.83
C LEU E 173 -5.42 8.62 5.83
N GLU E 174 -4.27 8.14 5.36
CA GLU E 174 -3.38 7.38 6.24
C GLU E 174 -2.72 8.28 7.30
N ALA E 175 -2.36 9.51 6.93
CA ALA E 175 -1.73 10.40 7.89
C ALA E 175 -2.69 10.84 8.99
N GLY E 176 -4.00 10.77 8.77
CA GLY E 176 -4.94 11.29 9.73
C GLY E 176 -6.01 10.33 10.17
N LYS E 177 -5.80 9.04 9.94
CA LYS E 177 -6.83 8.06 10.24
C LYS E 177 -6.94 7.78 11.73
N SER E 178 -5.84 7.89 12.48
CA SER E 178 -5.94 7.81 13.94
C SER E 178 -6.89 8.88 14.47
N ASP E 179 -6.80 10.09 13.92
CA ASP E 179 -7.71 11.18 14.29
C ASP E 179 -9.10 10.92 13.74
N LEU E 180 -9.20 10.42 12.51
CA LEU E 180 -10.49 10.05 11.94
C LEU E 180 -11.15 8.89 12.67
N GLU E 181 -10.37 8.06 13.38
CA GLU E 181 -10.91 6.93 14.11
C GLU E 181 -10.95 7.18 15.62
N LYS E 182 -10.60 8.39 16.07
CA LYS E 182 -10.71 8.76 17.47
C LYS E 182 -12.08 8.40 18.04
N GLN E 183 -12.17 8.23 19.35
CA GLN E 183 -13.44 8.05 20.04
C GLN E 183 -13.53 9.10 21.14
N GLU E 184 -14.51 10.00 21.01
CA GLU E 184 -14.90 10.89 22.09
C GLU E 184 -16.26 10.44 22.58
N LYS E 185 -16.44 10.46 23.90
CA LYS E 185 -17.71 9.93 24.37
C LYS E 185 -18.79 11.01 24.37
N PRO E 186 -20.03 10.62 24.16
CA PRO E 186 -21.14 11.56 24.32
C PRO E 186 -21.47 11.80 25.77
N VAL E 187 -21.93 13.02 26.06
CA VAL E 187 -22.48 13.39 27.35
C VAL E 187 -23.93 13.79 27.13
N ALA E 188 -24.84 13.21 27.91
CA ALA E 188 -26.26 13.41 27.74
C ALA E 188 -26.87 14.12 28.95
N TRP E 189 -27.95 14.86 28.70
CA TRP E 189 -28.69 15.52 29.76
C TRP E 189 -30.12 15.77 29.28
N LEU E 190 -31.05 15.84 30.23
CA LEU E 190 -32.47 15.86 29.94
C LEU E 190 -33.09 17.21 30.27
N SER E 191 -34.21 17.49 29.61
CA SER E 191 -35.00 18.68 29.87
C SER E 191 -36.41 18.45 29.30
N SER E 192 -37.30 19.40 29.54
CA SER E 192 -38.67 19.31 29.04
C SER E 192 -39.20 20.70 28.77
N VAL E 193 -40.13 20.80 27.81
CA VAL E 193 -40.82 22.06 27.54
C VAL E 193 -42.31 21.77 27.41
N PRO E 194 -43.17 22.65 27.94
CA PRO E 194 -44.62 22.46 27.78
C PRO E 194 -45.02 22.59 26.32
N SER E 195 -45.74 21.58 25.82
CA SER E 195 -46.07 21.54 24.40
C SER E 195 -47.12 22.57 24.05
N SER E 196 -47.15 22.95 22.77
CA SER E 196 -48.21 23.82 22.28
C SER E 196 -49.57 23.21 22.59
N ALA E 197 -49.74 21.92 22.31
CA ALA E 197 -50.93 21.21 22.77
C ALA E 197 -51.06 21.30 24.28
N HIS E 198 -52.26 21.62 24.76
CA HIS E 198 -52.49 21.88 26.18
C HIS E 198 -52.41 20.59 26.99
N GLY E 199 -51.70 20.65 28.12
CA GLY E 199 -51.50 19.48 28.94
C GLY E 199 -50.50 18.49 28.41
N HIS E 200 -49.80 18.82 27.32
CA HIS E 200 -48.79 17.95 26.73
C HIS E 200 -47.40 18.49 27.05
N LEU E 201 -46.43 17.58 27.07
CA LEU E 201 -45.04 17.94 27.34
C LEU E 201 -44.14 17.35 26.26
N GLN E 202 -43.05 18.05 25.99
CA GLN E 202 -41.99 17.56 25.12
C GLN E 202 -40.76 17.34 25.98
N LEU E 203 -40.35 16.08 26.12
CA LEU E 203 -39.09 15.75 26.78
C LEU E 203 -37.97 15.85 25.75
N VAL E 204 -36.82 16.37 26.17
CA VAL E 204 -35.68 16.56 25.30
C VAL E 204 -34.48 15.84 25.89
N CYS E 205 -33.81 15.05 25.08
CA CYS E 205 -32.57 14.35 25.46
C CYS E 205 -31.43 14.92 24.63
N HIS E 206 -30.58 15.74 25.25
CA HIS E 206 -29.47 16.36 24.56
C HIS E 206 -28.24 15.46 24.64
N VAL E 207 -27.55 15.31 23.51
CA VAL E 207 -26.38 14.44 23.42
C VAL E 207 -25.29 15.22 22.71
N SER E 208 -24.16 15.45 23.39
CA SER E 208 -23.10 16.27 22.84
C SER E 208 -21.73 15.68 23.13
N GLY E 209 -20.79 15.97 22.25
CA GLY E 209 -19.40 15.61 22.46
C GLY E 209 -18.93 14.35 21.77
N PHE E 210 -19.83 13.63 21.10
CA PHE E 210 -19.45 12.33 20.59
C PHE E 210 -18.74 12.43 19.25
N TYR E 211 -17.83 11.50 19.03
CA TYR E 211 -17.15 11.31 17.76
C TYR E 211 -16.70 9.84 17.70
N PRO E 212 -16.85 9.19 16.54
CA PRO E 212 -17.37 9.68 15.25
C PRO E 212 -18.87 9.96 15.24
N LYS E 213 -19.38 10.32 14.06
CA LYS E 213 -20.73 10.84 13.90
C LYS E 213 -21.85 9.82 14.14
N PRO E 214 -21.72 8.57 13.68
CA PRO E 214 -22.83 7.61 13.90
C PRO E 214 -23.17 7.48 15.37
N VAL E 215 -24.47 7.48 15.67
CA VAL E 215 -24.97 7.48 17.04
C VAL E 215 -26.42 7.03 17.02
N TRP E 216 -26.93 6.62 18.17
CA TRP E 216 -28.27 6.07 18.31
C TRP E 216 -28.86 6.60 19.61
N VAL E 217 -29.99 7.31 19.52
CA VAL E 217 -30.58 7.99 20.67
C VAL E 217 -32.07 7.72 20.67
N MET E 218 -32.58 7.07 21.72
CA MET E 218 -33.97 6.67 21.75
C MET E 218 -34.54 6.82 23.16
N TRP E 219 -35.78 7.28 23.23
CA TRP E 219 -36.53 7.32 24.47
C TRP E 219 -37.09 5.93 24.77
N MET E 220 -36.88 5.47 26.01
CA MET E 220 -37.11 4.08 26.41
C MET E 220 -38.14 3.98 27.52
N ARG E 221 -38.98 2.95 27.44
CA ARG E 221 -39.77 2.47 28.57
C ARG E 221 -39.44 0.99 28.76
N GLY E 222 -38.62 0.69 29.76
CA GLY E 222 -38.08 -0.66 29.84
C GLY E 222 -37.23 -0.90 28.59
N ASP E 223 -37.59 -1.93 27.84
CA ASP E 223 -36.95 -2.22 26.57
C ASP E 223 -37.82 -1.87 25.38
N GLN E 224 -38.92 -1.15 25.60
CA GLN E 224 -39.81 -0.75 24.52
C GLN E 224 -39.36 0.60 23.99
N GLU E 225 -39.15 0.68 22.68
CA GLU E 225 -38.70 1.92 22.06
C GLU E 225 -39.91 2.80 21.76
N GLN E 226 -39.81 4.08 22.13
CA GLN E 226 -40.93 5.00 21.94
C GLN E 226 -40.92 5.48 20.49
N GLN E 227 -41.93 5.06 19.72
CA GLN E 227 -41.97 5.41 18.30
C GLN E 227 -42.04 6.92 18.10
N GLY E 228 -42.71 7.64 19.01
CA GLY E 228 -42.82 9.08 18.93
C GLY E 228 -41.51 9.83 18.96
N THR E 229 -40.40 9.13 19.25
CA THR E 229 -39.08 9.75 19.31
C THR E 229 -38.76 10.45 17.99
N HIS E 230 -38.46 11.75 18.07
CA HIS E 230 -38.05 12.53 16.92
C HIS E 230 -36.62 12.99 17.13
N ARG E 231 -35.72 12.55 16.26
CA ARG E 231 -34.31 12.93 16.33
C ARG E 231 -34.07 14.15 15.46
N GLY E 232 -33.42 15.17 16.03
CA GLY E 232 -33.05 16.35 15.29
C GLY E 232 -31.83 16.11 14.42
N ASP E 233 -31.39 17.20 13.77
CA ASP E 233 -30.24 17.13 12.89
C ASP E 233 -28.94 17.02 13.71
N PHE E 234 -27.91 16.50 13.06
CA PHE E 234 -26.56 16.56 13.61
C PHE E 234 -26.05 17.99 13.54
N LEU E 235 -25.74 18.57 14.70
CA LEU E 235 -25.23 19.93 14.79
C LEU E 235 -23.79 19.90 15.27
N PRO E 236 -22.89 20.64 14.62
CA PRO E 236 -21.47 20.55 14.97
C PRO E 236 -21.10 21.38 16.19
N ASN E 237 -20.08 20.92 16.89
CA ASN E 237 -19.42 21.70 17.92
C ASN E 237 -18.10 22.25 17.38
N ALA E 238 -17.58 23.26 18.08
CA ALA E 238 -16.37 23.95 17.61
C ALA E 238 -15.17 23.02 17.53
N ASP E 239 -15.11 22.00 18.39
CA ASP E 239 -13.98 21.08 18.39
C ASP E 239 -14.15 19.90 17.44
N GLU E 240 -15.08 20.02 16.47
CA GLU E 240 -15.36 19.00 15.47
C GLU E 240 -15.91 17.72 16.09
N THR E 241 -16.53 17.85 17.24
CA THR E 241 -17.38 16.83 17.83
C THR E 241 -18.83 17.14 17.47
N TRP E 242 -19.76 16.25 17.81
CA TRP E 242 -21.13 16.40 17.35
C TRP E 242 -22.12 16.56 18.49
N TYR E 243 -23.25 17.19 18.16
CA TYR E 243 -24.38 17.38 19.05
C TYR E 243 -25.65 16.90 18.35
N LEU E 244 -26.55 16.32 19.13
CA LEU E 244 -27.84 15.86 18.62
C LEU E 244 -28.80 15.72 19.79
N GLN E 245 -30.04 16.17 19.59
CA GLN E 245 -31.08 15.96 20.58
C GLN E 245 -32.20 15.12 20.00
N ALA E 246 -32.91 14.44 20.89
CA ALA E 246 -34.04 13.59 20.52
C ALA E 246 -35.20 13.90 21.46
N THR E 247 -36.36 14.20 20.89
CA THR E 247 -37.51 14.63 21.66
C THR E 247 -38.64 13.60 21.58
N LEU E 248 -39.49 13.63 22.60
CA LEU E 248 -40.66 12.76 22.68
C LEU E 248 -41.80 13.57 23.27
N ASP E 249 -42.90 13.70 22.52
CA ASP E 249 -44.07 14.38 23.04
C ASP E 249 -44.89 13.42 23.88
N VAL E 250 -45.22 13.83 25.10
CA VAL E 250 -45.73 12.93 26.12
C VAL E 250 -46.98 13.54 26.75
N GLU E 251 -47.94 12.69 27.10
CA GLU E 251 -49.08 13.13 27.91
C GLU E 251 -48.59 13.48 29.31
N ALA E 252 -49.23 14.49 29.91
CA ALA E 252 -48.85 14.90 31.26
C ALA E 252 -49.04 13.76 32.24
N GLY E 253 -48.05 13.59 33.13
CA GLY E 253 -48.02 12.49 34.06
C GLY E 253 -47.36 11.24 33.53
N GLU E 254 -47.26 11.08 32.21
CA GLU E 254 -46.68 9.89 31.63
C GLU E 254 -45.15 9.96 31.53
N GLU E 255 -44.53 11.05 31.99
CA GLU E 255 -43.07 11.15 31.93
C GLU E 255 -42.41 10.12 32.86
N ALA E 256 -43.05 9.82 33.99
CA ALA E 256 -42.40 9.00 35.01
C ALA E 256 -42.04 7.63 34.47
N GLY E 257 -40.80 7.20 34.72
CA GLY E 257 -40.30 5.94 34.25
C GLY E 257 -39.59 5.98 32.91
N LEU E 258 -39.63 7.12 32.22
CA LEU E 258 -39.02 7.21 30.90
C LEU E 258 -37.51 7.42 31.00
N ALA E 259 -36.80 6.92 30.00
CA ALA E 259 -35.36 7.01 29.97
C ALA E 259 -34.89 7.26 28.54
N CYS E 260 -33.78 8.00 28.42
CA CYS E 260 -33.10 8.20 27.15
C CYS E 260 -31.90 7.28 27.09
N ARG E 261 -31.79 6.51 26.01
CA ARG E 261 -30.72 5.54 25.87
C ARG E 261 -29.81 5.94 24.71
N VAL E 262 -28.50 5.96 24.96
CA VAL E 262 -27.51 6.38 23.98
C VAL E 262 -26.57 5.21 23.74
N LYS E 263 -26.46 4.79 22.49
CA LYS E 263 -25.39 3.91 22.04
C LYS E 263 -24.43 4.67 21.15
N HIS E 264 -23.14 4.43 21.37
CA HIS E 264 -22.10 5.02 20.55
C HIS E 264 -20.85 4.16 20.70
N SER E 265 -20.02 4.16 19.67
CA SER E 265 -18.86 3.25 19.64
C SER E 265 -17.83 3.61 20.71
N SER E 266 -17.83 4.84 21.20
CA SER E 266 -16.87 5.22 22.25
C SER E 266 -17.19 4.59 23.59
N LEU E 267 -18.39 4.03 23.77
CA LEU E 267 -18.87 3.58 25.07
C LEU E 267 -18.69 2.09 25.29
N GLY E 268 -17.98 1.40 24.39
CA GLY E 268 -18.01 -0.05 24.44
C GLY E 268 -19.43 -0.53 24.20
N GLY E 269 -19.84 -1.53 24.98
CA GLY E 269 -21.23 -1.92 25.00
C GLY E 269 -22.05 -1.26 26.09
N GLN E 270 -21.41 -0.42 26.91
CA GLN E 270 -22.05 0.22 28.06
C GLN E 270 -22.81 1.45 27.59
N ASP E 271 -24.09 1.24 27.27
CA ASP E 271 -24.95 2.33 26.84
C ASP E 271 -25.19 3.31 27.99
N ILE E 272 -25.48 4.55 27.62
CA ILE E 272 -25.94 5.55 28.57
C ILE E 272 -27.45 5.43 28.69
N ILE E 273 -27.94 5.21 29.91
CA ILE E 273 -29.37 5.19 30.21
C ILE E 273 -29.63 6.29 31.22
N LEU E 274 -30.46 7.25 30.84
CA LEU E 274 -30.67 8.46 31.63
C LEU E 274 -32.15 8.54 31.98
N TYR E 275 -32.47 8.27 33.24
CA TYR E 275 -33.86 8.23 33.68
C TYR E 275 -34.40 9.62 33.97
N TRP E 276 -35.65 9.83 33.56
CA TRP E 276 -36.34 11.08 33.85
C TRP E 276 -36.69 11.16 35.33
N GLN F 2 -32.72 33.44 -3.58
CA GLN F 2 -32.49 33.71 -2.16
C GLN F 2 -33.10 32.62 -1.29
N LYS F 3 -32.45 32.37 -0.16
CA LYS F 3 -32.89 31.36 0.80
C LYS F 3 -32.72 31.92 2.21
N THR F 4 -33.80 31.71 3.09
CA THR F 4 -33.72 32.31 4.42
C THR F 4 -32.93 31.40 5.37
N PRO F 5 -32.15 31.99 6.28
CA PRO F 5 -31.33 31.17 7.18
C PRO F 5 -32.15 30.56 8.31
N GLN F 6 -31.87 29.28 8.58
CA GLN F 6 -32.35 28.61 9.78
C GLN F 6 -31.28 28.71 10.87
N ILE F 7 -31.73 28.99 12.10
CA ILE F 7 -30.83 29.27 13.21
C ILE F 7 -31.08 28.27 14.33
N GLN F 8 -30.01 27.72 14.88
CA GLN F 8 -30.09 26.82 16.03
C GLN F 8 -29.08 27.25 17.07
N VAL F 9 -29.54 27.44 18.31
CA VAL F 9 -28.72 27.87 19.44
C VAL F 9 -28.70 26.76 20.47
N TYR F 10 -27.52 26.41 20.94
CA TYR F 10 -27.35 25.27 21.84
C TYR F 10 -25.96 25.36 22.47
N SER F 11 -25.81 24.71 23.63
CA SER F 11 -24.57 24.76 24.38
C SER F 11 -23.75 23.48 24.18
N ARG F 12 -22.44 23.63 24.31
CA ARG F 12 -21.51 22.52 24.11
C ARG F 12 -21.60 21.50 25.24
N HIS F 13 -21.91 21.95 26.45
CA HIS F 13 -21.95 21.14 27.65
C HIS F 13 -23.30 21.34 28.33
N PRO F 14 -23.69 20.45 29.24
CA PRO F 14 -24.90 20.66 30.02
C PRO F 14 -24.87 22.01 30.70
N PRO F 15 -25.87 22.86 30.47
CA PRO F 15 -25.89 24.17 31.12
C PRO F 15 -26.02 24.05 32.63
N GLU F 16 -25.11 24.69 33.34
CA GLU F 16 -25.14 24.77 34.80
C GLU F 16 -24.84 26.20 35.19
N ASN F 17 -25.74 26.82 35.94
CA ASN F 17 -25.60 28.23 36.29
C ASN F 17 -24.30 28.47 37.04
N GLY F 18 -23.63 29.56 36.71
CA GLY F 18 -22.37 29.92 37.31
C GLY F 18 -21.17 29.14 36.81
N LYS F 19 -21.32 28.31 35.79
CA LYS F 19 -20.25 27.44 35.34
C LYS F 19 -19.90 27.71 33.88
N PRO F 20 -18.63 27.95 33.55
CA PRO F 20 -18.26 28.31 32.19
C PRO F 20 -18.67 27.24 31.18
N ASN F 21 -19.07 27.70 29.99
CA ASN F 21 -19.63 26.85 28.95
C ASN F 21 -19.38 27.52 27.61
N ILE F 22 -19.85 26.88 26.54
CA ILE F 22 -19.72 27.43 25.19
C ILE F 22 -21.10 27.43 24.54
N LEU F 23 -21.50 28.58 24.00
CA LEU F 23 -22.77 28.74 23.30
C LEU F 23 -22.53 28.64 21.81
N ASN F 24 -23.33 27.82 21.12
CA ASN F 24 -23.21 27.59 19.69
C ASN F 24 -24.43 28.15 18.97
N CYS F 25 -24.18 28.84 17.85
CA CYS F 25 -25.25 29.29 16.96
C CYS F 25 -24.94 28.76 15.56
N TYR F 26 -25.80 27.87 15.08
CA TYR F 26 -25.58 27.15 13.83
C TYR F 26 -26.59 27.65 12.80
N VAL F 27 -26.08 28.25 11.72
CA VAL F 27 -26.91 28.94 10.73
C VAL F 27 -26.74 28.23 9.40
N THR F 28 -27.86 27.77 8.83
CA THR F 28 -27.85 26.97 7.61
C THR F 28 -28.85 27.50 6.58
N GLN F 29 -28.72 26.95 5.37
CA GLN F 29 -29.76 27.04 4.33
C GLN F 29 -29.97 28.47 3.83
N PHE F 30 -28.93 29.30 3.80
CA PHE F 30 -29.06 30.68 3.34
C PHE F 30 -28.35 30.86 2.01
N HIS F 31 -28.92 31.71 1.16
CA HIS F 31 -28.26 32.13 -0.08
C HIS F 31 -28.64 33.57 -0.40
N PRO F 32 -27.67 34.41 -0.78
CA PRO F 32 -26.23 34.16 -1.01
C PRO F 32 -25.44 34.00 0.31
N PRO F 33 -24.16 33.62 0.24
CA PRO F 33 -23.41 33.34 1.48
C PRO F 33 -23.18 34.55 2.36
N HIS F 34 -23.28 35.77 1.85
CA HIS F 34 -23.06 36.93 2.72
C HIS F 34 -24.08 36.94 3.84
N ILE F 35 -23.61 37.18 5.06
CA ILE F 35 -24.45 37.06 6.24
C ILE F 35 -23.73 37.71 7.42
N GLU F 36 -24.49 38.22 8.38
CA GLU F 36 -23.93 38.83 9.57
C GLU F 36 -24.56 38.17 10.78
N ILE F 37 -23.72 37.64 11.66
CA ILE F 37 -24.17 36.84 12.80
C ILE F 37 -23.57 37.44 14.06
N GLN F 38 -24.43 37.82 14.99
CA GLN F 38 -24.02 38.31 16.29
C GLN F 38 -24.56 37.37 17.36
N MET F 39 -23.82 37.28 18.46
CA MET F 39 -24.30 36.61 19.67
C MET F 39 -24.41 37.67 20.76
N LEU F 40 -25.54 37.68 21.46
CA LEU F 40 -25.89 38.76 22.37
C LEU F 40 -26.05 38.24 23.79
N LYS F 41 -25.50 38.99 24.75
CA LYS F 41 -25.71 38.76 26.17
C LYS F 41 -26.49 39.95 26.72
N ASN F 42 -27.73 39.71 27.12
CA ASN F 42 -28.64 40.77 27.56
C ASN F 42 -28.73 41.88 26.51
N GLY F 43 -29.00 41.47 25.28
CA GLY F 43 -29.17 42.39 24.17
C GLY F 43 -27.91 43.09 23.71
N LYS F 44 -26.79 42.95 24.42
CA LYS F 44 -25.55 43.60 24.02
C LYS F 44 -24.65 42.60 23.29
N LYS F 45 -23.89 43.12 22.33
CA LYS F 45 -23.05 42.31 21.48
C LYS F 45 -21.95 41.67 22.30
N ILE F 46 -21.85 40.34 22.24
CA ILE F 46 -20.75 39.67 22.93
C ILE F 46 -19.45 39.93 22.15
N PRO F 47 -18.40 40.38 22.81
CA PRO F 47 -17.21 40.83 22.06
C PRO F 47 -16.47 39.71 21.34
N LYS F 48 -16.26 38.57 21.99
CA LYS F 48 -15.43 37.50 21.42
C LYS F 48 -16.35 36.40 20.90
N VAL F 49 -16.61 36.42 19.59
CA VAL F 49 -17.35 35.37 18.90
C VAL F 49 -16.51 34.89 17.73
N GLU F 50 -16.27 33.59 17.65
CA GLU F 50 -15.50 33.02 16.57
C GLU F 50 -16.43 32.36 15.55
N MET F 51 -16.01 32.39 14.31
CA MET F 51 -16.80 31.92 13.18
C MET F 51 -16.04 30.81 12.46
N SER F 52 -16.74 29.74 12.14
CA SER F 52 -16.15 28.71 11.28
C SER F 52 -15.98 29.27 9.87
N ASP F 53 -15.15 28.60 9.08
CA ASP F 53 -15.02 28.96 7.68
C ASP F 53 -16.32 28.61 6.95
N MET F 54 -16.77 29.54 6.10
CA MET F 54 -17.97 29.30 5.30
C MET F 54 -17.81 28.02 4.50
N SER F 55 -18.80 27.14 4.62
CA SER F 55 -18.79 25.85 3.94
C SER F 55 -20.19 25.58 3.44
N PHE F 56 -20.36 24.48 2.72
CA PHE F 56 -21.69 24.10 2.25
C PHE F 56 -21.78 22.59 2.16
N SER F 57 -23.01 22.09 2.17
CA SER F 57 -23.24 20.66 2.11
C SER F 57 -23.30 20.20 0.66
N LYS F 58 -23.53 18.90 0.46
CA LYS F 58 -23.48 18.33 -0.89
C LYS F 58 -24.57 18.91 -1.77
N ASP F 59 -25.71 19.27 -1.19
CA ASP F 59 -26.81 19.90 -1.92
C ASP F 59 -26.63 21.40 -2.08
N TRP F 60 -25.43 21.92 -1.80
CA TRP F 60 -25.03 23.32 -1.97
C TRP F 60 -25.62 24.25 -0.90
N SER F 61 -26.20 23.70 0.17
CA SER F 61 -26.71 24.54 1.25
C SER F 61 -25.55 25.02 2.12
N PHE F 62 -25.42 26.34 2.25
CA PHE F 62 -24.39 26.88 3.11
C PHE F 62 -24.68 26.57 4.58
N TYR F 63 -23.61 26.56 5.37
CA TYR F 63 -23.72 26.40 6.80
C TYR F 63 -22.49 27.02 7.44
N ILE F 64 -22.67 27.63 8.61
CA ILE F 64 -21.58 28.26 9.32
C ILE F 64 -21.90 28.20 10.81
N LEU F 65 -20.86 28.03 11.63
CA LEU F 65 -21.00 27.87 13.07
C LEU F 65 -20.34 29.04 13.78
N ALA F 66 -21.14 29.82 14.50
CA ALA F 66 -20.62 30.80 15.43
C ALA F 66 -20.65 30.22 16.84
N HIS F 67 -19.66 30.58 17.65
CA HIS F 67 -19.64 30.15 19.03
C HIS F 67 -18.89 31.16 19.89
N THR F 68 -19.17 31.11 21.19
CA THR F 68 -18.55 32.00 22.15
C THR F 68 -18.61 31.33 23.52
N GLU F 69 -17.68 31.71 24.39
CA GLU F 69 -17.72 31.24 25.76
C GLU F 69 -18.71 32.07 26.56
N PHE F 70 -19.51 31.41 27.37
CA PHE F 70 -20.46 32.12 28.22
C PHE F 70 -20.63 31.35 29.52
N THR F 71 -21.20 32.03 30.50
CA THR F 71 -21.55 31.42 31.78
C THR F 71 -23.04 31.61 32.01
N PRO F 72 -23.85 30.56 31.84
CA PRO F 72 -25.28 30.72 32.08
C PRO F 72 -25.57 31.13 33.50
N THR F 73 -26.71 31.80 33.66
CA THR F 73 -27.09 32.53 34.86
C THR F 73 -28.61 32.58 34.88
N GLU F 74 -29.17 32.79 36.08
CA GLU F 74 -30.62 32.82 36.22
C GLU F 74 -31.23 34.07 35.62
N THR F 75 -30.47 35.18 35.54
CA THR F 75 -31.01 36.45 35.07
C THR F 75 -30.38 36.93 33.77
N ASP F 76 -29.48 36.17 33.17
CA ASP F 76 -28.88 36.58 31.90
C ASP F 76 -29.60 35.88 30.74
N THR F 77 -29.97 36.66 29.72
CA THR F 77 -30.47 36.12 28.47
C THR F 77 -29.34 36.06 27.45
N TYR F 78 -29.47 35.13 26.50
CA TYR F 78 -28.50 34.98 25.43
C TYR F 78 -29.25 34.76 24.12
N ALA F 79 -28.67 35.28 23.04
CA ALA F 79 -29.36 35.25 21.76
C ALA F 79 -28.35 35.22 20.62
N CYS F 80 -28.82 34.71 19.49
CA CYS F 80 -28.09 34.78 18.24
C CYS F 80 -28.92 35.61 17.27
N ARG F 81 -28.31 36.68 16.74
CA ARG F 81 -28.98 37.61 15.84
C ARG F 81 -28.33 37.54 14.46
N VAL F 82 -29.14 37.28 13.44
CA VAL F 82 -28.66 37.04 12.08
C VAL F 82 -29.30 38.06 11.14
N LYS F 83 -28.46 38.80 10.42
CA LYS F 83 -28.90 39.72 9.37
C LYS F 83 -28.57 39.11 8.01
N HIS F 84 -29.60 38.97 7.16
CA HIS F 84 -29.41 38.37 5.85
C HIS F 84 -30.38 39.00 4.85
N ALA F 85 -29.93 39.11 3.59
CA ALA F 85 -30.70 39.83 2.58
C ALA F 85 -32.07 39.22 2.34
N SER F 86 -32.23 37.91 2.57
CA SER F 86 -33.52 37.28 2.37
C SER F 86 -34.55 37.69 3.43
N MET F 87 -34.15 38.43 4.45
CA MET F 87 -35.05 38.84 5.52
C MET F 87 -35.07 40.36 5.64
N ALA F 88 -36.27 40.90 5.86
CA ALA F 88 -36.40 42.36 5.98
C ALA F 88 -35.65 42.89 7.20
N GLU F 89 -35.81 42.21 8.33
CA GLU F 89 -35.21 42.56 9.60
C GLU F 89 -34.48 41.38 10.17
N PRO F 90 -33.49 41.60 11.04
CA PRO F 90 -32.71 40.48 11.57
C PRO F 90 -33.57 39.50 12.35
N LYS F 91 -33.26 38.21 12.20
CA LYS F 91 -33.91 37.18 13.00
C LYS F 91 -33.05 36.94 14.24
N THR F 92 -33.66 37.14 15.41
CA THR F 92 -33.04 36.78 16.68
C THR F 92 -33.77 35.55 17.21
N VAL F 93 -33.00 34.55 17.63
CA VAL F 93 -33.56 33.43 18.39
C VAL F 93 -32.79 33.34 19.70
N TYR F 94 -33.53 33.20 20.79
CA TYR F 94 -32.94 33.25 22.12
C TYR F 94 -32.56 31.86 22.58
N TRP F 95 -31.51 31.80 23.39
CA TRP F 95 -31.10 30.54 23.98
C TRP F 95 -32.11 30.14 25.05
N ASP F 96 -32.70 28.95 24.89
CA ASP F 96 -33.56 28.34 25.90
C ASP F 96 -32.96 26.98 26.22
N ARG F 97 -32.48 26.82 27.45
CA ARG F 97 -31.76 25.60 27.83
C ARG F 97 -32.65 24.37 27.86
N ASP F 98 -33.96 24.53 28.07
CA ASP F 98 -34.85 23.38 28.15
C ASP F 98 -35.18 22.80 26.78
N MET F 99 -35.08 23.59 25.72
CA MET F 99 -35.43 23.12 24.38
C MET F 99 -34.28 22.41 23.70
N ASN G 4 14.18 -15.95 -40.12
CA ASN G 4 14.45 -15.08 -41.25
C ASN G 4 14.85 -13.67 -40.78
N TYR G 5 15.92 -13.15 -41.36
CA TYR G 5 16.45 -11.83 -41.05
C TYR G 5 16.58 -11.00 -42.32
N THR G 6 16.05 -9.77 -42.28
CA THR G 6 16.11 -8.86 -43.41
C THR G 6 17.17 -7.80 -43.16
N PHE G 7 18.15 -7.73 -44.05
CA PHE G 7 19.12 -6.64 -44.11
C PHE G 7 18.56 -5.58 -45.06
N ARG G 8 18.63 -4.30 -44.66
CA ARG G 8 18.06 -3.26 -45.51
C ARG G 8 18.62 -1.90 -45.13
N CYS G 9 19.00 -1.12 -46.13
CA CYS G 9 19.40 0.26 -45.96
CA CYS G 9 19.39 0.26 -45.95
C CYS G 9 18.21 1.14 -46.34
N LEU G 10 17.75 1.96 -45.39
CA LEU G 10 16.58 2.80 -45.58
C LEU G 10 17.02 4.25 -45.74
N GLN G 11 16.77 4.81 -46.90
CA GLN G 11 17.17 6.17 -47.24
C GLN G 11 15.93 7.06 -47.35
N THR G 12 15.98 8.22 -46.70
CA THR G 12 14.97 9.26 -46.83
C THR G 12 15.63 10.49 -47.47
N SER G 13 15.07 10.96 -48.58
CA SER G 13 15.57 12.13 -49.27
C SER G 13 14.43 13.11 -49.53
N SER G 14 14.59 14.34 -49.05
CA SER G 14 13.60 15.39 -49.20
C SER G 14 14.21 16.53 -50.00
N PHE G 15 13.59 16.85 -51.13
CA PHE G 15 13.98 17.98 -51.96
C PHE G 15 12.85 19.00 -51.85
N ALA G 16 12.95 19.90 -50.88
CA ALA G 16 11.87 20.85 -50.63
C ALA G 16 11.79 21.89 -51.74
N ASN G 17 12.93 22.24 -52.33
CA ASN G 17 12.98 23.17 -53.46
C ASN G 17 14.39 23.19 -54.05
N ILE G 18 14.69 24.22 -54.83
CA ILE G 18 15.96 24.27 -55.56
C ILE G 18 17.13 24.34 -54.59
N SER G 19 16.97 25.06 -53.48
CA SER G 19 18.08 25.29 -52.57
C SER G 19 18.14 24.30 -51.41
N TRP G 20 17.04 23.62 -51.06
CA TRP G 20 17.00 22.76 -49.88
C TRP G 20 16.79 21.30 -50.29
N SER G 21 17.79 20.47 -50.00
CA SER G 21 17.67 19.03 -50.10
C SER G 21 18.35 18.40 -48.90
N ARG G 22 17.98 17.15 -48.61
CA ARG G 22 18.56 16.44 -47.48
C ARG G 22 18.35 14.94 -47.66
N THR G 23 19.39 14.17 -47.44
CA THR G 23 19.34 12.70 -47.52
C THR G 23 19.83 12.12 -46.21
N ASP G 24 18.98 11.33 -45.55
CA ASP G 24 19.31 10.70 -44.27
C ASP G 24 19.05 9.20 -44.37
N SER G 25 20.03 8.41 -43.96
CA SER G 25 19.95 6.96 -44.09
C SER G 25 20.35 6.27 -42.79
N LEU G 26 19.85 5.05 -42.65
CA LEU G 26 20.27 4.12 -41.62
C LEU G 26 20.28 2.73 -42.23
N ILE G 27 20.94 1.80 -41.55
CA ILE G 27 20.92 0.39 -41.94
C ILE G 27 20.41 -0.42 -40.76
N LEU G 28 19.56 -1.40 -41.04
CA LEU G 28 19.01 -2.29 -40.03
C LEU G 28 19.25 -3.74 -40.43
N LEU G 29 19.45 -4.58 -39.42
CA LEU G 29 19.44 -6.03 -39.57
C LEU G 29 18.42 -6.58 -38.59
N GLY G 30 17.32 -7.11 -39.11
CA GLY G 30 16.21 -7.43 -38.24
C GLY G 30 15.65 -6.14 -37.68
N ASP G 31 15.44 -6.11 -36.36
CA ASP G 31 14.98 -4.89 -35.69
C ASP G 31 16.10 -4.17 -34.95
N LEU G 32 17.37 -4.44 -35.28
CA LEU G 32 18.50 -3.74 -34.72
C LEU G 32 19.13 -2.85 -35.78
N GLN G 33 19.38 -1.59 -35.41
CA GLN G 33 20.08 -0.67 -36.29
C GLN G 33 21.57 -0.93 -36.23
N THR G 34 22.21 -1.02 -37.40
CA THR G 34 23.64 -1.27 -37.48
C THR G 34 24.45 -0.07 -37.94
N HIS G 35 23.87 0.83 -38.73
CA HIS G 35 24.60 1.98 -39.25
C HIS G 35 23.70 3.20 -39.22
N ARG G 36 24.34 4.38 -39.26
CA ARG G 36 23.67 5.65 -39.43
C ARG G 36 24.47 6.50 -40.39
N TRP G 37 23.76 7.23 -41.26
CA TRP G 37 24.40 8.19 -42.14
C TRP G 37 23.45 9.39 -42.25
N SER G 38 23.67 10.38 -41.38
CA SER G 38 22.92 11.61 -41.43
C SER G 38 23.49 12.54 -42.50
N ASN G 39 22.65 13.47 -42.95
CA ASN G 39 23.08 14.42 -43.98
C ASN G 39 24.29 15.23 -43.53
N ASP G 40 24.41 15.51 -42.23
CA ASP G 40 25.50 16.35 -41.75
C ASP G 40 26.85 15.64 -41.85
N SER G 41 26.90 14.36 -41.51
CA SER G 41 28.16 13.64 -41.51
C SER G 41 28.55 13.24 -42.93
N ALA G 42 29.86 13.12 -43.16
CA ALA G 42 30.39 12.68 -44.43
C ALA G 42 30.67 11.17 -44.46
N ILE G 43 30.65 10.51 -43.31
CA ILE G 43 30.96 9.09 -43.20
C ILE G 43 29.75 8.36 -42.62
N ILE G 44 29.67 7.07 -42.92
CA ILE G 44 28.68 6.19 -42.30
C ILE G 44 29.23 5.73 -40.96
N SER G 45 28.40 5.82 -39.93
CA SER G 45 28.81 5.46 -38.57
C SER G 45 28.29 4.07 -38.20
N PHE G 46 29.09 3.36 -37.41
CA PHE G 46 28.62 2.13 -36.78
C PHE G 46 27.77 2.47 -35.57
N THR G 47 26.65 1.77 -35.42
CA THR G 47 25.84 1.87 -34.20
C THR G 47 25.91 0.59 -33.37
N LYS G 48 26.74 -0.37 -33.76
CA LYS G 48 26.96 -1.59 -33.01
C LYS G 48 28.44 -1.93 -33.05
N PRO G 49 28.96 -2.57 -32.00
CA PRO G 49 30.37 -3.01 -32.05
C PRO G 49 30.65 -3.99 -33.19
N TRP G 50 29.62 -4.65 -33.73
CA TRP G 50 29.78 -5.65 -34.77
C TRP G 50 29.32 -5.16 -36.14
N SER G 51 29.22 -3.84 -36.34
CA SER G 51 28.60 -3.34 -37.56
C SER G 51 29.49 -3.49 -38.79
N GLN G 52 30.77 -3.77 -38.62
CA GLN G 52 31.62 -4.06 -39.78
C GLN G 52 31.42 -5.48 -40.29
N GLY G 53 30.60 -6.29 -39.61
CA GLY G 53 30.41 -7.67 -40.04
C GLY G 53 31.73 -8.39 -40.09
N LYS G 54 31.94 -9.14 -41.18
CA LYS G 54 33.21 -9.83 -41.40
C LYS G 54 34.01 -9.19 -42.53
N LEU G 55 33.79 -7.90 -42.78
CA LEU G 55 34.58 -7.18 -43.75
C LEU G 55 35.89 -6.75 -43.12
N SER G 56 36.97 -6.89 -43.87
CA SER G 56 38.22 -6.24 -43.48
C SER G 56 38.04 -4.73 -43.51
N ASN G 57 38.97 -4.02 -42.88
CA ASN G 57 38.91 -2.57 -42.92
C ASN G 57 39.02 -2.04 -44.35
N GLN G 58 39.78 -2.73 -45.20
CA GLN G 58 39.89 -2.32 -46.60
C GLN G 58 38.55 -2.48 -47.31
N GLN G 59 37.90 -3.64 -47.15
CA GLN G 59 36.60 -3.84 -47.78
C GLN G 59 35.57 -2.84 -47.30
N TRP G 60 35.64 -2.47 -46.01
CA TRP G 60 34.67 -1.49 -45.49
C TRP G 60 34.94 -0.10 -46.04
N GLU G 61 36.22 0.27 -46.19
CA GLU G 61 36.54 1.57 -46.76
C GLU G 61 36.09 1.66 -48.21
N LYS G 62 36.26 0.59 -48.98
CA LYS G 62 35.80 0.58 -50.36
C LYS G 62 34.29 0.73 -50.43
N LEU G 63 33.57 0.01 -49.57
CA LEU G 63 32.11 0.06 -49.61
C LEU G 63 31.60 1.40 -49.09
N GLN G 64 32.27 1.99 -48.10
CA GLN G 64 31.88 3.32 -47.65
C GLN G 64 32.17 4.36 -48.72
N HIS G 65 33.28 4.20 -49.45
CA HIS G 65 33.59 5.13 -50.52
C HIS G 65 32.50 5.12 -51.59
N MET G 66 32.04 3.93 -51.97
CA MET G 66 30.92 3.83 -52.91
C MET G 66 29.72 4.61 -52.41
N PHE G 67 29.43 4.50 -51.12
CA PHE G 67 28.30 5.24 -50.55
C PHE G 67 28.48 6.74 -50.69
N GLN G 68 29.71 7.23 -50.44
CA GLN G 68 29.97 8.67 -50.50
C GLN G 68 29.78 9.19 -51.91
N VAL G 69 30.34 8.51 -52.90
CA VAL G 69 30.14 8.90 -54.30
C VAL G 69 28.66 8.82 -54.66
N TYR G 70 27.97 7.79 -54.18
CA TYR G 70 26.57 7.60 -54.54
C TYR G 70 25.68 8.72 -54.02
N ARG G 71 25.93 9.18 -52.79
CA ARG G 71 25.01 10.16 -52.20
C ARG G 71 25.02 11.47 -52.96
N VAL G 72 26.21 11.97 -53.32
CA VAL G 72 26.29 13.19 -54.12
C VAL G 72 25.72 12.94 -55.52
N SER G 73 26.01 11.78 -56.11
CA SER G 73 25.50 11.48 -57.44
C SER G 73 23.98 11.40 -57.42
N PHE G 74 23.41 10.72 -56.43
CA PHE G 74 21.96 10.66 -56.29
C PHE G 74 21.36 12.07 -56.22
N THR G 75 21.95 12.93 -55.38
CA THR G 75 21.43 14.29 -55.22
C THR G 75 21.46 15.06 -56.55
N ARG G 76 22.51 14.92 -57.33
CA ARG G 76 22.60 15.62 -58.60
C ARG G 76 21.66 15.06 -59.62
N ASP G 77 21.51 13.77 -59.66
CA ASP G 77 20.58 13.17 -60.60
C ASP G 77 19.16 13.62 -60.34
N ILE G 78 18.70 13.59 -59.11
CA ILE G 78 17.36 14.04 -58.78
C ILE G 78 17.13 15.49 -59.17
N GLN G 79 18.10 16.34 -58.93
CA GLN G 79 17.94 17.74 -59.30
C GLN G 79 17.86 17.92 -60.81
N GLU G 80 18.69 17.18 -61.56
CA GLU G 80 18.63 17.24 -63.02
C GLU G 80 17.31 16.67 -63.54
N LEU G 81 16.90 15.52 -63.01
CA LEU G 81 15.69 14.86 -63.50
C LEU G 81 14.46 15.73 -63.26
N VAL G 82 14.44 16.51 -62.18
CA VAL G 82 13.35 17.44 -61.97
C VAL G 82 13.37 18.54 -63.03
N LYS G 83 14.56 18.99 -63.43
CA LYS G 83 14.67 20.03 -64.44
C LYS G 83 14.11 19.56 -65.78
N MET G 84 14.42 18.32 -66.17
CA MET G 84 13.86 17.77 -67.39
C MET G 84 12.35 17.65 -67.33
N MET G 85 11.82 17.35 -66.14
CA MET G 85 10.40 17.04 -65.98
C MET G 85 9.51 18.26 -65.85
N SER G 86 10.08 19.47 -65.80
CA SER G 86 9.30 20.68 -65.62
C SER G 86 8.21 20.81 -66.69
N PRO G 87 7.03 21.30 -66.31
CA PRO G 87 6.67 21.71 -64.94
C PRO G 87 5.81 20.67 -64.20
N LYS G 88 6.09 19.39 -64.40
CA LYS G 88 5.41 18.33 -63.68
C LYS G 88 6.35 17.17 -63.36
N GLU G 89 6.74 17.05 -62.10
CA GLU G 89 6.35 18.01 -61.08
C GLU G 89 7.58 18.70 -60.53
N ASP G 90 7.42 19.95 -60.13
CA ASP G 90 8.52 20.63 -59.46
C ASP G 90 8.52 20.22 -57.99
N TYR G 91 9.42 20.84 -57.23
CA TYR G 91 9.52 20.60 -55.81
C TYR G 91 8.20 20.87 -55.09
N PRO G 92 7.97 20.23 -53.94
CA PRO G 92 8.90 19.33 -53.25
C PRO G 92 8.92 17.89 -53.76
N ILE G 93 10.08 17.25 -53.64
CA ILE G 93 10.26 15.86 -54.04
C ILE G 93 10.60 15.06 -52.79
N GLU G 94 9.79 14.04 -52.51
CA GLU G 94 10.02 13.14 -51.38
C GLU G 94 10.30 11.75 -51.94
N ILE G 95 11.48 11.21 -51.63
CA ILE G 95 11.88 9.89 -52.10
C ILE G 95 12.31 9.03 -50.91
N GLN G 96 11.86 7.78 -50.90
CA GLN G 96 12.32 6.77 -49.96
C GLN G 96 12.91 5.60 -50.75
N LEU G 97 14.13 5.20 -50.39
CA LEU G 97 14.79 4.04 -51.01
C LEU G 97 15.00 2.96 -49.97
N SER G 98 14.75 1.71 -50.36
CA SER G 98 15.00 0.56 -49.50
C SER G 98 15.70 -0.51 -50.33
N THR G 99 16.97 -0.78 -50.00
CA THR G 99 17.73 -1.81 -50.68
C THR G 99 18.37 -2.73 -49.64
N GLY G 100 18.47 -4.01 -49.99
CA GLY G 100 19.04 -4.99 -49.09
C GLY G 100 18.73 -6.40 -49.54
N CYS G 101 18.52 -7.30 -48.58
CA CYS G 101 18.18 -8.68 -48.91
C CYS G 101 17.61 -9.36 -47.68
N GLU G 102 16.54 -10.13 -47.89
CA GLU G 102 16.03 -11.02 -46.86
C GLU G 102 16.83 -12.31 -46.86
N MET G 103 17.20 -12.77 -45.67
CA MET G 103 18.07 -13.93 -45.51
C MET G 103 17.28 -15.10 -44.96
N TYR G 104 17.35 -16.23 -45.66
CA TYR G 104 16.62 -17.44 -45.33
C TYR G 104 17.59 -18.50 -44.81
N PRO G 105 17.10 -19.47 -44.03
CA PRO G 105 18.00 -20.49 -43.47
C PRO G 105 18.72 -21.26 -44.57
N GLY G 106 20.03 -21.41 -44.40
CA GLY G 106 20.83 -22.16 -45.34
C GLY G 106 21.51 -21.31 -46.40
N ASN G 107 22.16 -20.23 -45.97
CA ASN G 107 22.96 -19.35 -46.81
C ASN G 107 22.18 -18.77 -47.99
N ALA G 108 20.85 -18.88 -47.99
CA ALA G 108 20.01 -18.44 -49.10
C ALA G 108 19.40 -17.07 -48.82
N SER G 109 19.34 -16.23 -49.84
CA SER G 109 18.86 -14.87 -49.69
C SER G 109 18.13 -14.43 -50.95
N GLU G 110 17.45 -13.29 -50.85
CA GLU G 110 16.76 -12.67 -51.98
C GLU G 110 16.86 -11.16 -51.85
N SER G 111 17.44 -10.51 -52.86
CA SER G 111 17.73 -9.09 -52.79
C SER G 111 16.61 -8.23 -53.38
N PHE G 112 16.68 -6.93 -53.08
CA PHE G 112 15.68 -5.98 -53.55
C PHE G 112 16.29 -4.59 -53.64
N PHE G 113 15.60 -3.71 -54.36
CA PHE G 113 15.98 -2.30 -54.46
C PHE G 113 14.71 -1.56 -54.90
N HIS G 114 14.03 -0.94 -53.94
CA HIS G 114 12.73 -0.33 -54.15
C HIS G 114 12.79 1.17 -53.87
N VAL G 115 12.09 1.93 -54.70
CA VAL G 115 12.04 3.39 -54.58
C VAL G 115 10.58 3.82 -54.49
N ALA G 116 10.27 4.68 -53.53
CA ALA G 116 8.95 5.27 -53.41
C ALA G 116 9.05 6.76 -53.74
N PHE G 117 8.08 7.25 -54.52
CA PHE G 117 8.05 8.63 -54.98
C PHE G 117 6.81 9.30 -54.41
N GLN G 118 7.02 10.40 -53.70
CA GLN G 118 5.94 11.13 -53.02
C GLN G 118 5.10 10.18 -52.17
N GLY G 119 5.78 9.26 -51.48
CA GLY G 119 5.15 8.40 -50.51
C GLY G 119 4.66 7.06 -51.04
N LYS G 120 4.59 6.88 -52.36
CA LYS G 120 4.00 5.67 -52.92
C LYS G 120 5.04 4.90 -53.73
N TYR G 121 5.06 3.58 -53.52
CA TYR G 121 5.92 2.68 -54.26
C TYR G 121 5.87 2.96 -55.76
N ALA G 122 7.03 3.18 -56.36
CA ALA G 122 7.07 3.74 -57.71
C ALA G 122 8.06 3.05 -58.64
N VAL G 123 9.30 2.84 -58.17
CA VAL G 123 10.33 2.24 -59.00
C VAL G 123 10.96 1.07 -58.25
N ARG G 124 11.51 0.13 -59.01
CA ARG G 124 12.33 -0.95 -58.47
C ARG G 124 13.39 -1.30 -59.51
N PHE G 125 14.34 -2.13 -59.09
CA PHE G 125 15.41 -2.61 -59.95
C PHE G 125 15.40 -4.14 -59.92
N ARG G 126 15.08 -4.76 -61.05
CA ARG G 126 15.11 -6.21 -61.17
C ARG G 126 15.88 -6.61 -62.41
N GLY G 127 16.68 -7.68 -62.28
CA GLY G 127 17.53 -8.13 -63.35
C GLY G 127 18.65 -7.17 -63.73
N THR G 128 18.39 -6.34 -64.73
CA THR G 128 19.41 -5.46 -65.29
C THR G 128 18.96 -4.01 -65.43
N SER G 129 17.77 -3.65 -64.94
CA SER G 129 17.23 -2.33 -65.26
C SER G 129 16.25 -1.84 -64.20
N TRP G 130 16.04 -0.53 -64.18
CA TRP G 130 14.97 0.07 -63.40
C TRP G 130 13.63 -0.16 -64.07
N GLN G 131 12.59 -0.41 -63.27
CA GLN G 131 11.26 -0.66 -63.79
C GLN G 131 10.25 0.19 -63.02
N ARG G 132 9.35 0.83 -63.76
CA ARG G 132 8.19 1.44 -63.14
C ARG G 132 7.27 0.35 -62.59
N VAL G 133 6.85 0.50 -61.34
CA VAL G 133 5.93 -0.47 -60.77
C VAL G 133 4.50 -0.15 -61.22
N LEU G 134 3.62 -1.15 -61.12
CA LEU G 134 2.26 -1.00 -61.60
C LEU G 134 1.55 0.13 -60.88
N GLY G 135 0.85 0.97 -61.66
CA GLY G 135 0.11 2.06 -61.07
C GLY G 135 0.94 3.23 -60.59
N ALA G 136 2.26 3.19 -60.78
CA ALA G 136 3.06 4.38 -60.58
C ALA G 136 2.75 5.38 -61.69
N PRO G 137 2.92 6.67 -61.45
CA PRO G 137 2.61 7.67 -62.48
C PRO G 137 3.32 7.38 -63.80
N SER G 138 2.58 7.53 -64.90
CA SER G 138 3.08 7.12 -66.20
C SER G 138 4.28 7.95 -66.65
N TRP G 139 4.34 9.22 -66.24
CA TRP G 139 5.44 10.08 -66.66
C TRP G 139 6.78 9.65 -66.08
N LEU G 140 6.79 8.76 -65.09
CA LEU G 140 8.05 8.24 -64.56
C LEU G 140 8.80 7.42 -65.61
N ASP G 141 8.09 6.94 -66.64
CA ASP G 141 8.75 6.22 -67.74
C ASP G 141 9.91 7.02 -68.31
N LEU G 142 9.81 8.35 -68.30
CA LEU G 142 10.87 9.16 -68.92
C LEU G 142 12.13 9.18 -68.07
N PRO G 143 12.12 9.55 -66.79
CA PRO G 143 13.37 9.46 -66.02
C PRO G 143 13.90 8.05 -65.88
N ILE G 144 13.03 7.04 -65.84
CA ILE G 144 13.49 5.66 -65.79
C ILE G 144 14.25 5.30 -67.05
N LYS G 145 13.82 5.84 -68.20
CA LYS G 145 14.55 5.64 -69.44
C LYS G 145 15.93 6.28 -69.37
N VAL G 146 16.02 7.47 -68.77
CA VAL G 146 17.29 8.18 -68.69
C VAL G 146 18.29 7.40 -67.83
N LEU G 147 17.83 6.87 -66.69
CA LEU G 147 18.72 6.11 -65.81
C LEU G 147 19.13 4.79 -66.45
N ASN G 148 18.22 4.15 -67.18
CA ASN G 148 18.53 2.88 -67.82
C ASN G 148 19.58 3.00 -68.92
N ALA G 149 19.88 4.22 -69.37
CA ALA G 149 20.96 4.42 -70.33
C ALA G 149 22.33 4.23 -69.70
N ASP G 150 22.42 4.25 -68.36
CA ASP G 150 23.70 4.19 -67.66
C ASP G 150 24.05 2.73 -67.43
N GLN G 151 24.72 2.11 -68.40
CA GLN G 151 25.08 0.71 -68.28
C GLN G 151 26.01 0.47 -67.10
N GLY G 152 26.81 1.46 -66.73
CA GLY G 152 27.75 1.28 -65.64
C GLY G 152 27.08 1.21 -64.29
N THR G 153 26.14 2.13 -64.02
CA THR G 153 25.37 2.07 -62.78
C THR G 153 24.57 0.78 -62.71
N SER G 154 24.00 0.36 -63.84
CA SER G 154 23.23 -0.89 -63.87
C SER G 154 24.07 -2.07 -63.40
N ALA G 155 25.34 -2.13 -63.83
CA ALA G 155 26.19 -3.25 -63.43
C ALA G 155 26.57 -3.16 -61.95
N THR G 156 26.79 -1.94 -61.44
CA THR G 156 27.08 -1.80 -60.03
C THR G 156 25.89 -2.21 -59.17
N VAL G 157 24.68 -1.79 -59.55
CA VAL G 157 23.49 -2.17 -58.80
C VAL G 157 23.29 -3.68 -58.85
N GLN G 158 23.55 -4.29 -60.01
CA GLN G 158 23.50 -5.75 -60.12
C GLN G 158 24.47 -6.39 -59.12
N THR G 159 25.69 -5.88 -59.07
CA THR G 159 26.69 -6.45 -58.16
C THR G 159 26.26 -6.26 -56.71
N LEU G 160 25.77 -5.07 -56.37
CA LEU G 160 25.26 -4.80 -55.03
C LEU G 160 24.19 -5.80 -54.64
N LEU G 161 23.16 -5.93 -55.46
CA LEU G 161 22.03 -6.78 -55.10
C LEU G 161 22.42 -8.25 -55.13
N ASN G 162 23.19 -8.66 -56.12
CA ASN G 162 23.45 -10.09 -56.29
C ASN G 162 24.53 -10.61 -55.35
N ASP G 163 25.54 -9.80 -55.03
CA ASP G 163 26.70 -10.27 -54.29
C ASP G 163 26.97 -9.49 -53.01
N THR G 164 27.11 -8.16 -53.08
CA THR G 164 27.55 -7.39 -51.91
C THR G 164 26.57 -7.53 -50.75
N TRP G 165 25.30 -7.23 -50.98
CA TRP G 165 24.28 -7.35 -49.93
C TRP G 165 24.24 -8.74 -49.33
N PRO G 166 24.11 -9.83 -50.09
CA PRO G 166 24.07 -11.16 -49.43
C PRO G 166 25.32 -11.48 -48.66
N GLN G 167 26.50 -11.06 -49.13
CA GLN G 167 27.73 -11.43 -48.44
C GLN G 167 27.94 -10.58 -47.19
N PHE G 168 27.84 -9.25 -47.33
CA PHE G 168 27.93 -8.37 -46.17
C PHE G 168 26.91 -8.76 -45.10
N ALA G 169 25.69 -9.08 -45.51
CA ALA G 169 24.63 -9.34 -44.54
C ALA G 169 24.81 -10.66 -43.82
N ARG G 170 25.31 -11.69 -44.51
CA ARG G 170 25.69 -12.92 -43.82
C ARG G 170 26.80 -12.66 -42.82
N GLY G 171 27.77 -11.81 -43.18
CA GLY G 171 28.80 -11.43 -42.23
C GLY G 171 28.23 -10.69 -41.03
N LEU G 172 27.36 -9.72 -41.28
CA LEU G 172 26.68 -9.02 -40.19
C LEU G 172 25.89 -9.99 -39.33
N LEU G 173 25.25 -10.98 -39.95
CA LEU G 173 24.44 -11.93 -39.21
C LEU G 173 25.29 -12.77 -38.26
N GLU G 174 26.43 -13.27 -38.74
CA GLU G 174 27.36 -13.99 -37.87
C GLU G 174 27.85 -13.10 -36.73
N ALA G 175 28.29 -11.88 -37.06
CA ALA G 175 28.91 -11.02 -36.07
C ALA G 175 27.90 -10.54 -35.02
N GLY G 176 26.67 -10.27 -35.43
CA GLY G 176 25.65 -9.78 -34.54
C GLY G 176 24.73 -10.84 -33.98
N LYS G 177 25.09 -12.11 -34.12
CA LYS G 177 24.19 -13.19 -33.75
C LYS G 177 23.88 -13.19 -32.25
N SER G 178 24.90 -12.94 -31.42
CA SER G 178 24.67 -12.89 -29.98
C SER G 178 23.75 -11.74 -29.60
N ASP G 179 23.87 -10.61 -30.30
CA ASP G 179 22.91 -9.52 -30.12
C ASP G 179 21.52 -9.96 -30.51
N LEU G 180 21.37 -10.48 -31.73
CA LEU G 180 20.05 -10.84 -32.25
C LEU G 180 19.39 -11.94 -31.44
N GLU G 181 20.14 -12.69 -30.64
CA GLU G 181 19.59 -13.78 -29.87
C GLU G 181 19.57 -13.52 -28.37
N LYS G 182 20.07 -12.36 -27.92
CA LYS G 182 20.04 -12.04 -26.51
C LYS G 182 18.61 -12.12 -25.98
N GLN G 183 18.49 -12.40 -24.68
CA GLN G 183 17.20 -12.47 -24.02
C GLN G 183 17.13 -11.37 -22.97
N GLU G 184 16.18 -10.46 -23.13
CA GLU G 184 15.84 -9.48 -22.10
C GLU G 184 14.43 -9.78 -21.60
N LYS G 185 14.24 -9.67 -20.32
CA LYS G 185 12.97 -10.11 -19.73
C LYS G 185 11.95 -8.99 -19.74
N PRO G 186 10.69 -9.28 -20.03
CA PRO G 186 9.64 -8.27 -19.91
C PRO G 186 9.39 -7.93 -18.45
N VAL G 187 8.96 -6.69 -18.23
CA VAL G 187 8.43 -6.25 -16.94
C VAL G 187 6.99 -5.81 -17.17
N ALA G 188 6.06 -6.37 -16.40
CA ALA G 188 4.65 -6.08 -16.57
C ALA G 188 4.11 -5.27 -15.40
N TRP G 189 3.02 -4.56 -15.65
CA TRP G 189 2.31 -3.83 -14.61
C TRP G 189 0.91 -3.53 -15.12
N LEU G 190 0.00 -3.26 -14.19
CA LEU G 190 -1.42 -3.16 -14.48
C LEU G 190 -1.96 -1.78 -14.14
N SER G 191 -3.02 -1.40 -14.87
CA SER G 191 -3.85 -0.27 -14.49
C SER G 191 -5.21 -0.46 -15.15
N SER G 192 -6.12 0.48 -14.89
CA SER G 192 -7.45 0.44 -15.45
C SER G 192 -7.91 1.86 -15.77
N VAL G 193 -8.82 1.96 -16.73
CA VAL G 193 -9.48 3.21 -17.07
C VAL G 193 -10.98 2.94 -17.14
N PRO G 194 -11.83 3.88 -16.74
CA PRO G 194 -13.25 3.77 -17.10
C PRO G 194 -13.43 3.94 -18.60
N SER G 195 -14.43 3.25 -19.15
CA SER G 195 -14.66 3.26 -20.58
C SER G 195 -16.06 3.81 -20.89
N SER G 196 -16.31 4.04 -22.17
CA SER G 196 -17.54 4.66 -22.63
C SER G 196 -18.75 3.74 -22.46
N ALA G 197 -18.92 3.21 -21.25
CA ALA G 197 -20.16 2.61 -20.79
C ALA G 197 -20.24 2.85 -19.29
N HIS G 198 -21.33 2.40 -18.69
CA HIS G 198 -21.54 2.55 -17.25
C HIS G 198 -21.51 1.17 -16.60
N GLY G 199 -20.96 1.10 -15.39
CA GLY G 199 -20.64 -0.20 -14.83
C GLY G 199 -19.68 -0.95 -15.73
N HIS G 200 -18.69 -0.25 -16.27
CA HIS G 200 -17.84 -0.84 -17.29
C HIS G 200 -16.44 -0.24 -17.19
N LEU G 201 -15.44 -1.10 -17.36
CA LEU G 201 -14.06 -0.78 -17.02
C LEU G 201 -13.12 -1.49 -17.97
N GLN G 202 -12.02 -0.83 -18.33
CA GLN G 202 -10.99 -1.40 -19.20
C GLN G 202 -9.74 -1.67 -18.39
N LEU G 203 -9.42 -2.95 -18.21
CA LEU G 203 -8.15 -3.35 -17.60
C LEU G 203 -7.05 -3.32 -18.66
N VAL G 204 -5.88 -2.80 -18.29
CA VAL G 204 -4.77 -2.69 -19.22
C VAL G 204 -3.53 -3.33 -18.59
N CYS G 205 -2.83 -4.14 -19.38
CA CYS G 205 -1.63 -4.84 -18.93
C CYS G 205 -0.44 -4.33 -19.73
N HIS G 206 0.42 -3.55 -19.09
CA HIS G 206 1.61 -3.01 -19.75
C HIS G 206 2.75 -4.01 -19.64
N VAL G 207 3.47 -4.22 -20.76
CA VAL G 207 4.56 -5.18 -20.83
C VAL G 207 5.70 -4.52 -21.60
N SER G 208 6.85 -4.34 -20.94
CA SER G 208 7.91 -3.53 -21.50
C SER G 208 9.27 -4.12 -21.17
N GLY G 209 10.22 -3.92 -22.09
CA GLY G 209 11.60 -4.30 -21.88
C GLY G 209 12.02 -5.64 -22.44
N PHE G 210 11.14 -6.31 -23.19
CA PHE G 210 11.45 -7.66 -23.65
C PHE G 210 12.16 -7.67 -25.00
N TYR G 211 13.00 -8.67 -25.18
CA TYR G 211 13.70 -8.93 -26.44
C TYR G 211 14.04 -10.42 -26.44
N PRO G 212 13.87 -11.11 -27.59
CA PRO G 212 13.39 -10.63 -28.89
C PRO G 212 11.92 -10.26 -28.91
N LYS G 213 11.44 -9.90 -30.09
CA LYS G 213 10.12 -9.32 -30.31
C LYS G 213 8.94 -10.27 -30.02
N PRO G 214 8.98 -11.54 -30.42
CA PRO G 214 7.80 -12.40 -30.20
C PRO G 214 7.43 -12.50 -28.72
N VAL G 215 6.12 -12.39 -28.45
CA VAL G 215 5.63 -12.36 -27.08
C VAL G 215 4.17 -12.78 -27.07
N TRP G 216 3.66 -13.12 -25.89
CA TRP G 216 2.31 -13.65 -25.71
C TRP G 216 1.74 -13.04 -24.44
N VAL G 217 0.69 -12.24 -24.57
CA VAL G 217 0.10 -11.53 -23.44
C VAL G 217 -1.42 -11.74 -23.48
N MET G 218 -1.97 -12.21 -22.37
CA MET G 218 -3.40 -12.50 -22.29
C MET G 218 -3.93 -12.16 -20.91
N TRP G 219 -5.14 -11.61 -20.87
CA TRP G 219 -5.87 -11.52 -19.62
C TRP G 219 -6.49 -12.88 -19.30
N MET G 220 -6.42 -13.26 -18.03
CA MET G 220 -6.74 -14.60 -17.60
C MET G 220 -7.76 -14.60 -16.49
N ARG G 221 -8.59 -15.62 -16.48
CA ARG G 221 -9.58 -15.86 -15.43
C ARG G 221 -9.37 -17.31 -14.98
N GLY G 222 -8.35 -17.51 -14.15
CA GLY G 222 -7.84 -18.86 -13.93
C GLY G 222 -7.01 -19.28 -15.12
N ASP G 223 -7.27 -20.49 -15.62
CA ASP G 223 -6.63 -20.98 -16.83
C ASP G 223 -7.48 -20.74 -18.07
N GLN G 224 -8.51 -19.91 -17.96
CA GLN G 224 -9.42 -19.59 -19.06
C GLN G 224 -8.96 -18.29 -19.71
N GLU G 225 -8.52 -18.37 -20.96
CA GLU G 225 -8.13 -17.18 -21.70
C GLU G 225 -9.34 -16.31 -21.98
N GLN G 226 -9.25 -15.03 -21.60
CA GLN G 226 -10.29 -14.06 -21.93
C GLN G 226 -9.99 -13.50 -23.32
N GLN G 227 -10.75 -13.95 -24.32
CA GLN G 227 -10.43 -13.54 -25.69
C GLN G 227 -10.90 -12.12 -26.02
N GLY G 228 -11.56 -11.44 -25.10
CA GLY G 228 -11.80 -10.02 -25.27
C GLY G 228 -10.51 -9.22 -25.17
N THR G 229 -9.40 -9.93 -24.91
CA THR G 229 -8.09 -9.31 -24.80
C THR G 229 -7.66 -8.75 -26.16
N HIS G 230 -7.39 -7.45 -26.20
CA HIS G 230 -6.93 -6.77 -27.42
C HIS G 230 -5.48 -6.35 -27.23
N ARG G 231 -4.61 -6.82 -28.12
CA ARG G 231 -3.20 -6.44 -28.11
C ARG G 231 -2.98 -5.22 -28.98
N GLY G 232 -2.34 -4.19 -28.40
CA GLY G 232 -1.94 -3.03 -29.17
C GLY G 232 -0.77 -3.35 -30.08
N ASP G 233 -0.21 -2.30 -30.68
CA ASP G 233 0.95 -2.45 -31.53
C ASP G 233 2.21 -2.62 -30.70
N PHE G 234 3.25 -3.13 -31.35
CA PHE G 234 4.58 -3.17 -30.76
C PHE G 234 5.23 -1.80 -30.88
N LEU G 235 5.53 -1.20 -29.73
CA LEU G 235 6.15 0.12 -29.68
C LEU G 235 7.58 -0.02 -29.21
N PRO G 236 8.54 0.66 -29.86
CA PRO G 236 9.94 0.48 -29.48
C PRO G 236 10.31 1.28 -28.24
N ASN G 237 11.31 0.76 -27.53
CA ASN G 237 12.01 1.52 -26.51
C ASN G 237 13.33 2.00 -27.07
N ALA G 238 13.89 3.03 -26.42
CA ALA G 238 15.12 3.63 -26.91
C ALA G 238 16.28 2.65 -26.93
N ASP G 239 16.26 1.67 -26.02
CA ASP G 239 17.31 0.66 -25.95
C ASP G 239 17.07 -0.52 -26.90
N GLU G 240 16.11 -0.39 -27.83
CA GLU G 240 15.77 -1.41 -28.81
C GLU G 240 15.19 -2.67 -28.18
N THR G 241 14.68 -2.59 -26.95
CA THR G 241 13.73 -3.59 -26.48
C THR G 241 12.33 -3.13 -26.92
N TRP G 242 11.31 -3.91 -26.57
CA TRP G 242 9.98 -3.69 -27.09
C TRP G 242 8.98 -3.45 -25.97
N TYR G 243 7.90 -2.73 -26.30
CA TYR G 243 6.80 -2.43 -25.39
C TYR G 243 5.50 -2.87 -26.05
N LEU G 244 4.57 -3.36 -25.24
CA LEU G 244 3.28 -3.83 -25.70
C LEU G 244 2.29 -3.71 -24.55
N GLN G 245 1.04 -3.40 -24.87
CA GLN G 245 0.00 -3.44 -23.86
C GLN G 245 -1.22 -4.17 -24.39
N ALA G 246 -1.84 -4.96 -23.52
CA ALA G 246 -3.06 -5.70 -23.83
C ALA G 246 -4.16 -5.26 -22.88
N THR G 247 -5.35 -5.05 -23.43
CA THR G 247 -6.47 -4.56 -22.64
C THR G 247 -7.61 -5.58 -22.62
N LEU G 248 -8.41 -5.50 -21.56
CA LEU G 248 -9.63 -6.28 -21.43
C LEU G 248 -10.74 -5.39 -20.90
N ASP G 249 -11.90 -5.49 -21.51
CA ASP G 249 -13.04 -4.64 -21.18
C ASP G 249 -14.05 -5.50 -20.41
N VAL G 250 -14.32 -5.13 -19.17
CA VAL G 250 -15.21 -5.91 -18.30
C VAL G 250 -16.23 -5.00 -17.65
N GLU G 251 -17.35 -5.60 -17.24
CA GLU G 251 -18.32 -4.87 -16.45
C GLU G 251 -17.80 -4.67 -15.03
N ALA G 252 -18.29 -3.62 -14.38
CA ALA G 252 -17.85 -3.32 -13.01
C ALA G 252 -18.24 -4.46 -12.09
N GLY G 253 -17.30 -4.84 -11.22
CA GLY G 253 -17.43 -6.00 -10.36
C GLY G 253 -16.75 -7.24 -10.89
N GLU G 254 -16.60 -7.35 -12.20
CA GLU G 254 -15.98 -8.52 -12.83
C GLU G 254 -14.46 -8.49 -12.78
N GLU G 255 -13.85 -7.51 -12.10
CA GLU G 255 -12.40 -7.41 -12.11
C GLU G 255 -11.76 -8.46 -11.21
N ALA G 256 -12.35 -8.69 -10.03
CA ALA G 256 -11.70 -9.53 -9.02
C ALA G 256 -11.43 -10.91 -9.56
N GLY G 257 -10.21 -11.39 -9.32
CA GLY G 257 -9.79 -12.70 -9.79
C GLY G 257 -9.14 -12.71 -11.16
N LEU G 258 -9.26 -11.63 -11.93
CA LEU G 258 -8.64 -11.56 -13.23
C LEU G 258 -7.13 -11.34 -13.08
N ALA G 259 -6.37 -11.89 -14.01
CA ALA G 259 -4.93 -11.75 -14.01
C ALA G 259 -4.44 -11.52 -15.44
N CYS G 260 -3.29 -10.86 -15.56
CA CYS G 260 -2.57 -10.77 -16.82
C CYS G 260 -1.42 -11.76 -16.82
N ARG G 261 -1.30 -12.53 -17.89
CA ARG G 261 -0.23 -13.52 -18.02
C ARG G 261 0.60 -13.22 -19.26
N VAL G 262 1.92 -13.33 -19.10
CA VAL G 262 2.87 -13.01 -20.16
C VAL G 262 3.81 -14.20 -20.34
N LYS G 263 3.89 -14.70 -21.57
CA LYS G 263 4.88 -15.70 -21.96
C LYS G 263 5.96 -15.04 -22.81
N HIS G 264 7.21 -15.38 -22.55
CA HIS G 264 8.31 -14.88 -23.37
C HIS G 264 9.47 -15.86 -23.28
N SER G 265 10.29 -15.86 -24.33
CA SER G 265 11.41 -16.79 -24.44
C SER G 265 12.44 -16.61 -23.34
N SER G 266 12.45 -15.46 -22.66
CA SER G 266 13.48 -15.14 -21.68
C SER G 266 13.15 -15.64 -20.28
N LEU G 267 11.95 -16.16 -20.07
CA LEU G 267 11.47 -16.54 -18.75
C LEU G 267 11.60 -18.04 -18.49
N GLY G 268 12.26 -18.77 -19.38
CA GLY G 268 12.14 -20.21 -19.34
C GLY G 268 10.68 -20.58 -19.56
N GLY G 269 10.13 -21.33 -18.62
CA GLY G 269 8.72 -21.68 -18.69
C GLY G 269 7.93 -21.08 -17.54
N GLN G 270 8.51 -20.06 -16.89
CA GLN G 270 7.90 -19.41 -15.73
C GLN G 270 7.23 -18.12 -16.19
N ASP G 271 5.98 -18.23 -16.63
CA ASP G 271 5.23 -17.06 -17.06
C ASP G 271 5.08 -16.05 -15.93
N ILE G 272 4.97 -14.78 -16.29
CA ILE G 272 4.56 -13.75 -15.34
C ILE G 272 3.06 -13.77 -15.25
N ILE G 273 2.54 -13.94 -14.04
CA ILE G 273 1.10 -13.91 -13.79
C ILE G 273 0.85 -12.82 -12.77
N LEU G 274 0.12 -11.78 -13.17
CA LEU G 274 -0.09 -10.59 -12.35
C LEU G 274 -1.58 -10.46 -12.07
N TYR G 275 -1.95 -10.59 -10.80
CA TYR G 275 -3.36 -10.57 -10.40
C TYR G 275 -3.84 -9.15 -10.15
N TRP G 276 -5.03 -8.85 -10.64
CA TRP G 276 -5.62 -7.53 -10.43
C TRP G 276 -6.08 -7.37 -8.98
N GLN H 2 -0.30 13.51 -48.45
CA GLN H 2 -0.23 13.94 -47.06
C GLN H 2 -0.96 12.98 -46.13
N LYS H 3 -0.28 12.55 -45.05
CA LYS H 3 -0.87 11.66 -44.07
C LYS H 3 -0.62 12.21 -42.67
N THR H 4 -1.64 12.09 -41.82
CA THR H 4 -1.65 12.69 -40.49
C THR H 4 -0.96 11.78 -39.47
N PRO H 5 -0.15 12.34 -38.58
CA PRO H 5 0.61 11.50 -37.65
C PRO H 5 -0.25 10.90 -36.55
N GLN H 6 0.01 9.63 -36.24
CA GLN H 6 -0.46 9.00 -35.02
C GLN H 6 0.60 9.16 -33.95
N ILE H 7 0.14 9.36 -32.71
CA ILE H 7 1.03 9.65 -31.59
C ILE H 7 0.71 8.70 -30.44
N GLN H 8 1.75 8.14 -29.82
CA GLN H 8 1.58 7.26 -28.68
C GLN H 8 2.62 7.61 -27.62
N VAL H 9 2.16 7.78 -26.38
CA VAL H 9 2.98 8.21 -25.26
C VAL H 9 2.92 7.14 -24.18
N TYR H 10 4.08 6.72 -23.69
CA TYR H 10 4.18 5.59 -22.78
C TYR H 10 5.54 5.61 -22.10
N SER H 11 5.59 5.04 -20.90
CA SER H 11 6.81 5.04 -20.10
C SER H 11 7.61 3.76 -20.31
N ARG H 12 8.93 3.88 -20.21
CA ARG H 12 9.83 2.74 -20.37
C ARG H 12 9.65 1.72 -19.26
N HIS H 13 9.45 2.20 -18.03
CA HIS H 13 9.37 1.37 -16.83
C HIS H 13 8.03 1.61 -16.13
N PRO H 14 7.61 0.71 -15.24
CA PRO H 14 6.42 0.96 -14.42
C PRO H 14 6.52 2.31 -13.74
N PRO H 15 5.51 3.17 -13.90
CA PRO H 15 5.60 4.50 -13.30
C PRO H 15 5.42 4.44 -11.79
N GLU H 16 6.31 5.12 -11.09
CA GLU H 16 6.29 5.23 -9.63
C GLU H 16 6.56 6.69 -9.31
N ASN H 17 5.68 7.31 -8.52
CA ASN H 17 5.84 8.72 -8.21
C ASN H 17 7.19 8.96 -7.56
N GLY H 18 7.83 10.06 -7.94
CA GLY H 18 9.14 10.42 -7.41
C GLY H 18 10.30 9.59 -7.90
N LYS H 19 10.07 8.61 -8.78
CA LYS H 19 11.12 7.70 -9.20
C LYS H 19 11.49 7.96 -10.64
N PRO H 20 12.77 8.25 -10.94
CA PRO H 20 13.15 8.61 -12.32
C PRO H 20 12.79 7.52 -13.32
N ASN H 21 12.43 7.96 -14.52
CA ASN H 21 11.90 7.08 -15.54
C ASN H 21 12.24 7.67 -16.91
N ILE H 22 11.74 7.03 -17.97
CA ILE H 22 11.91 7.50 -19.33
C ILE H 22 10.54 7.55 -19.99
N LEU H 23 10.22 8.68 -20.62
CA LEU H 23 8.96 8.84 -21.33
C LEU H 23 9.20 8.74 -22.83
N ASN H 24 8.39 7.94 -23.51
CA ASN H 24 8.50 7.71 -24.94
C ASN H 24 7.33 8.34 -25.69
N CYS H 25 7.63 8.94 -26.84
CA CYS H 25 6.62 9.44 -27.77
C CYS H 25 6.91 8.86 -29.15
N TYR H 26 6.03 7.98 -29.61
CA TYR H 26 6.22 7.23 -30.85
C TYR H 26 5.26 7.77 -31.89
N VAL H 27 5.79 8.31 -32.98
CA VAL H 27 5.02 9.02 -33.99
C VAL H 27 5.13 8.27 -35.32
N THR H 28 3.99 7.95 -35.92
CA THR H 28 3.95 7.09 -37.10
C THR H 28 2.97 7.62 -38.13
N GLN H 29 3.06 7.03 -39.33
CA GLN H 29 2.08 7.15 -40.41
C GLN H 29 1.95 8.55 -40.98
N PHE H 30 2.96 9.39 -40.85
CA PHE H 30 2.92 10.74 -41.38
C PHE H 30 3.65 10.83 -42.72
N HIS H 31 3.19 11.74 -43.58
CA HIS H 31 3.89 12.08 -44.83
C HIS H 31 3.57 13.53 -45.22
N PRO H 32 4.58 14.31 -45.62
CA PRO H 32 6.01 14.04 -45.79
C PRO H 32 6.77 13.89 -44.45
N PRO H 33 8.03 13.45 -44.48
CA PRO H 33 8.74 13.16 -43.23
C PRO H 33 9.10 14.37 -42.40
N HIS H 34 9.01 15.59 -42.93
CA HIS H 34 9.32 16.77 -42.12
C HIS H 34 8.30 16.90 -40.99
N ILE H 35 8.80 17.05 -39.76
CA ILE H 35 7.93 16.99 -38.60
C ILE H 35 8.66 17.61 -37.41
N GLU H 36 7.89 18.18 -36.48
CA GLU H 36 8.42 18.80 -35.29
C GLU H 36 7.78 18.14 -34.08
N ILE H 37 8.59 17.55 -33.20
CA ILE H 37 8.11 16.81 -32.05
C ILE H 37 8.71 17.42 -30.80
N GLN H 38 7.85 17.93 -29.92
CA GLN H 38 8.28 18.43 -28.61
C GLN H 38 7.70 17.53 -27.54
N MET H 39 8.39 17.47 -26.40
CA MET H 39 7.89 16.81 -25.21
C MET H 39 7.83 17.84 -24.09
N LEU H 40 6.69 17.94 -23.44
CA LEU H 40 6.42 19.04 -22.52
C LEU H 40 6.30 18.54 -21.09
N LYS H 41 6.75 19.39 -20.16
CA LYS H 41 6.50 19.21 -18.74
C LYS H 41 5.78 20.45 -18.22
N ASN H 42 4.53 20.26 -17.78
CA ASN H 42 3.65 21.35 -17.39
C ASN H 42 3.57 22.41 -18.50
N GLY H 43 3.36 21.94 -19.72
CA GLY H 43 3.26 22.81 -20.88
C GLY H 43 4.54 23.48 -21.32
N LYS H 44 5.66 23.23 -20.65
CA LYS H 44 6.93 23.85 -20.99
C LYS H 44 7.84 22.84 -21.68
N LYS H 45 8.61 23.31 -22.66
CA LYS H 45 9.43 22.43 -23.48
C LYS H 45 10.52 21.77 -22.65
N ILE H 46 10.55 20.45 -22.66
CA ILE H 46 11.62 19.71 -21.99
C ILE H 46 12.90 19.90 -22.79
N PRO H 47 13.97 20.40 -22.18
CA PRO H 47 15.16 20.80 -22.96
C PRO H 47 15.88 19.65 -23.66
N LYS H 48 16.16 18.55 -22.96
CA LYS H 48 16.88 17.43 -23.57
C LYS H 48 15.88 16.37 -24.02
N VAL H 49 15.69 16.27 -25.34
CA VAL H 49 14.79 15.29 -25.94
C VAL H 49 15.51 14.65 -27.10
N GLU H 50 15.69 13.33 -27.04
CA GLU H 50 16.42 12.60 -28.06
C GLU H 50 15.45 12.01 -29.08
N MET H 51 15.91 11.97 -30.32
CA MET H 51 15.13 11.48 -31.45
C MET H 51 15.88 10.35 -32.13
N SER H 52 15.16 9.28 -32.48
CA SER H 52 15.75 8.26 -33.32
C SER H 52 15.92 8.81 -34.73
N ASP H 53 16.70 8.09 -35.53
CA ASP H 53 16.85 8.46 -36.94
C ASP H 53 15.56 8.17 -37.69
N MET H 54 15.17 9.08 -38.57
CA MET H 54 13.98 8.86 -39.39
C MET H 54 14.07 7.52 -40.11
N SER H 55 13.03 6.71 -39.96
CA SER H 55 12.96 5.40 -40.58
C SER H 55 11.54 5.21 -41.09
N PHE H 56 11.33 4.11 -41.81
CA PHE H 56 9.99 3.81 -42.31
C PHE H 56 9.82 2.31 -42.41
N SER H 57 8.56 1.89 -42.44
CA SER H 57 8.24 0.47 -42.45
C SER H 57 8.25 -0.07 -43.88
N LYS H 58 7.99 -1.37 -44.00
CA LYS H 58 7.94 -2.01 -45.32
C LYS H 58 6.89 -1.35 -46.21
N ASP H 59 5.77 -0.92 -45.63
CA ASP H 59 4.72 -0.23 -46.37
C ASP H 59 5.00 1.26 -46.57
N TRP H 60 6.24 1.69 -46.34
CA TRP H 60 6.69 3.07 -46.56
C TRP H 60 6.11 4.05 -45.54
N SER H 61 5.57 3.56 -44.43
CA SER H 61 5.06 4.45 -43.38
C SER H 61 6.21 4.89 -42.47
N PHE H 62 6.40 6.19 -42.35
CA PHE H 62 7.45 6.72 -41.49
C PHE H 62 7.17 6.43 -40.02
N TYR H 63 8.23 6.36 -39.23
CA TYR H 63 8.10 6.24 -37.78
C TYR H 63 9.33 6.84 -37.14
N ILE H 64 9.12 7.47 -35.98
CA ILE H 64 10.21 8.12 -35.25
C ILE H 64 9.90 8.04 -33.76
N LEU H 65 10.94 7.88 -32.95
CA LEU H 65 10.81 7.74 -31.51
C LEU H 65 11.52 8.90 -30.83
N ALA H 66 10.74 9.73 -30.12
CA ALA H 66 11.29 10.72 -29.22
C ALA H 66 11.22 10.18 -27.81
N HIS H 67 12.24 10.50 -27.01
CA HIS H 67 12.22 10.08 -25.61
C HIS H 67 13.01 11.05 -24.77
N THR H 68 12.72 11.03 -23.47
CA THR H 68 13.30 11.94 -22.50
C THR H 68 13.16 11.31 -21.13
N GLU H 69 14.07 11.65 -20.24
CA GLU H 69 13.96 11.17 -18.87
C GLU H 69 13.02 12.08 -18.09
N PHE H 70 12.21 11.48 -17.21
CA PHE H 70 11.26 12.24 -16.41
C PHE H 70 11.00 11.47 -15.13
N THR H 71 10.42 12.17 -14.16
CA THR H 71 9.98 11.54 -12.91
C THR H 71 8.49 11.76 -12.77
N PRO H 72 7.67 10.71 -12.84
CA PRO H 72 6.24 10.89 -12.59
C PRO H 72 6.02 11.40 -11.18
N THR H 73 5.00 12.24 -11.03
CA THR H 73 4.63 12.78 -9.74
C THR H 73 3.13 13.05 -9.77
N GLU H 74 2.60 13.55 -8.66
CA GLU H 74 1.15 13.66 -8.59
C GLU H 74 0.62 15.02 -9.07
N THR H 75 1.48 15.99 -9.34
CA THR H 75 1.01 17.27 -9.87
C THR H 75 1.52 17.59 -11.28
N ASP H 76 2.56 16.92 -11.77
CA ASP H 76 3.17 17.28 -13.04
C ASP H 76 2.46 16.60 -14.20
N THR H 77 2.16 17.37 -15.23
CA THR H 77 1.61 16.88 -16.48
C THR H 77 2.72 16.73 -17.51
N TYR H 78 2.63 15.68 -18.33
CA TYR H 78 3.61 15.43 -19.36
C TYR H 78 2.90 15.21 -20.70
N ALA H 79 3.42 15.83 -21.75
CA ALA H 79 2.78 15.79 -23.05
C ALA H 79 3.81 15.61 -24.16
N CYS H 80 3.32 15.11 -25.29
CA CYS H 80 4.06 15.09 -26.54
C CYS H 80 3.27 15.92 -27.54
N ARG H 81 3.93 16.93 -28.13
CA ARG H 81 3.29 17.86 -29.04
C ARG H 81 3.93 17.76 -30.42
N VAL H 82 3.12 17.57 -31.44
CA VAL H 82 3.59 17.34 -32.80
C VAL H 82 2.98 18.39 -33.73
N LYS H 83 3.82 19.05 -34.51
CA LYS H 83 3.39 19.91 -35.60
C LYS H 83 3.76 19.24 -36.92
N HIS H 84 2.76 19.03 -37.78
CA HIS H 84 2.96 18.46 -39.10
C HIS H 84 2.05 19.19 -40.09
N ALA H 85 2.52 19.31 -41.33
CA ALA H 85 1.81 20.08 -42.34
C ALA H 85 0.46 19.48 -42.71
N SER H 86 0.15 18.27 -42.24
CA SER H 86 -1.14 17.65 -42.52
C SER H 86 -2.23 18.11 -41.55
N MET H 87 -1.84 18.69 -40.41
CA MET H 87 -2.78 19.22 -39.44
C MET H 87 -2.67 20.73 -39.38
N ALA H 88 -3.82 21.41 -39.32
CA ALA H 88 -3.82 22.86 -39.22
C ALA H 88 -3.18 23.34 -37.93
N GLU H 89 -3.29 22.56 -36.86
CA GLU H 89 -2.77 22.94 -35.56
C GLU H 89 -1.93 21.82 -34.98
N PRO H 90 -0.98 22.15 -34.11
CA PRO H 90 -0.21 21.10 -33.41
C PRO H 90 -1.14 20.16 -32.65
N LYS H 91 -0.85 18.87 -32.71
CA LYS H 91 -1.59 17.86 -31.98
C LYS H 91 -0.81 17.49 -30.72
N THR H 92 -1.50 17.56 -29.58
CA THR H 92 -0.91 17.25 -28.28
C THR H 92 -1.65 16.06 -27.69
N VAL H 93 -0.91 15.06 -27.24
CA VAL H 93 -1.47 13.97 -26.45
C VAL H 93 -0.68 13.89 -25.14
N TYR H 94 -1.41 13.85 -24.03
CA TYR H 94 -0.82 13.90 -22.70
C TYR H 94 -0.53 12.49 -22.21
N TRP H 95 0.53 12.36 -21.43
CA TRP H 95 0.86 11.07 -20.83
C TRP H 95 -0.19 10.73 -19.77
N ASP H 96 -0.83 9.58 -19.93
CA ASP H 96 -1.80 9.06 -18.96
C ASP H 96 -1.31 7.68 -18.54
N ARG H 97 -0.81 7.58 -17.31
CA ARG H 97 -0.22 6.34 -16.83
C ARG H 97 -1.23 5.19 -16.76
N ASP H 98 -2.53 5.49 -16.69
CA ASP H 98 -3.53 4.43 -16.60
C ASP H 98 -3.92 3.88 -17.96
N MET H 99 -3.70 4.63 -19.04
CA MET H 99 -4.15 4.23 -20.38
C MET H 99 -3.45 2.97 -20.87
C1 NAG I . -34.05 -21.48 41.27
C2 NAG I . -34.79 -21.42 42.61
C3 NAG I . -35.91 -22.44 42.62
C4 NAG I . -36.83 -22.22 41.44
C5 NAG I . -36.03 -22.23 40.14
C6 NAG I . -36.87 -21.89 38.93
C7 NAG I . -33.18 -20.65 44.30
C8 NAG I . -32.28 -21.05 45.44
N2 NAG I . -33.87 -21.64 43.72
O3 NAG I . -36.61 -22.35 43.86
O4 NAG I . -37.82 -23.25 41.39
O5 NAG I . -34.97 -21.26 40.20
O6 NAG I . -36.26 -22.35 37.72
O7 NAG I . -33.26 -19.49 43.91
C1 NAG I . -39.05 -23.23 42.05
C2 NAG I . -40.04 -24.10 41.26
C3 NAG I . -41.34 -24.26 42.04
C4 NAG I . -41.06 -24.79 43.43
C5 NAG I . -40.04 -23.89 44.14
C6 NAG I . -39.64 -24.42 45.50
C7 NAG I . -40.07 -24.19 38.81
C8 NAG I . -40.38 -23.45 37.54
N2 NAG I . -40.29 -23.53 39.95
O3 NAG I . -42.20 -25.15 41.34
O4 NAG I . -42.26 -24.83 44.20
O5 NAG I . -38.84 -23.81 43.35
O6 NAG I . -38.52 -23.71 46.02
O7 NAG I . -39.63 -25.34 38.80
C1 NAG J . 35.60 -6.73 -14.91
C2 NAG J . 36.42 -6.85 -16.20
C3 NAG J . 35.60 -6.35 -17.38
C4 NAG J . 34.25 -7.06 -17.44
C5 NAG J . 33.53 -6.93 -16.11
C6 NAG J . 32.23 -7.71 -16.05
C7 NAG J . 38.82 -6.71 -15.73
C8 NAG J . 40.03 -5.82 -15.70
N2 NAG J . 37.68 -6.14 -16.10
O3 NAG J . 36.34 -6.55 -18.58
O4 NAG J . 33.45 -6.49 -18.47
O5 NAG J . 34.36 -7.43 -15.05
O6 NAG J . 31.41 -7.29 -14.97
O7 NAG J . 38.89 -7.90 -15.45
C1 NAG J . 33.63 -6.87 -19.81
C2 NAG J . 32.25 -6.56 -20.38
C3 NAG J . 32.22 -6.84 -21.87
C4 NAG J . 33.31 -6.03 -22.56
C5 NAG J . 34.67 -6.30 -21.93
C6 NAG J . 35.76 -5.41 -22.47
C7 NAG J . 30.14 -6.77 -19.14
C8 NAG J . 29.19 -7.72 -18.46
N2 NAG J . 31.23 -7.33 -19.69
O3 NAG J . 30.94 -6.51 -22.39
O4 NAG J . 33.35 -6.37 -23.94
O5 NAG J . 34.62 -6.08 -20.52
O6 NAG J . 36.90 -5.39 -21.63
O7 NAG J . 29.93 -5.56 -19.19
C1 NAG K . -7.91 11.40 -16.90
C2 NAG K . -7.23 11.39 -18.27
C3 NAG K . -8.27 11.54 -19.37
C4 NAG K . -9.35 10.48 -19.23
C5 NAG K . -9.97 10.53 -17.84
C6 NAG K . -10.97 9.42 -17.59
C7 NAG K . -4.98 12.30 -17.95
C8 NAG K . -4.07 13.48 -18.13
N2 NAG K . -6.23 12.45 -18.37
O3 NAG K . -7.63 11.47 -20.63
O4 NAG K . -10.38 10.67 -20.20
O5 NAG K . -8.93 10.38 -16.85
O6 NAG K . -12.13 9.90 -16.93
O7 NAG K . -4.57 11.24 -17.47
C1 NAG K . -10.18 10.17 -21.46
C2 NAG K . -11.53 9.97 -22.13
C3 NAG K . -11.34 9.54 -23.59
C4 NAG K . -10.40 10.49 -24.32
C5 NAG K . -9.11 10.66 -23.54
C6 NAG K . -8.17 11.70 -24.15
C7 NAG K . -13.56 9.24 -20.97
C8 NAG K . -14.22 8.11 -20.23
N2 NAG K . -12.33 9.00 -21.41
O3 NAG K . -12.62 9.51 -24.23
O4 NAG K . -10.11 9.99 -25.62
O5 NAG K . -9.40 11.11 -22.21
O6 NAG K . -6.83 11.22 -24.19
O7 NAG K . -14.13 10.31 -21.15
C1 NAG L . 21.94 -10.29 -61.01
C2 NAG L . 22.59 -10.62 -62.36
C3 NAG L . 21.56 -10.54 -63.48
C4 NAG L . 20.33 -11.39 -63.15
C5 NAG L . 19.79 -11.00 -61.77
C6 NAG L . 18.62 -11.86 -61.32
C7 NAG L . 24.95 -9.94 -62.21
C8 NAG L . 25.96 -8.91 -62.59
N2 NAG L . 23.71 -9.72 -62.64
O3 NAG L . 22.15 -10.99 -64.69
O4 NAG L . 19.32 -11.17 -64.13
O5 NAG L . 20.83 -11.16 -60.79
O6 NAG L . 17.77 -11.13 -60.44
O7 NAG L . 25.25 -10.93 -61.55
C1 NAG L . 19.15 -12.10 -65.21
C2 NAG L . 17.89 -11.74 -65.97
C3 NAG L . 17.68 -12.73 -67.10
C4 NAG L . 18.89 -12.75 -68.01
C5 NAG L . 20.17 -12.99 -67.20
C6 NAG L . 21.43 -12.80 -68.03
C7 NAG L . 15.88 -10.66 -65.07
C8 NAG L . 14.74 -10.76 -64.10
N2 NAG L . 16.73 -11.69 -65.09
O3 NAG L . 16.51 -12.38 -67.84
O4 NAG L . 18.75 -13.77 -68.99
O5 NAG L . 20.27 -12.08 -66.10
O6 NAG L . 22.05 -11.55 -67.73
O7 NAG L . 16.03 -9.68 -65.80
C1 F61 M . -21.05 -32.84 48.60
C2 F61 M . -21.55 -33.06 47.19
C3 F61 M . -22.42 -34.28 47.12
C4 F61 M . -22.81 -34.64 45.69
C5 F61 M . -21.60 -34.55 44.75
C6 F61 M . -22.01 -34.82 43.32
O3 F61 M . -21.71 -35.32 47.70
C18 F61 M . -25.86 -43.00 39.24
C17 F61 M . -25.57 -42.03 38.12
C16 F61 M . -26.18 -40.71 38.51
C15 F61 M . -25.79 -39.63 37.51
C14 F61 M . -26.54 -38.37 37.85
C13 F61 M . -25.54 -37.30 38.17
C12 F61 M . -26.28 -36.24 38.99
C11 F61 M . -25.64 -34.88 38.72
C10 F61 M . -24.30 -34.82 39.45
C9 F61 M . -24.48 -34.57 40.95
C8 F61 M . -23.20 -33.84 41.36
C7 F61 M . -23.04 -33.79 42.86
O4 F61 M . -23.35 -35.90 45.58
O1A F61 M . -22.10 -32.92 49.47
C1A F61 M . -21.85 -32.71 50.78
O6A F61 M . -21.02 -31.53 51.02
C5M F61 M . -21.72 -30.25 50.78
C6A F61 M . -20.85 -29.12 51.18
O5A F61 M . -19.65 -29.25 50.51
C4A F61 M . -23.08 -30.17 51.47
O4A F61 M . -22.95 -30.05 52.89
C3A F61 M . -23.86 -31.37 51.10
O3A F61 M . -25.15 -31.34 51.72
C2A F61 M . -23.18 -32.60 51.51
O2A F61 M . -24.00 -33.71 51.21
N2 F61 M . -22.38 -31.95 46.79
CAA F61 M . -21.78 -30.72 46.31
OAA F61 M . -20.63 -30.63 46.25
CAB F61 M . -22.67 -29.54 45.89
CAC F61 M . -21.99 -28.88 44.71
CAD F61 M . -22.93 -29.08 43.53
CAE F61 M . -22.07 -29.35 42.29
CAF F61 M . -21.76 -28.00 41.66
CAG F61 M . -20.46 -28.23 40.89
CAH F61 M . -20.90 -28.94 39.59
CAI F61 M . -20.18 -28.21 38.44
CAJ F61 M . -19.96 -29.23 37.29
CAK F61 M . -19.36 -28.45 36.08
C1 NAG N . -7.30 -38.26 39.46
C2 NAG N . -6.34 -39.45 39.48
C3 NAG N . -6.41 -40.18 40.83
C4 NAG N . -6.20 -39.19 41.97
C5 NAG N . -7.19 -38.05 41.86
C6 NAG N . -6.99 -36.97 42.91
C7 NAG N . -5.71 -40.83 37.55
C8 NAG N . -6.21 -41.78 36.49
N2 NAG N . -6.64 -40.37 38.40
O3 NAG N . -5.42 -41.18 40.87
O4 NAG N . -6.38 -39.86 43.22
O5 NAG N . -7.03 -37.40 40.59
O6 NAG N . -6.29 -35.85 42.39
O7 NAG N . -4.53 -40.50 37.64
C1 F61 O . 44.71 9.49 -12.01
C2 F61 O . 43.33 9.17 -11.46
C3 F61 O . 42.32 9.96 -12.25
C4 F61 O . 40.89 9.71 -11.74
C5 F61 O . 40.72 10.05 -10.26
C6 F61 O . 39.23 10.03 -9.89
O3 F61 O . 42.64 11.34 -12.19
C18 F61 O . 31.28 16.80 -11.54
C17 F61 O . 31.03 15.38 -11.10
C16 F61 O . 30.66 14.56 -12.32
C15 F61 O . 30.55 13.10 -11.85
C14 F61 O . 31.90 12.71 -11.25
C13 F61 O . 31.93 11.18 -11.03
C12 F61 O . 33.29 10.80 -10.42
C11 F61 O . 33.62 9.31 -10.65
C10 F61 O . 34.75 8.97 -9.66
C9 F61 O . 36.08 9.14 -10.41
C8 F61 O . 37.23 8.53 -9.58
C7 F61 O . 38.56 8.71 -10.33
O4 F61 O . 40.00 10.49 -12.47
O1A F61 O . 44.85 8.77 -13.19
C1A F61 O . 46.11 8.61 -13.70
O6A F61 O . 46.72 7.45 -13.03
C5M F61 O . 45.94 6.23 -13.30
C6A F61 O . 46.56 5.05 -12.64
O5A F61 O . 45.61 4.01 -12.64
C4A F61 O . 45.83 5.96 -14.80
O4A F61 O . 47.15 5.72 -15.33
C3A F61 O . 45.22 7.12 -15.49
O3A F61 O . 45.15 6.86 -16.93
C2A F61 O . 45.99 8.35 -15.22
O2A F61 O . 45.29 9.45 -15.84
N2 F61 O . 43.09 7.72 -11.67
CAA F61 O . 43.26 6.77 -10.54
OAA F61 O . 43.58 7.18 -9.48
CAB F61 O . 43.04 5.23 -10.77
CAC F61 O . 42.15 4.63 -9.64
CAD F61 O . 40.85 5.46 -9.57
CAE F61 O . 40.41 5.38 -8.09
CAF F61 O . 40.06 3.91 -7.81
CAG F61 O . 39.79 3.83 -6.28
CAH F61 O . 38.51 4.63 -5.93
CAI F61 O . 38.29 4.39 -4.41
CAJ F61 O . 37.07 5.22 -3.88
CAK F61 O . 36.99 4.94 -2.33
C1 NAG P . 42.30 18.43 2.95
C2 NAG P . 42.46 19.95 3.18
C3 NAG P . 43.20 20.59 2.01
C4 NAG P . 44.51 19.86 1.75
C5 NAG P . 44.24 18.38 1.53
C6 NAG P . 45.49 17.57 1.30
C7 NAG P . 40.68 20.91 4.56
C8 NAG P . 39.31 21.53 4.57
N2 NAG P . 41.15 20.57 3.37
O3 NAG P . 43.43 21.96 2.30
O4 NAG P . 45.16 20.41 0.60
O5 NAG P . 43.59 17.85 2.69
O6 NAG P . 46.26 17.44 2.50
O7 NAG P . 41.31 20.71 5.59
C1 F61 Q . -4.86 29.91 -15.61
C2 F61 Q . -6.20 29.36 -15.17
C3 F61 Q . -7.29 29.65 -16.17
C4 F61 Q . -8.61 29.02 -15.76
C5 F61 Q . -8.94 29.45 -14.34
C6 F61 Q . -10.30 28.88 -13.97
O3 F61 Q . -7.52 31.00 -16.23
C18 F61 Q . -19.76 32.95 -15.24
C17 F61 Q . -20.16 31.55 -14.86
C16 F61 Q . -19.09 30.64 -15.40
C15 F61 Q . -18.97 29.38 -14.56
C14 F61 Q . -17.75 28.67 -15.08
C13 F61 Q . -17.27 27.60 -14.11
C12 F61 Q . -15.79 27.84 -13.82
C11 F61 Q . -15.05 26.50 -13.85
C10 F61 Q . -13.75 26.67 -13.06
C9 F61 Q . -12.65 27.29 -13.93
C8 F61 Q . -11.36 26.64 -13.46
C7 F61 Q . -10.14 27.36 -14.01
O4 F61 Q . -9.62 29.54 -16.52
O1A F61 Q . -4.45 29.26 -16.74
C1A F61 Q . -3.20 29.47 -17.21
O6A F61 Q . -2.33 28.36 -16.79
C5M F61 Q . -2.84 27.10 -17.37
C6A F61 Q . -2.23 25.88 -16.79
O5A F61 Q . -2.26 26.00 -15.42
C4A F61 Q . -2.64 27.13 -18.86
O4A F61 Q . -1.27 27.40 -19.11
C3A F61 Q . -3.46 28.22 -19.39
O3A F61 Q . -3.02 28.42 -20.74
C2A F61 Q . -3.30 29.54 -18.74
O2A F61 Q . -4.44 30.31 -19.13
N2 F61 Q . -6.03 27.95 -15.18
CAA F61 Q . -5.39 27.31 -14.05
OAA F61 Q . -5.05 27.95 -13.15
CAB F61 Q . -5.19 25.79 -14.01
CAC F61 Q . -5.61 25.24 -12.64
CAD F61 Q . -7.02 24.73 -12.85
CAE F61 Q . -7.81 24.68 -11.54
CAF F61 Q . -6.97 24.03 -10.45
CAG F61 Q . -7.44 24.63 -9.13
CAH F61 Q . -8.90 24.17 -8.96
CAI F61 Q . -9.08 23.68 -7.50
CAJ F61 Q . -10.48 24.15 -7.03
CAK F61 Q . -10.37 24.15 -5.50
C1 NAG R . -9.74 39.28 -1.97
C2 NAG R . -9.99 40.76 -1.70
C3 NAG R . -9.49 41.62 -2.86
C4 NAG R . -8.05 41.30 -3.17
C5 NAG R . -7.91 39.80 -3.42
C6 NAG R . -6.48 39.37 -3.71
C7 NAG R . -11.87 41.52 -0.29
C8 NAG R . -13.34 41.72 -0.21
N2 NAG R . -11.41 41.01 -1.44
O3 NAG R . -9.64 42.99 -2.52
O4 NAG R . -7.61 42.03 -4.31
O5 NAG R . -8.35 39.07 -2.27
O6 NAG R . -5.72 39.21 -2.52
O7 NAG R . -11.11 41.80 0.63
C1 F61 S . 27.23 7.78 -60.55
C2 F61 S . 25.94 7.32 -59.88
C3 F61 S . 24.85 7.67 -60.85
C4 F61 S . 23.42 7.39 -60.42
C5 F61 S . 23.26 7.31 -58.92
C6 F61 S . 21.78 7.36 -58.59
O3 F61 S . 24.90 9.05 -61.09
C18 F61 S . 12.24 12.79 -60.67
C17 F61 S . 12.06 11.67 -59.70
C16 F61 S . 12.93 10.51 -60.12
C15 F61 S . 12.53 9.22 -59.41
C14 F61 S . 13.45 8.09 -59.85
C13 F61 S . 14.60 7.87 -58.84
C12 F61 S . 15.08 6.43 -58.96
C11 F61 S . 16.16 6.08 -57.92
C10 F61 S . 17.53 6.48 -58.45
C9 F61 S . 18.64 5.45 -58.17
C8 F61 S . 19.85 6.30 -57.81
C7 F61 S . 21.11 5.99 -58.60
O4 F61 S . 22.77 8.53 -60.84
O1A F61 S . 27.65 6.89 -61.51
C1A F61 S . 28.86 7.13 -62.06
O6A F61 S . 29.78 6.26 -61.37
C5M F61 S . 29.40 4.84 -61.40
C6A F61 S . 30.58 4.20 -60.82
O5A F61 S . 31.62 4.94 -61.42
C4A F61 S . 29.20 4.36 -62.84
O4A F61 S . 30.45 4.25 -63.51
C3A F61 S . 28.38 5.32 -63.58
O3A F61 S . 28.31 4.97 -64.97
C2A F61 S . 28.90 6.68 -63.51
O2A F61 S . 28.05 7.45 -64.33
N2 F61 S . 26.16 5.90 -59.72
CAA F61 S . 26.54 5.33 -58.43
OAA F61 S . 26.61 6.01 -57.51
CAB F61 S . 26.87 3.83 -58.26
CAC F61 S . 25.62 2.95 -58.33
CAD F61 S . 24.74 3.30 -57.14
CAE F61 S . 25.34 2.63 -55.91
CAF F61 S . 24.13 2.24 -55.06
CAG F61 S . 24.35 2.77 -53.62
CAH F61 S . 22.94 3.16 -53.10
CAI F61 S . 22.66 2.32 -51.82
CAJ F61 S . 21.51 2.98 -51.02
CAK F61 S . 21.65 2.43 -49.57
C1 NAG T . 22.95 17.93 -46.91
C2 NAG T . 22.77 19.43 -46.61
C3 NAG T . 23.33 20.26 -47.76
C4 NAG T . 24.77 19.87 -48.05
C5 NAG T . 24.86 18.37 -48.30
C6 NAG T . 26.26 17.86 -48.52
C7 NAG T . 20.95 20.44 -45.32
C8 NAG T . 19.48 20.69 -45.24
N2 NAG T . 21.37 19.75 -46.38
O3 NAG T . 23.26 21.64 -47.41
O4 NAG T . 25.27 20.59 -49.17
O5 NAG T . 24.32 17.66 -47.18
O6 NAG T . 27.18 18.45 -47.61
O7 NAG T . 21.73 20.85 -44.46
C1 NAG U . 13.24 26.08 -48.89
C2 NAG U . 12.53 27.36 -48.48
C3 NAG U . 12.82 27.73 -47.06
C4 NAG U . 13.13 26.63 -46.11
C5 NAG U . 12.89 25.19 -46.59
C6 NAG U . 11.78 24.52 -45.84
C7 NAG U . 11.95 29.33 -49.98
C8 NAG U . 12.37 30.45 -50.95
N2 NAG U . 12.96 28.44 -49.42
O1 NAG U . 13.06 25.84 -50.22
O3 NAG U . 11.83 28.66 -46.52
O4 NAG U . 14.45 26.77 -45.55
O5 NAG U . 12.92 24.89 -48.03
O6 NAG U . 12.12 23.17 -45.59
O7 NAG U . 10.81 29.20 -49.68
#